data_7LBD
#
_entry.id   7LBD
#
_cell.length_a   85.120
_cell.length_b   232.140
_cell.length_c   201.810
_cell.angle_alpha   90.000
_cell.angle_beta   90.000
_cell.angle_gamma   90.000
#
_symmetry.space_group_name_H-M   'C 2 2 21'
#
loop_
_entity.id
_entity.type
_entity.pdbx_description
1 polymer '4-hydroxy-tetrahydrodipicolinate synthase'
2 non-polymer 'MAGNESIUM ION'
3 non-polymer 1,2-ETHANEDIOL
4 non-polymer 'TRIETHYLENE GLYCOL'
5 non-polymer 'ACETATE ION'
6 non-polymer DI(HYDROXYETHYL)ETHER
7 water water
#
_entity_poly.entity_id   1
_entity_poly.type   'polypeptide(L)'
_entity_poly.pdbx_seq_one_letter_code
;MRGSHHHHHHGSMDKNIIIGAMTALITPFKNGKVDEQSYARLIKRQIENGIDAVVPVGTTGESATLTHEEKRTCIEIAVE
TCKGTKVKVLAGAGSNATHEAVGLAKFAKEHGADGILSVAPYYNKPTQQGLYEHYKAIAQSVDIPVLLYNVPGRTGCEIS
TDTIIKLFRDCENIYGV(KPI)EASGNIDKCVDLLAHEPRMMLISGEDAINYPILSNGGKGVISVTSNLLPDMISALTHF
ALDENYKEAKKINDELYNINKILFCESNPIPIKTAMYLAGLIESLEFRLPLCSPSKENFAKIEEVMKKYKIKGF
;
_entity_poly.pdbx_strand_id   A,B,C,D,E,F
#
loop_
_chem_comp.id
_chem_comp.type
_chem_comp.name
_chem_comp.formula
ACT non-polymer 'ACETATE ION' 'C2 H3 O2 -1'
EDO non-polymer 1,2-ETHANEDIOL 'C2 H6 O2'
MG non-polymer 'MAGNESIUM ION' 'Mg 2'
PEG non-polymer DI(HYDROXYETHYL)ETHER 'C4 H10 O3'
PGE non-polymer 'TRIETHYLENE GLYCOL' 'C6 H14 O4'
#
# COMPACT_ATOMS: atom_id res chain seq x y z
N LYS A 15 41.75 30.88 33.64
CA LYS A 15 41.65 29.42 33.65
C LYS A 15 42.95 28.76 33.20
N ASN A 16 43.32 27.64 33.83
CA ASN A 16 44.40 26.81 33.33
C ASN A 16 43.91 26.01 32.13
N ILE A 17 44.70 25.97 31.07
CA ILE A 17 44.29 25.39 29.80
C ILE A 17 45.34 24.40 29.31
N ILE A 18 44.90 23.51 28.43
CA ILE A 18 45.78 22.64 27.66
C ILE A 18 45.32 22.74 26.20
N ILE A 19 46.15 23.35 25.35
CA ILE A 19 45.78 23.64 23.97
C ILE A 19 46.93 23.28 23.04
N GLY A 20 46.85 23.70 21.77
CA GLY A 20 47.89 23.39 20.81
C GLY A 20 47.60 22.10 20.06
N ALA A 21 48.64 21.55 19.43
CA ALA A 21 48.51 20.32 18.66
C ALA A 21 48.57 19.13 19.60
N MET A 22 47.52 18.32 19.61
CA MET A 22 47.43 17.18 20.52
C MET A 22 47.02 15.93 19.75
N THR A 23 47.44 14.78 20.28
CA THR A 23 47.27 13.49 19.63
C THR A 23 46.43 12.56 20.51
N ALA A 24 45.35 12.04 19.94
CA ALA A 24 44.60 10.95 20.56
C ALA A 24 45.36 9.66 20.26
N LEU A 25 46.16 9.23 21.23
CA LEU A 25 47.11 8.13 21.04
C LEU A 25 46.40 6.81 20.79
N ILE A 26 46.85 6.07 19.77
CA ILE A 26 46.49 4.66 19.65
C ILE A 26 47.13 3.87 20.79
N THR A 27 46.53 2.72 21.09
CA THR A 27 47.04 1.79 22.09
C THR A 27 47.49 0.51 21.41
N PRO A 28 48.78 0.30 21.21
CA PRO A 28 49.23 -0.93 20.52
C PRO A 28 49.09 -2.16 21.40
N PHE A 29 48.61 -3.24 20.78
CA PHE A 29 48.55 -4.54 21.44
C PHE A 29 49.54 -5.51 20.79
N LYS A 30 50.12 -6.36 21.61
CA LYS A 30 50.98 -7.45 21.14
C LYS A 30 50.62 -8.70 21.93
N ASN A 31 50.14 -9.73 21.25
CA ASN A 31 49.66 -10.95 21.89
C ASN A 31 48.59 -10.64 22.93
N GLY A 32 47.66 -9.75 22.57
CA GLY A 32 46.52 -9.45 23.41
C GLY A 32 46.79 -8.53 24.58
N LYS A 33 48.03 -8.13 24.83
CA LYS A 33 48.35 -7.25 25.94
C LYS A 33 48.84 -5.90 25.40
N VAL A 34 48.71 -4.87 26.24
CA VAL A 34 49.19 -3.56 25.87
C VAL A 34 50.70 -3.61 25.68
N ASP A 35 51.17 -3.23 24.49
CA ASP A 35 52.60 -3.18 24.19
C ASP A 35 53.15 -1.91 24.82
N GLU A 36 53.64 -2.05 26.06
CA GLU A 36 54.04 -0.87 26.84
C GLU A 36 55.28 -0.19 26.26
N GLN A 37 56.26 -0.98 25.79
CA GLN A 37 57.43 -0.36 25.16
C GLN A 37 57.04 0.40 23.91
N SER A 38 56.21 -0.21 23.06
CA SER A 38 55.72 0.48 21.86
C SER A 38 54.99 1.76 22.22
N TYR A 39 54.14 1.70 23.26
CA TYR A 39 53.39 2.88 23.70
C TYR A 39 54.33 4.03 24.04
N ALA A 40 55.37 3.75 24.83
CA ALA A 40 56.32 4.80 25.20
C ALA A 40 57.06 5.32 23.97
N ARG A 41 57.46 4.43 23.07
CA ARG A 41 58.18 4.85 21.88
C ARG A 41 57.32 5.73 20.98
N LEU A 42 56.03 5.40 20.86
CA LEU A 42 55.14 6.22 20.05
C LEU A 42 54.96 7.60 20.67
N ILE A 43 54.93 7.68 22.00
CA ILE A 43 54.77 8.98 22.64
C ILE A 43 56.02 9.83 22.44
N LYS A 44 57.21 9.22 22.50
CA LYS A 44 58.44 9.97 22.26
C LYS A 44 58.47 10.49 20.83
N ARG A 45 57.95 9.71 19.87
CA ARG A 45 57.87 10.17 18.49
C ARG A 45 56.94 11.37 18.36
N GLN A 46 55.82 11.37 19.08
CA GLN A 46 54.93 12.53 19.05
C GLN A 46 55.63 13.76 19.61
N ILE A 47 56.31 13.60 20.75
CA ILE A 47 57.02 14.70 21.37
C ILE A 47 58.06 15.27 20.41
N GLU A 48 58.83 14.39 19.77
CA GLU A 48 59.90 14.86 18.90
C GLU A 48 59.38 15.52 17.63
N ASN A 49 58.08 15.42 17.33
CA ASN A 49 57.54 16.02 16.12
C ASN A 49 56.62 17.19 16.41
N GLY A 50 56.81 17.86 17.56
CA GLY A 50 56.18 19.13 17.80
C GLY A 50 54.79 19.09 18.40
N ILE A 51 54.36 17.94 18.89
CA ILE A 51 53.04 17.82 19.51
C ILE A 51 53.07 18.45 20.90
N ASP A 52 52.03 19.21 21.24
CA ASP A 52 51.98 19.92 22.52
C ASP A 52 51.34 19.11 23.63
N ALA A 53 50.52 18.11 23.30
CA ALA A 53 49.93 17.28 24.34
C ALA A 53 49.53 15.96 23.75
N VAL A 54 49.51 14.92 24.59
CA VAL A 54 49.09 13.59 24.19
C VAL A 54 47.89 13.20 25.03
N VAL A 55 46.95 12.50 24.38
CA VAL A 55 45.71 12.06 25.00
C VAL A 55 45.75 10.54 25.11
N PRO A 56 46.17 9.99 26.25
CA PRO A 56 46.09 8.54 26.41
C PRO A 56 44.65 8.11 26.65
N VAL A 57 44.33 6.89 26.19
CA VAL A 57 43.08 6.19 26.42
C VAL A 57 41.86 7.06 26.12
N GLY A 58 41.88 7.73 24.98
CA GLY A 58 40.68 8.33 24.41
C GLY A 58 39.98 7.33 23.52
N THR A 59 39.07 7.83 22.69
CA THR A 59 38.37 6.96 21.76
C THR A 59 39.35 6.23 20.85
N THR A 60 40.31 6.96 20.30
CA THR A 60 41.33 6.40 19.42
C THR A 60 42.22 5.40 20.14
N GLY A 61 42.31 5.47 21.46
CA GLY A 61 43.06 4.54 22.26
C GLY A 61 42.28 3.33 22.73
N GLU A 62 41.08 3.11 22.17
CA GLU A 62 40.26 1.96 22.51
C GLU A 62 39.98 1.91 24.02
N SER A 63 39.59 3.04 24.59
CA SER A 63 39.27 3.10 26.01
C SER A 63 38.23 2.07 26.41
N ALA A 64 37.30 1.77 25.52
CA ALA A 64 36.17 0.90 25.87
C ALA A 64 36.62 -0.51 26.25
N THR A 65 37.71 -1.01 25.68
CA THR A 65 38.11 -2.39 25.87
C THR A 65 39.35 -2.55 26.76
N LEU A 66 39.80 -1.48 27.40
CA LEU A 66 40.93 -1.55 28.33
C LEU A 66 40.44 -1.74 29.76
N THR A 67 41.19 -2.51 30.55
CA THR A 67 40.88 -2.62 31.97
C THR A 67 41.26 -1.34 32.70
N HIS A 68 40.82 -1.24 33.97
CA HIS A 68 41.25 -0.12 34.81
C HIS A 68 42.77 -0.12 34.99
N GLU A 69 43.38 -1.31 35.00
CA GLU A 69 44.81 -1.56 35.08
C GLU A 69 45.55 -1.09 33.85
N GLU A 70 44.94 -1.31 32.70
CA GLU A 70 45.61 -0.91 31.48
C GLU A 70 45.48 0.58 31.25
N LYS A 71 44.35 1.17 31.66
CA LYS A 71 44.20 2.62 31.58
C LYS A 71 45.21 3.32 32.46
N ARG A 72 45.41 2.82 33.69
CA ARG A 72 46.41 3.40 34.56
C ARG A 72 47.81 3.23 34.00
N THR A 73 48.11 2.05 33.45
CA THR A 73 49.43 1.84 32.86
C THR A 73 49.68 2.83 31.73
N CYS A 74 48.68 3.08 30.88
CA CYS A 74 48.91 3.96 29.74
C CYS A 74 49.07 5.42 30.17
N ILE A 75 48.27 5.84 31.16
CA ILE A 75 48.41 7.20 31.67
C ILE A 75 49.77 7.39 32.33
N GLU A 76 50.21 6.39 33.10
CA GLU A 76 51.51 6.47 33.75
C GLU A 76 52.66 6.51 32.74
N ILE A 77 52.57 5.71 31.66
CA ILE A 77 53.60 5.78 30.64
C ILE A 77 53.62 7.15 29.98
N ALA A 78 52.44 7.70 29.70
CA ALA A 78 52.35 9.04 29.12
C ALA A 78 52.97 10.08 30.05
N VAL A 79 52.58 10.04 31.33
CA VAL A 79 53.09 11.00 32.29
C VAL A 79 54.60 10.89 32.42
N GLU A 80 55.12 9.66 32.53
CA GLU A 80 56.55 9.46 32.72
C GLU A 80 57.33 9.91 31.48
N THR A 81 56.81 9.62 30.30
CA THR A 81 57.51 9.96 29.06
C THR A 81 57.55 11.47 28.83
N CYS A 82 56.55 12.21 29.32
CA CYS A 82 56.47 13.65 29.11
C CYS A 82 57.21 14.48 30.17
N LYS A 83 57.72 13.87 31.23
CA LYS A 83 58.44 14.63 32.24
C LYS A 83 59.71 15.26 31.65
N GLY A 84 60.00 16.49 32.04
CA GLY A 84 61.16 17.18 31.51
C GLY A 84 60.97 17.78 30.13
N THR A 85 59.75 17.75 29.61
CA THR A 85 59.38 18.38 28.35
C THR A 85 58.24 19.35 28.60
N LYS A 86 57.90 20.11 27.56
CA LYS A 86 56.73 20.99 27.60
C LYS A 86 55.43 20.26 27.27
N VAL A 87 55.49 18.98 26.87
CA VAL A 87 54.30 18.27 26.41
C VAL A 87 53.45 17.88 27.61
N LYS A 88 52.15 18.17 27.52
CA LYS A 88 51.20 17.89 28.59
C LYS A 88 50.50 16.56 28.34
N VAL A 89 49.89 16.03 29.40
CA VAL A 89 49.14 14.78 29.34
C VAL A 89 47.69 15.12 29.65
N LEU A 90 46.84 15.03 28.64
CA LEU A 90 45.41 15.24 28.77
C LEU A 90 44.76 13.86 28.75
N ALA A 91 44.53 13.29 29.93
CA ALA A 91 44.12 11.90 30.06
C ALA A 91 42.65 11.72 29.77
N GLY A 92 42.32 10.74 28.92
CA GLY A 92 40.94 10.33 28.76
C GLY A 92 40.45 9.68 30.04
N ALA A 93 39.32 10.17 30.57
CA ALA A 93 38.81 9.68 31.85
C ALA A 93 37.29 9.84 31.94
N GLY A 94 36.58 9.54 30.86
CA GLY A 94 35.14 9.70 30.84
C GLY A 94 34.40 8.40 31.08
N SER A 95 33.11 8.53 31.35
CA SER A 95 32.24 7.37 31.55
C SER A 95 30.79 7.84 31.46
N ASN A 96 29.90 6.91 31.07
CA ASN A 96 28.48 7.21 31.08
C ASN A 96 27.83 7.00 32.45
N ALA A 97 28.63 6.68 33.48
CA ALA A 97 28.16 6.63 34.85
C ALA A 97 28.93 7.69 35.62
N THR A 98 28.21 8.66 36.20
CA THR A 98 28.87 9.82 36.80
C THR A 98 29.81 9.41 37.92
N HIS A 99 29.39 8.48 38.78
CA HIS A 99 30.25 8.01 39.87
C HIS A 99 31.57 7.47 39.34
N GLU A 100 31.53 6.73 38.23
CA GLU A 100 32.78 6.21 37.69
C GLU A 100 33.59 7.32 37.02
N ALA A 101 32.92 8.23 36.32
CA ALA A 101 33.64 9.34 35.69
C ALA A 101 34.36 10.17 36.75
N VAL A 102 33.73 10.37 37.91
CA VAL A 102 34.39 11.07 39.00
C VAL A 102 35.59 10.28 39.49
N GLY A 103 35.43 8.96 39.63
CA GLY A 103 36.55 8.14 40.06
C GLY A 103 37.70 8.20 39.07
N LEU A 104 37.41 8.06 37.77
CA LEU A 104 38.46 8.08 36.77
C LEU A 104 39.17 9.43 36.73
N ALA A 105 38.42 10.53 36.93
CA ALA A 105 39.02 11.86 36.96
C ALA A 105 39.97 12.00 38.14
N LYS A 106 39.54 11.52 39.28
CA LYS A 106 40.35 11.51 40.47
C LYS A 106 41.61 10.66 40.23
N PHE A 107 41.47 9.51 39.62
CA PHE A 107 42.61 8.66 39.37
C PHE A 107 43.60 9.24 38.37
N ALA A 108 43.09 9.91 37.35
CA ALA A 108 43.93 10.52 36.37
C ALA A 108 44.80 11.56 37.03
N LYS A 109 44.20 12.39 37.85
CA LYS A 109 44.95 13.43 38.58
C LYS A 109 46.01 12.81 39.49
N GLU A 110 45.62 11.77 40.24
CA GLU A 110 46.56 11.16 41.18
C GLU A 110 47.78 10.59 40.50
N HIS A 111 47.65 10.18 39.23
CA HIS A 111 48.76 9.63 38.49
C HIS A 111 49.53 10.67 37.68
N GLY A 112 49.27 11.95 37.92
CA GLY A 112 50.05 13.03 37.36
C GLY A 112 49.60 13.58 36.02
N ALA A 113 48.39 13.25 35.56
CA ALA A 113 47.89 13.87 34.34
C ALA A 113 47.77 15.37 34.55
N ASP A 114 48.02 16.13 33.48
CA ASP A 114 47.89 17.58 33.53
C ASP A 114 46.44 18.03 33.43
N GLY A 115 45.59 17.23 32.80
CA GLY A 115 44.17 17.53 32.70
C GLY A 115 43.46 16.28 32.27
N ILE A 116 42.15 16.39 32.10
CA ILE A 116 41.39 15.24 31.64
C ILE A 116 40.49 15.62 30.48
N LEU A 117 40.34 14.67 29.57
CA LEU A 117 39.32 14.73 28.52
C LEU A 117 38.19 13.81 28.96
N SER A 118 36.96 14.35 28.99
CA SER A 118 35.82 13.61 29.56
C SER A 118 34.67 13.58 28.55
N VAL A 119 34.48 12.42 27.92
CA VAL A 119 33.49 12.29 26.86
C VAL A 119 32.08 12.38 27.43
N ALA A 120 31.16 12.92 26.65
CA ALA A 120 29.75 12.96 27.03
C ALA A 120 29.22 11.55 27.24
N PRO A 121 28.42 11.31 28.27
CA PRO A 121 27.88 9.96 28.53
C PRO A 121 27.24 9.35 27.29
N TYR A 122 27.72 8.15 26.94
CA TYR A 122 27.23 7.38 25.81
C TYR A 122 26.09 6.44 26.23
N TYR A 123 25.21 6.13 25.28
CA TYR A 123 24.19 5.09 25.38
C TYR A 123 22.98 5.44 26.27
N ASN A 124 23.20 5.92 27.48
CA ASN A 124 22.11 6.26 28.40
C ASN A 124 21.43 7.60 28.17
N LYS A 125 21.91 8.37 27.21
CA LYS A 125 21.28 9.58 26.78
C LYS A 125 20.76 10.60 27.82
N PRO A 126 21.60 11.07 28.69
CA PRO A 126 21.11 12.05 29.68
C PRO A 126 20.57 13.34 29.08
N THR A 127 19.70 13.99 29.84
CA THR A 127 19.19 15.31 29.44
C THR A 127 20.28 16.38 29.62
N GLN A 128 19.99 17.58 29.13
CA GLN A 128 20.94 18.68 29.30
C GLN A 128 21.18 18.97 30.77
N GLN A 129 20.12 18.90 31.57
CA GLN A 129 20.28 19.03 33.02
C GLN A 129 21.21 17.96 33.57
N GLY A 130 21.06 16.72 33.09
CA GLY A 130 21.92 15.63 33.56
C GLY A 130 23.36 15.78 33.12
N LEU A 131 23.59 16.25 31.90
CA LEU A 131 24.95 16.52 31.45
C LEU A 131 25.60 17.58 32.31
N TYR A 132 24.86 18.64 32.64
CA TYR A 132 25.40 19.68 33.51
C TYR A 132 25.81 19.11 34.86
N GLU A 133 24.92 18.34 35.50
CA GLU A 133 25.25 17.76 36.80
C GLU A 133 26.39 16.76 36.69
N HIS A 134 26.41 15.97 35.61
CA HIS A 134 27.50 15.04 35.35
C HIS A 134 28.85 15.75 35.35
N TYR A 135 28.99 16.78 34.51
CA TYR A 135 30.26 17.45 34.35
C TYR A 135 30.62 18.31 35.56
N LYS A 136 29.62 18.85 36.25
CA LYS A 136 29.89 19.61 37.47
C LYS A 136 30.44 18.71 38.57
N ALA A 137 29.93 17.48 38.68
CA ALA A 137 30.48 16.52 39.63
C ALA A 137 31.92 16.18 39.30
N ILE A 138 32.21 15.95 38.01
CA ILE A 138 33.59 15.69 37.61
C ILE A 138 34.49 16.87 37.93
N ALA A 139 34.08 18.07 37.50
CA ALA A 139 34.93 19.24 37.67
C ALA A 139 35.20 19.55 39.13
N GLN A 140 34.20 19.39 39.99
CA GLN A 140 34.41 19.66 41.40
C GLN A 140 35.26 18.60 42.08
N SER A 141 35.51 17.47 41.42
CA SER A 141 36.23 16.37 42.03
C SER A 141 37.74 16.50 41.92
N VAL A 142 38.26 17.32 41.03
CA VAL A 142 39.69 17.47 40.83
C VAL A 142 40.01 18.96 40.70
N ASP A 143 41.31 19.27 40.69
CA ASP A 143 41.77 20.64 40.56
C ASP A 143 42.64 20.83 39.31
N ILE A 144 42.43 20.00 38.31
CA ILE A 144 43.19 20.10 37.06
C ILE A 144 42.20 20.43 35.94
N PRO A 145 42.67 20.96 34.81
CA PRO A 145 41.75 21.37 33.75
C PRO A 145 40.92 20.21 33.23
N VAL A 146 39.68 20.51 32.85
CA VAL A 146 38.73 19.54 32.32
C VAL A 146 38.27 20.04 30.95
N LEU A 147 38.47 19.22 29.93
CA LEU A 147 37.99 19.51 28.58
C LEU A 147 36.81 18.61 28.28
N LEU A 148 35.67 19.21 28.00
CA LEU A 148 34.51 18.48 27.54
C LEU A 148 34.79 17.84 26.17
N TYR A 149 33.97 16.85 25.83
CA TYR A 149 34.15 16.10 24.58
C TYR A 149 32.77 15.75 24.05
N ASN A 150 32.40 16.36 22.93
CA ASN A 150 31.10 16.17 22.30
C ASN A 150 31.30 15.38 21.01
N VAL A 151 30.71 14.18 20.94
CA VAL A 151 30.81 13.36 19.74
C VAL A 151 29.47 12.62 19.58
N PRO A 152 28.41 13.30 19.13
CA PRO A 152 27.07 12.70 19.19
C PRO A 152 26.91 11.47 18.30
N GLY A 153 27.61 11.40 17.18
CA GLY A 153 27.56 10.20 16.36
C GLY A 153 27.99 8.95 17.11
N ARG A 154 28.81 9.11 18.14
CA ARG A 154 29.23 7.98 18.96
C ARG A 154 28.45 7.87 20.27
N THR A 155 28.07 8.98 20.90
CA THR A 155 27.41 8.88 22.20
C THR A 155 25.89 8.80 22.12
N GLY A 156 25.28 9.30 21.04
CA GLY A 156 23.84 9.39 20.98
C GLY A 156 23.25 10.59 21.68
N CYS A 157 24.08 11.48 22.20
CA CYS A 157 23.61 12.70 22.83
C CYS A 157 24.52 13.85 22.38
N GLU A 158 24.01 15.06 22.56
CA GLU A 158 24.73 16.28 22.21
C GLU A 158 24.80 17.17 23.45
N ILE A 159 25.98 17.67 23.76
CA ILE A 159 26.10 18.78 24.71
C ILE A 159 25.76 20.04 23.93
N SER A 160 24.62 20.65 24.23
CA SER A 160 24.23 21.85 23.53
C SER A 160 25.23 22.97 23.81
N THR A 161 25.24 23.97 22.92
CA THR A 161 26.06 25.15 23.15
C THR A 161 25.73 25.79 24.50
N ASP A 162 24.45 25.89 24.84
CA ASP A 162 24.07 26.51 26.12
C ASP A 162 24.66 25.75 27.30
N THR A 163 24.60 24.42 27.28
CA THR A 163 25.15 23.64 28.37
C THR A 163 26.66 23.78 28.44
N ILE A 164 27.35 23.77 27.28
CA ILE A 164 28.80 23.95 27.27
C ILE A 164 29.17 25.28 27.94
N ILE A 165 28.49 26.35 27.54
CA ILE A 165 28.82 27.68 28.04
C ILE A 165 28.53 27.78 29.53
N LYS A 166 27.41 27.21 29.99
CA LYS A 166 27.11 27.22 31.42
C LYS A 166 28.21 26.52 32.23
N LEU A 167 28.63 25.34 31.78
CA LEU A 167 29.69 24.62 32.49
C LEU A 167 31.01 25.40 32.47
N PHE A 168 31.35 26.00 31.32
CA PHE A 168 32.55 26.82 31.25
C PHE A 168 32.49 27.98 32.24
N ARG A 169 31.33 28.62 32.36
CA ARG A 169 31.23 29.79 33.23
C ARG A 169 31.05 29.41 34.69
N ASP A 170 30.48 28.24 34.98
CA ASP A 170 30.16 27.86 36.35
C ASP A 170 31.24 27.05 37.04
N CYS A 171 32.03 26.31 36.30
CA CYS A 171 33.04 25.46 36.85
C CYS A 171 34.43 25.92 36.48
N GLU A 172 35.25 26.25 37.48
CA GLU A 172 36.59 26.77 37.24
C GLU A 172 37.45 26.01 36.28
N ASN A 173 37.65 24.73 36.56
CA ASN A 173 38.52 23.91 35.73
C ASN A 173 38.03 23.47 34.33
N ILE A 174 36.75 23.61 34.05
CA ILE A 174 36.21 23.29 32.74
C ILE A 174 36.54 24.45 31.82
N TYR A 175 37.38 24.20 30.81
CA TYR A 175 37.92 25.29 30.03
C TYR A 175 37.57 25.23 28.54
N GLY A 176 36.85 24.22 28.08
CA GLY A 176 36.49 24.20 26.68
C GLY A 176 35.90 22.86 26.28
N VAL A 177 35.86 22.64 24.97
CA VAL A 177 35.27 21.41 24.42
C VAL A 177 36.04 20.95 23.19
N KPI A 178 36.22 19.63 23.12
CA KPI A 178 36.68 19.00 21.93
CB KPI A 178 37.58 17.76 22.18
CG KPI A 178 37.79 16.88 20.97
CD KPI A 178 38.07 15.47 21.44
CE KPI A 178 38.84 14.63 20.42
NZ KPI A 178 38.81 13.20 20.66
CX1 KPI A 178 39.65 12.36 20.16
C1 KPI A 178 40.07 12.26 18.72
CX2 KPI A 178 39.63 10.96 20.72
O1 KPI A 178 39.63 10.93 22.07
O2 KPI A 178 39.71 9.87 20.12
C KPI A 178 35.42 18.63 21.16
O KPI A 178 34.55 17.89 21.61
N GLU A 179 35.29 19.20 19.95
CA GLU A 179 34.10 18.98 19.13
C GLU A 179 34.32 18.01 17.97
N ALA A 180 33.55 16.94 17.94
CA ALA A 180 33.54 15.97 16.84
C ALA A 180 32.11 15.86 16.35
N SER A 181 31.59 16.93 15.76
CA SER A 181 30.17 17.02 15.44
C SER A 181 29.87 17.47 14.03
N GLY A 182 30.88 17.72 13.20
CA GLY A 182 30.67 18.14 11.81
C GLY A 182 29.80 19.36 11.66
N ASN A 183 29.91 20.31 12.59
CA ASN A 183 28.94 21.40 12.73
C ASN A 183 29.67 22.74 12.90
N ILE A 184 30.10 23.35 11.79
CA ILE A 184 30.80 24.62 11.91
C ILE A 184 29.88 25.72 12.42
N ASP A 185 28.57 25.60 12.18
CA ASP A 185 27.62 26.55 12.74
C ASP A 185 27.73 26.57 14.27
N LYS A 186 27.74 25.39 14.88
CA LYS A 186 27.88 25.32 16.34
C LYS A 186 29.20 25.91 16.80
N CYS A 187 30.27 25.71 16.03
CA CYS A 187 31.56 26.28 16.40
C CYS A 187 31.49 27.79 16.40
N VAL A 188 30.75 28.38 15.44
CA VAL A 188 30.53 29.81 15.46
C VAL A 188 29.71 30.22 16.66
N ASP A 189 28.61 29.50 16.91
CA ASP A 189 27.75 29.76 18.06
C ASP A 189 28.55 29.79 19.36
N LEU A 190 29.41 28.80 19.55
CA LEU A 190 30.16 28.70 20.81
C LEU A 190 31.05 29.91 21.03
N LEU A 191 31.92 30.21 20.07
CA LEU A 191 32.90 31.26 20.28
C LEU A 191 32.30 32.65 20.15
N ALA A 192 31.14 32.79 19.50
CA ALA A 192 30.50 34.10 19.42
C ALA A 192 29.88 34.51 20.74
N HIS A 193 29.36 33.55 21.51
CA HIS A 193 28.71 33.86 22.78
C HIS A 193 29.64 33.68 23.99
N GLU A 194 30.69 32.89 23.87
CA GLU A 194 31.67 32.71 24.94
C GLU A 194 33.08 32.65 24.34
N PRO A 195 33.63 33.80 23.94
CA PRO A 195 34.94 33.79 23.25
C PRO A 195 36.12 33.40 24.13
N ARG A 196 35.95 33.21 25.44
CA ARG A 196 37.08 32.84 26.29
C ARG A 196 37.36 31.34 26.34
N MET A 197 36.45 30.50 25.84
CA MET A 197 36.66 29.07 25.94
C MET A 197 37.64 28.59 24.86
N MET A 198 38.23 27.42 25.09
CA MET A 198 39.14 26.79 24.14
C MET A 198 38.36 25.75 23.35
N LEU A 199 37.97 26.11 22.12
CA LEU A 199 37.34 25.17 21.22
C LEU A 199 38.44 24.35 20.55
N ILE A 200 38.32 23.02 20.64
CA ILE A 200 39.33 22.10 20.17
C ILE A 200 38.72 21.24 19.08
N SER A 201 39.40 21.16 17.93
CA SER A 201 38.88 20.34 16.85
C SER A 201 39.11 18.86 17.15
N GLY A 202 38.03 18.08 17.10
CA GLY A 202 38.14 16.64 17.20
C GLY A 202 37.85 15.95 15.89
N GLU A 203 38.03 16.67 14.79
CA GLU A 203 37.67 16.20 13.46
C GLU A 203 38.72 16.72 12.48
N ASP A 204 39.67 15.84 12.11
CA ASP A 204 40.89 16.29 11.44
C ASP A 204 40.61 17.03 10.14
N ALA A 205 39.65 16.54 9.36
CA ALA A 205 39.40 17.16 8.06
C ALA A 205 39.07 18.63 8.19
N ILE A 206 38.44 19.05 9.30
CA ILE A 206 38.05 20.43 9.44
C ILE A 206 38.88 21.13 10.51
N ASN A 207 40.11 20.66 10.72
CA ASN A 207 41.01 21.33 11.65
C ASN A 207 41.14 22.82 11.32
N TYR A 208 41.46 23.14 10.06
CA TYR A 208 41.71 24.55 9.73
C TYR A 208 40.47 25.43 9.91
N PRO A 209 39.28 25.08 9.40
CA PRO A 209 38.12 25.96 9.64
C PRO A 209 37.85 26.22 11.11
N ILE A 210 37.99 25.20 11.97
CA ILE A 210 37.76 25.42 13.39
C ILE A 210 38.82 26.35 13.96
N LEU A 211 40.10 26.11 13.61
CA LEU A 211 41.17 26.95 14.13
C LEU A 211 41.02 28.39 13.65
N SER A 212 40.69 28.58 12.38
CA SER A 212 40.56 29.92 11.81
C SER A 212 39.39 30.72 12.38
N ASN A 213 38.41 30.07 13.01
CA ASN A 213 37.34 30.78 13.71
C ASN A 213 37.68 31.08 15.16
N GLY A 214 38.90 30.80 15.60
CA GLY A 214 39.27 31.07 16.97
C GLY A 214 39.48 29.83 17.80
N GLY A 215 39.30 28.64 17.24
CA GLY A 215 39.72 27.43 17.93
C GLY A 215 41.19 27.50 18.28
N LYS A 216 41.56 26.82 19.37
CA LYS A 216 42.93 26.95 19.87
C LYS A 216 43.69 25.63 19.93
N GLY A 217 43.20 24.59 19.28
CA GLY A 217 43.94 23.35 19.26
C GLY A 217 43.16 22.26 18.57
N VAL A 218 43.81 21.10 18.46
CA VAL A 218 43.23 19.90 17.89
C VAL A 218 43.58 18.73 18.79
N ILE A 219 42.67 17.77 18.85
CA ILE A 219 42.97 16.45 19.40
C ILE A 219 42.74 15.49 18.25
N SER A 220 43.84 15.04 17.66
CA SER A 220 43.87 14.55 16.29
C SER A 220 44.05 13.03 16.24
N VAL A 221 43.47 12.43 15.20
CA VAL A 221 43.76 11.05 14.85
C VAL A 221 44.93 10.97 13.88
N THR A 222 44.88 11.82 12.84
CA THR A 222 45.90 11.84 11.81
C THR A 222 47.30 12.08 12.38
N SER A 223 47.41 12.89 13.44
CA SER A 223 48.70 13.13 14.06
C SER A 223 49.39 11.85 14.52
N ASN A 224 48.64 10.76 14.76
CA ASN A 224 49.29 9.49 15.06
C ASN A 224 50.28 9.12 13.95
N LEU A 225 49.88 9.32 12.70
CA LEU A 225 50.70 8.98 11.55
C LEU A 225 51.59 10.13 11.11
N LEU A 226 51.05 11.34 11.09
CA LEU A 226 51.76 12.52 10.55
C LEU A 226 51.80 13.63 11.60
N PRO A 227 52.49 13.41 12.73
CA PRO A 227 52.46 14.43 13.80
C PRO A 227 53.09 15.74 13.38
N ASP A 228 54.17 15.70 12.59
CA ASP A 228 54.82 16.94 12.15
C ASP A 228 53.88 17.79 11.32
N MET A 229 53.08 17.17 10.46
CA MET A 229 52.17 17.94 9.62
C MET A 229 51.04 18.57 10.43
N ILE A 230 50.46 17.81 11.37
CA ILE A 230 49.37 18.35 12.20
C ILE A 230 49.90 19.45 13.10
N SER A 231 51.11 19.27 13.65
CA SER A 231 51.68 20.28 14.52
C SER A 231 51.94 21.58 13.77
N ALA A 232 52.51 21.48 12.56
CA ALA A 232 52.76 22.68 11.74
C ALA A 232 51.46 23.39 11.39
N LEU A 233 50.45 22.62 10.97
CA LEU A 233 49.13 23.19 10.68
C LEU A 233 48.63 24.01 11.86
N THR A 234 48.67 23.41 13.05
CA THR A 234 48.10 24.06 14.24
C THR A 234 48.87 25.33 14.59
N HIS A 235 50.20 25.27 14.59
CA HIS A 235 50.98 26.42 15.02
C HIS A 235 50.97 27.53 13.97
N PHE A 236 50.94 27.18 12.68
CA PHE A 236 50.68 28.18 11.65
C PHE A 236 49.37 28.90 11.94
N ALA A 237 48.31 28.14 12.22
CA ALA A 237 46.99 28.72 12.45
C ALA A 237 46.97 29.60 13.69
N LEU A 238 47.60 29.14 14.78
CA LEU A 238 47.60 29.95 16.00
C LEU A 238 48.34 31.27 15.80
N ASP A 239 49.32 31.31 14.88
CA ASP A 239 50.00 32.54 14.52
C ASP A 239 49.29 33.32 13.41
N GLU A 240 48.09 32.91 13.02
CA GLU A 240 47.31 33.54 11.95
C GLU A 240 48.03 33.46 10.59
N ASN A 241 48.93 32.51 10.42
CA ASN A 241 49.46 32.18 9.10
C ASN A 241 48.48 31.21 8.45
N TYR A 242 47.34 31.79 8.07
CA TYR A 242 46.21 30.98 7.61
C TYR A 242 46.45 30.36 6.26
N LYS A 243 47.20 31.03 5.37
CA LYS A 243 47.48 30.45 4.06
C LYS A 243 48.28 29.16 4.20
N GLU A 244 49.23 29.13 5.15
CA GLU A 244 50.03 27.94 5.36
C GLU A 244 49.25 26.85 6.10
N ALA A 245 48.46 27.25 7.11
CA ALA A 245 47.63 26.28 7.80
C ALA A 245 46.63 25.64 6.85
N LYS A 246 45.95 26.45 6.04
CA LYS A 246 44.97 25.93 5.09
C LYS A 246 45.64 25.02 4.06
N LYS A 247 46.88 25.34 3.66
CA LYS A 247 47.57 24.52 2.67
C LYS A 247 47.81 23.11 3.20
N ILE A 248 48.21 22.99 4.46
CA ILE A 248 48.40 21.67 5.04
C ILE A 248 47.05 20.99 5.25
N ASN A 249 46.05 21.74 5.70
CA ASN A 249 44.72 21.16 5.86
C ASN A 249 44.23 20.57 4.54
N ASP A 250 44.43 21.31 3.44
CA ASP A 250 44.02 20.82 2.13
C ASP A 250 44.81 19.57 1.73
N GLU A 251 46.13 19.60 1.92
CA GLU A 251 46.95 18.45 1.53
C GLU A 251 46.58 17.22 2.33
N LEU A 252 46.18 17.40 3.58
CA LEU A 252 45.84 16.29 4.46
C LEU A 252 44.43 15.75 4.25
N TYR A 253 43.61 16.40 3.42
CA TYR A 253 42.20 16.02 3.37
C TYR A 253 42.03 14.56 3.00
N ASN A 254 42.76 14.08 1.99
CA ASN A 254 42.59 12.72 1.52
C ASN A 254 42.89 11.70 2.60
N ILE A 255 44.01 11.88 3.33
CA ILE A 255 44.32 10.94 4.41
C ILE A 255 43.37 11.16 5.59
N ASN A 256 42.99 12.41 5.86
CA ASN A 256 42.05 12.68 6.96
C ASN A 256 40.74 11.92 6.74
N LYS A 257 40.30 11.83 5.49
CA LYS A 257 39.05 11.14 5.20
C LYS A 257 39.23 9.63 5.15
N ILE A 258 40.31 9.16 4.54
CA ILE A 258 40.53 7.72 4.43
C ILE A 258 40.71 7.11 5.81
N LEU A 259 41.18 7.88 6.78
CA LEU A 259 41.35 7.37 8.14
C LEU A 259 40.01 7.13 8.86
N PHE A 260 38.89 7.39 8.20
CA PHE A 260 37.58 7.03 8.72
C PHE A 260 36.77 6.23 7.72
N CYS A 261 37.42 5.71 6.67
CA CYS A 261 36.83 4.67 5.81
C CYS A 261 36.14 3.57 6.64
N GLU A 262 36.74 3.14 7.75
CA GLU A 262 36.04 2.34 8.74
C GLU A 262 36.14 3.07 10.07
N SER A 263 35.42 2.58 11.07
CA SER A 263 35.31 3.32 12.34
C SER A 263 36.68 3.47 12.99
N ASN A 264 37.03 4.72 13.32
CA ASN A 264 38.26 5.00 14.05
C ASN A 264 38.26 4.20 15.35
N PRO A 265 39.41 3.59 15.75
CA PRO A 265 40.76 3.61 15.20
C PRO A 265 41.18 2.45 14.28
N ILE A 266 40.24 1.79 13.59
CA ILE A 266 40.61 0.71 12.68
C ILE A 266 41.52 1.21 11.56
N PRO A 267 41.19 2.29 10.84
CA PRO A 267 42.13 2.73 9.79
C PRO A 267 43.45 3.24 10.32
N ILE A 268 43.47 4.01 11.42
CA ILE A 268 44.73 4.58 11.86
C ILE A 268 45.68 3.49 12.34
N LYS A 269 45.17 2.48 13.05
CA LYS A 269 46.02 1.38 13.46
C LYS A 269 46.52 0.62 12.25
N THR A 270 45.66 0.43 11.25
CA THR A 270 46.08 -0.20 10.00
C THR A 270 47.22 0.58 9.36
N ALA A 271 47.09 1.90 9.29
CA ALA A 271 48.14 2.74 8.71
C ALA A 271 49.41 2.73 9.54
N MET A 272 49.28 2.82 10.87
CA MET A 272 50.47 2.74 11.73
C MET A 272 51.19 1.43 11.51
N TYR A 273 50.43 0.34 11.34
CA TYR A 273 51.02 -0.96 11.06
C TYR A 273 51.67 -0.98 9.68
N LEU A 274 50.96 -0.44 8.69
CA LEU A 274 51.51 -0.37 7.33
C LEU A 274 52.79 0.45 7.26
N ALA A 275 52.92 1.48 8.10
CA ALA A 275 54.12 2.30 8.12
C ALA A 275 55.25 1.67 8.94
N GLY A 276 55.02 0.52 9.57
CA GLY A 276 56.03 -0.08 10.41
C GLY A 276 56.20 0.56 11.76
N LEU A 277 55.23 1.38 12.19
CA LEU A 277 55.31 2.06 13.48
C LEU A 277 54.81 1.22 14.64
N ILE A 278 54.02 0.18 14.38
CA ILE A 278 53.63 -0.81 15.39
C ILE A 278 53.83 -2.18 14.78
N GLU A 279 54.03 -3.19 15.65
CA GLU A 279 54.40 -4.52 15.17
C GLU A 279 53.23 -5.31 14.64
N SER A 280 52.09 -5.17 15.29
CA SER A 280 51.01 -6.11 15.06
C SER A 280 49.72 -5.33 14.90
N LEU A 281 48.94 -5.73 13.90
CA LEU A 281 47.64 -5.11 13.65
C LEU A 281 46.63 -5.85 14.52
N GLU A 282 46.63 -5.52 15.80
CA GLU A 282 45.79 -6.18 16.80
C GLU A 282 44.79 -5.18 17.37
N PHE A 283 43.53 -5.58 17.39
CA PHE A 283 42.49 -4.82 18.08
C PHE A 283 41.91 -5.71 19.16
N ARG A 284 41.09 -5.11 20.02
CA ARG A 284 40.25 -5.87 20.94
C ARG A 284 38.83 -5.82 20.44
N LEU A 285 38.18 -6.99 20.38
CA LEU A 285 36.81 -7.08 19.94
C LEU A 285 35.92 -6.20 20.82
N PRO A 286 34.88 -5.56 20.26
CA PRO A 286 34.29 -5.80 18.93
C PRO A 286 35.01 -5.12 17.77
N LEU A 287 36.16 -4.47 18.03
CA LEU A 287 36.96 -3.92 16.95
C LEU A 287 37.76 -5.03 16.29
N CYS A 288 38.04 -4.87 15.00
CA CYS A 288 38.67 -5.93 14.23
C CYS A 288 39.39 -5.30 13.04
N SER A 289 40.12 -6.15 12.31
CA SER A 289 40.83 -5.71 11.12
C SER A 289 39.85 -5.11 10.10
N PRO A 290 40.31 -4.16 9.29
CA PRO A 290 39.46 -3.61 8.23
C PRO A 290 39.27 -4.63 7.12
N SER A 291 38.32 -4.36 6.22
CA SER A 291 38.16 -5.17 5.02
C SER A 291 39.46 -5.16 4.17
N LYS A 292 39.59 -6.15 3.32
CA LYS A 292 40.74 -6.25 2.45
C LYS A 292 40.82 -5.08 1.51
N GLU A 293 39.66 -4.63 1.08
CA GLU A 293 39.57 -3.53 0.19
C GLU A 293 40.00 -2.22 0.88
N ASN A 294 39.50 -1.98 2.07
CA ASN A 294 39.84 -0.77 2.79
C ASN A 294 41.32 -0.80 3.16
N PHE A 295 41.81 -1.97 3.52
CA PHE A 295 43.24 -2.13 3.77
C PHE A 295 44.05 -1.60 2.58
N ALA A 296 43.63 -1.96 1.36
CA ALA A 296 44.32 -1.50 0.17
C ALA A 296 44.14 0.00 -0.04
N LYS A 297 42.94 0.52 0.25
CA LYS A 297 42.69 1.94 0.04
C LYS A 297 43.54 2.79 0.98
N ILE A 298 43.68 2.34 2.22
CA ILE A 298 44.53 3.03 3.18
C ILE A 298 45.97 3.01 2.71
N GLU A 299 46.45 1.84 2.27
CA GLU A 299 47.83 1.70 1.79
C GLU A 299 48.11 2.61 0.59
N GLU A 300 47.12 2.76 -0.31
CA GLU A 300 47.26 3.64 -1.48
C GLU A 300 47.41 5.08 -1.05
N VAL A 301 46.53 5.53 -0.16
CA VAL A 301 46.51 6.93 0.22
C VAL A 301 47.77 7.31 0.97
N MET A 302 48.31 6.38 1.77
CA MET A 302 49.52 6.67 2.53
C MET A 302 50.69 7.04 1.64
N LYS A 303 50.72 6.52 0.41
CA LYS A 303 51.86 6.73 -0.48
C LYS A 303 52.07 8.20 -0.83
N LYS A 304 51.05 9.04 -0.70
CA LYS A 304 51.16 10.44 -1.05
C LYS A 304 51.73 11.29 0.07
N TYR A 305 52.05 10.70 1.22
CA TYR A 305 52.53 11.46 2.38
C TYR A 305 53.86 10.91 2.87
N LYS A 306 54.69 11.80 3.42
CA LYS A 306 55.98 11.41 3.99
C LYS A 306 55.77 11.16 5.47
N ILE A 307 55.96 9.90 5.88
CA ILE A 307 55.66 9.43 7.22
C ILE A 307 56.95 9.39 8.03
N LYS A 308 57.01 10.19 9.09
CA LYS A 308 58.20 10.20 9.94
C LYS A 308 58.40 8.86 10.63
N GLY A 309 59.65 8.46 10.79
CA GLY A 309 60.00 7.25 11.52
C GLY A 309 60.19 7.52 12.99
N PHE A 310 61.03 6.71 13.63
CA PHE A 310 61.33 6.89 15.03
C PHE A 310 62.60 7.72 15.18
N LYS B 15 37.95 32.05 -16.47
CA LYS B 15 36.49 32.11 -16.41
C LYS B 15 35.97 33.48 -15.94
N ASN B 16 34.87 33.91 -16.53
CA ASN B 16 34.13 35.08 -16.07
C ASN B 16 33.36 34.74 -14.79
N ILE B 17 33.47 35.59 -13.77
CA ILE B 17 32.93 35.26 -12.45
C ILE B 17 32.11 36.42 -11.92
N ILE B 18 31.24 36.08 -10.98
CA ILE B 18 30.46 37.02 -10.18
C ILE B 18 30.62 36.60 -8.71
N ILE B 19 31.35 37.42 -7.94
CA ILE B 19 31.72 37.08 -6.57
C ILE B 19 31.48 38.29 -5.66
N GLY B 20 31.99 38.24 -4.43
CA GLY B 20 31.83 39.35 -3.52
C GLY B 20 30.56 39.24 -2.69
N ALA B 21 30.15 40.39 -2.12
CA ALA B 21 28.97 40.44 -1.27
C ALA B 21 27.72 40.53 -2.15
N MET B 22 26.83 39.53 -2.04
CA MET B 22 25.64 39.46 -2.88
C MET B 22 24.41 39.20 -2.03
N THR B 23 23.26 39.69 -2.52
CA THR B 23 22.01 39.64 -1.78
C THR B 23 20.94 38.87 -2.54
N ALA B 24 20.35 37.87 -1.89
CA ALA B 24 19.16 37.19 -2.40
C ALA B 24 17.96 38.07 -2.08
N LEU B 25 17.52 38.86 -3.07
CA LEU B 25 16.49 39.88 -2.85
C LEU B 25 15.14 39.26 -2.49
N ILE B 26 14.51 39.79 -1.43
CA ILE B 26 13.09 39.52 -1.23
C ILE B 26 12.28 40.15 -2.36
N THR B 27 11.09 39.60 -2.58
CA THR B 27 10.17 40.16 -3.55
C THR B 27 8.98 40.74 -2.80
N PRO B 28 8.90 42.07 -2.62
CA PRO B 28 7.77 42.64 -1.90
C PRO B 28 6.49 42.57 -2.71
N PHE B 29 5.39 42.21 -2.06
CA PHE B 29 4.07 42.23 -2.66
C PHE B 29 3.25 43.33 -2.02
N LYS B 30 2.38 43.94 -2.83
CA LYS B 30 1.42 44.93 -2.36
C LYS B 30 0.09 44.65 -3.04
N ASN B 31 -0.94 44.36 -2.24
CA ASN B 31 -2.27 43.99 -2.76
C ASN B 31 -2.16 42.84 -3.75
N GLY B 32 -1.38 41.84 -3.40
CA GLY B 32 -1.23 40.70 -4.24
C GLY B 32 -0.33 40.72 -5.42
N LYS B 33 0.20 41.88 -5.75
CA LYS B 33 1.12 41.95 -6.86
C LYS B 33 2.49 42.45 -6.43
N VAL B 34 3.46 42.17 -7.25
CA VAL B 34 4.82 42.63 -7.04
C VAL B 34 4.88 44.14 -6.97
N ASP B 35 5.43 44.66 -5.88
CA ASP B 35 5.62 46.09 -5.69
C ASP B 35 6.89 46.48 -6.44
N GLU B 36 6.70 46.85 -7.70
CA GLU B 36 7.79 47.21 -8.58
C GLU B 36 8.59 48.41 -8.12
N GLN B 37 7.92 49.35 -7.50
CA GLN B 37 8.55 50.54 -7.02
C GLN B 37 9.35 50.17 -5.80
N SER B 38 8.75 49.44 -4.87
CA SER B 38 9.51 48.99 -3.71
C SER B 38 10.72 48.16 -4.13
N TYR B 39 10.54 47.28 -5.11
CA TYR B 39 11.63 46.41 -5.55
C TYR B 39 12.84 47.20 -6.03
N ALA B 40 12.62 48.19 -6.90
CA ALA B 40 13.72 49.01 -7.40
C ALA B 40 14.37 49.80 -6.27
N ARG B 41 13.55 50.32 -5.36
CA ARG B 41 14.07 51.08 -4.23
C ARG B 41 14.94 50.21 -3.33
N LEU B 42 14.54 48.95 -3.14
CA LEU B 42 15.34 48.04 -2.31
C LEU B 42 16.67 47.72 -2.98
N ILE B 43 16.68 47.57 -4.31
CA ILE B 43 17.93 47.28 -4.99
C ILE B 43 18.88 48.49 -4.89
N LYS B 44 18.34 49.70 -5.00
CA LYS B 44 19.18 50.88 -4.86
C LYS B 44 19.79 50.95 -3.46
N ARG B 45 19.03 50.56 -2.44
CA ARG B 45 19.54 50.54 -1.07
C ARG B 45 20.70 49.56 -0.94
N GLN B 46 20.59 48.40 -1.57
CA GLN B 46 21.70 47.44 -1.57
C GLN B 46 22.91 48.02 -2.29
N ILE B 47 22.69 48.63 -3.47
CA ILE B 47 23.80 49.23 -4.20
C ILE B 47 24.50 50.27 -3.34
N GLU B 48 23.71 51.11 -2.67
CA GLU B 48 24.26 52.20 -1.88
C GLU B 48 24.98 51.73 -0.62
N ASN B 49 24.84 50.46 -0.23
CA ASN B 49 25.47 49.94 0.97
C ASN B 49 26.57 48.91 0.69
N GLY B 50 27.21 49.01 -0.47
CA GLY B 50 28.42 48.26 -0.73
C GLY B 50 28.23 46.86 -1.27
N ILE B 51 27.01 46.48 -1.66
CA ILE B 51 26.76 45.15 -2.19
C ILE B 51 27.32 45.04 -3.60
N ASP B 52 27.90 43.89 -3.93
CA ASP B 52 28.56 43.66 -5.22
C ASP B 52 27.66 43.06 -6.28
N ALA B 53 26.60 42.35 -5.90
CA ALA B 53 25.70 41.75 -6.87
C ALA B 53 24.36 41.51 -6.19
N VAL B 54 23.30 41.50 -6.99
CA VAL B 54 21.96 41.19 -6.47
C VAL B 54 21.43 39.97 -7.21
N VAL B 55 20.74 39.11 -6.48
CA VAL B 55 20.17 37.89 -7.04
C VAL B 55 18.66 38.03 -7.04
N PRO B 56 18.06 38.46 -8.14
CA PRO B 56 16.60 38.49 -8.21
C PRO B 56 16.06 37.08 -8.36
N VAL B 57 14.84 36.88 -7.86
CA VAL B 57 14.03 35.67 -8.02
C VAL B 57 14.79 34.40 -7.64
N GLY B 58 15.49 34.44 -6.51
CA GLY B 58 16.00 33.24 -5.85
C GLY B 58 15.00 32.69 -4.85
N THR B 59 15.51 31.83 -3.95
CA THR B 59 14.65 31.27 -2.90
C THR B 59 14.06 32.37 -2.02
N THR B 60 14.88 33.32 -1.62
CA THR B 60 14.47 34.44 -0.77
C THR B 60 13.47 35.36 -1.47
N GLY B 61 13.48 35.38 -2.80
CA GLY B 61 12.55 36.14 -3.60
C GLY B 61 11.27 35.41 -3.95
N GLU B 62 11.01 34.26 -3.33
CA GLU B 62 9.79 33.49 -3.54
C GLU B 62 9.59 33.14 -5.02
N SER B 63 10.67 32.63 -5.62
CA SER B 63 10.62 32.25 -7.04
C SER B 63 9.49 31.28 -7.34
N ALA B 64 9.17 30.39 -6.39
CA ALA B 64 8.19 29.32 -6.66
C ALA B 64 6.80 29.87 -6.94
N THR B 65 6.43 31.02 -6.36
CA THR B 65 5.06 31.48 -6.47
C THR B 65 4.91 32.67 -7.41
N LEU B 66 5.96 33.02 -8.15
CA LEU B 66 5.88 34.08 -9.13
C LEU B 66 5.57 33.50 -10.51
N THR B 67 4.78 34.22 -11.28
CA THR B 67 4.56 33.84 -12.65
C THR B 67 5.82 34.12 -13.48
N HIS B 68 5.84 33.59 -14.68
CA HIS B 68 6.98 33.79 -15.56
C HIS B 68 7.14 35.26 -15.89
N GLU B 69 6.02 35.93 -15.99
CA GLU B 69 5.97 37.33 -16.27
C GLU B 69 6.48 38.14 -15.08
N GLU B 70 6.24 37.69 -13.84
CA GLU B 70 6.74 38.40 -12.68
C GLU B 70 8.23 38.18 -12.53
N LYS B 71 8.71 37.03 -12.91
CA LYS B 71 10.10 36.76 -12.90
C LYS B 71 10.81 37.67 -13.90
N ARG B 72 10.24 37.82 -15.08
CA ARG B 72 10.82 38.68 -16.10
C ARG B 72 10.86 40.11 -15.59
N THR B 73 9.78 40.57 -14.99
CA THR B 73 9.70 41.88 -14.44
C THR B 73 10.77 42.14 -13.38
N CYS B 74 10.98 41.19 -12.47
CA CYS B 74 11.95 41.40 -11.39
C CYS B 74 13.37 41.40 -11.92
N ILE B 75 13.67 40.51 -12.87
CA ILE B 75 15.01 40.52 -13.47
C ILE B 75 15.22 41.81 -14.24
N GLU B 76 14.21 42.27 -14.97
CA GLU B 76 14.35 43.51 -15.72
C GLU B 76 14.54 44.71 -14.79
N ILE B 77 13.82 44.76 -13.67
CA ILE B 77 14.02 45.85 -12.71
C ILE B 77 15.43 45.81 -12.14
N ALA B 78 15.91 44.61 -11.78
CA ALA B 78 17.26 44.49 -11.24
C ALA B 78 18.30 44.93 -12.27
N VAL B 79 18.16 44.49 -13.53
CA VAL B 79 19.12 44.87 -14.57
C VAL B 79 19.11 46.39 -14.77
N GLU B 80 17.92 46.97 -14.88
CA GLU B 80 17.82 48.41 -15.14
C GLU B 80 18.37 49.22 -13.97
N THR B 81 18.12 48.78 -12.74
CA THR B 81 18.57 49.52 -11.56
C THR B 81 20.08 49.45 -11.39
N CYS B 82 20.72 48.36 -11.83
CA CYS B 82 22.16 48.20 -11.68
C CYS B 82 22.98 48.80 -12.82
N LYS B 83 22.32 49.29 -13.88
CA LYS B 83 23.02 49.89 -14.99
C LYS B 83 23.78 51.13 -14.53
N GLY B 84 24.99 51.31 -15.04
CA GLY B 84 25.77 52.45 -14.62
C GLY B 84 26.42 52.31 -13.26
N THR B 85 26.38 51.13 -12.67
CA THR B 85 27.05 50.85 -11.41
C THR B 85 27.96 49.64 -11.60
N LYS B 86 28.73 49.34 -10.56
CA LYS B 86 29.54 48.13 -10.55
C LYS B 86 28.76 46.89 -10.16
N VAL B 87 27.51 47.04 -9.72
CA VAL B 87 26.73 45.93 -9.18
C VAL B 87 26.25 45.04 -10.31
N LYS B 88 26.46 43.74 -10.16
CA LYS B 88 26.07 42.76 -11.17
C LYS B 88 24.73 42.15 -10.77
N VAL B 89 24.07 41.56 -11.76
CA VAL B 89 22.78 40.92 -11.57
C VAL B 89 22.98 39.44 -11.84
N LEU B 90 22.89 38.64 -10.78
CA LEU B 90 23.00 37.19 -10.88
C LEU B 90 21.59 36.62 -10.76
N ALA B 91 20.95 36.35 -11.90
CA ALA B 91 19.52 36.02 -11.90
C ALA B 91 19.28 34.57 -11.51
N GLY B 92 18.35 34.35 -10.58
CA GLY B 92 17.87 33.00 -10.33
C GLY B 92 17.13 32.49 -11.56
N ALA B 93 17.50 31.29 -12.02
CA ALA B 93 16.92 30.76 -13.25
C ALA B 93 16.95 29.23 -13.24
N GLY B 94 16.63 28.61 -12.12
CA GLY B 94 16.67 27.17 -12.03
C GLY B 94 15.29 26.56 -12.19
N SER B 95 15.27 25.24 -12.38
CA SER B 95 14.03 24.49 -12.44
C SER B 95 14.38 23.01 -12.32
N ASN B 96 13.43 22.21 -11.82
CA ASN B 96 13.66 20.77 -11.77
C ASN B 96 13.33 20.08 -13.10
N ALA B 97 13.06 20.83 -14.16
CA ALA B 97 12.91 20.31 -15.50
C ALA B 97 13.98 20.95 -16.37
N THR B 98 14.82 20.12 -16.98
CA THR B 98 15.97 20.66 -17.71
C THR B 98 15.53 21.58 -18.83
N HIS B 99 14.50 21.19 -19.58
CA HIS B 99 14.00 22.03 -20.67
C HIS B 99 13.61 23.41 -20.17
N GLU B 100 12.93 23.48 -19.01
CA GLU B 100 12.52 24.78 -18.49
C GLU B 100 13.72 25.56 -17.94
N ALA B 101 14.65 24.88 -17.25
CA ALA B 101 15.82 25.58 -16.73
C ALA B 101 16.66 26.16 -17.85
N VAL B 102 16.78 25.44 -18.98
CA VAL B 102 17.51 25.96 -20.13
C VAL B 102 16.81 27.19 -20.67
N GLY B 103 15.48 27.13 -20.79
CA GLY B 103 14.73 28.28 -21.25
C GLY B 103 14.88 29.48 -20.35
N LEU B 104 14.81 29.25 -19.03
CA LEU B 104 14.96 30.36 -18.08
C LEU B 104 16.37 30.96 -18.15
N ALA B 105 17.40 30.14 -18.40
CA ALA B 105 18.76 30.67 -18.53
C ALA B 105 18.87 31.59 -19.73
N LYS B 106 18.38 31.15 -20.90
CA LYS B 106 18.43 31.98 -22.10
C LYS B 106 17.61 33.25 -21.90
N PHE B 107 16.52 33.13 -21.16
CA PHE B 107 15.65 34.26 -20.90
C PHE B 107 16.34 35.30 -20.01
N ALA B 108 17.09 34.83 -19.00
CA ALA B 108 17.83 35.78 -18.16
C ALA B 108 18.92 36.48 -18.94
N LYS B 109 19.64 35.75 -19.80
CA LYS B 109 20.66 36.38 -20.62
C LYS B 109 20.04 37.42 -21.54
N GLU B 110 18.91 37.09 -22.17
CA GLU B 110 18.28 37.99 -23.13
C GLU B 110 17.87 39.31 -22.48
N HIS B 111 17.58 39.30 -21.18
CA HIS B 111 17.22 40.50 -20.46
C HIS B 111 18.40 41.19 -19.78
N GLY B 112 19.62 40.76 -20.09
CA GLY B 112 20.80 41.49 -19.63
C GLY B 112 21.35 41.08 -18.28
N ALA B 113 20.93 39.95 -17.74
CA ALA B 113 21.56 39.48 -16.51
C ALA B 113 23.05 39.20 -16.77
N ASP B 114 23.88 39.47 -15.75
CA ASP B 114 25.30 39.17 -15.89
C ASP B 114 25.60 37.69 -15.70
N GLY B 115 24.76 36.97 -14.96
CA GLY B 115 24.96 35.55 -14.78
C GLY B 115 23.68 34.95 -14.24
N ILE B 116 23.70 33.65 -14.00
CA ILE B 116 22.52 32.99 -13.45
C ILE B 116 22.90 32.15 -12.24
N LEU B 117 21.98 32.11 -11.29
CA LEU B 117 22.01 31.17 -10.19
C LEU B 117 21.00 30.08 -10.52
N SER B 118 21.44 28.82 -10.51
CA SER B 118 20.59 27.74 -10.98
C SER B 118 20.54 26.65 -9.91
N VAL B 119 19.41 26.56 -9.20
CA VAL B 119 19.29 25.63 -8.09
C VAL B 119 19.25 24.19 -8.60
N ALA B 120 19.82 23.28 -7.82
CA ALA B 120 19.74 21.87 -8.14
C ALA B 120 18.26 21.45 -8.20
N PRO B 121 17.88 20.61 -9.16
CA PRO B 121 16.48 20.16 -9.25
C PRO B 121 15.90 19.65 -7.94
N TYR B 122 14.77 20.21 -7.55
CA TYR B 122 14.03 19.86 -6.35
C TYR B 122 13.01 18.77 -6.69
N TYR B 123 12.65 17.99 -5.67
CA TYR B 123 11.53 17.05 -5.72
C TYR B 123 11.77 15.78 -6.51
N ASN B 124 12.28 15.86 -7.74
CA ASN B 124 12.41 14.65 -8.53
C ASN B 124 13.75 13.92 -8.34
N LYS B 125 14.66 14.45 -7.51
CA LYS B 125 15.85 13.74 -7.07
C LYS B 125 16.66 13.09 -8.20
N PRO B 126 17.20 13.87 -9.12
CA PRO B 126 18.04 13.28 -10.17
C PRO B 126 19.30 12.65 -9.58
N THR B 127 19.84 11.69 -10.31
CA THR B 127 21.12 11.10 -9.94
C THR B 127 22.27 12.06 -10.23
N GLN B 128 23.47 11.70 -9.76
CA GLN B 128 24.63 12.54 -10.06
C GLN B 128 24.85 12.66 -11.56
N GLN B 129 24.67 11.55 -12.29
CA GLN B 129 24.72 11.61 -13.75
C GLN B 129 23.65 12.56 -14.28
N GLY B 130 22.43 12.48 -13.73
CA GLY B 130 21.38 13.36 -14.19
C GLY B 130 21.66 14.82 -13.90
N LEU B 131 22.22 15.12 -12.72
CA LEU B 131 22.59 16.48 -12.39
C LEU B 131 23.65 17.02 -13.36
N TYR B 132 24.63 16.17 -13.69
CA TYR B 132 25.66 16.57 -14.65
C TYR B 132 25.03 16.96 -15.99
N GLU B 133 24.15 16.11 -16.52
CA GLU B 133 23.53 16.40 -17.81
C GLU B 133 22.63 17.62 -17.73
N HIS B 134 21.93 17.78 -16.60
CA HIS B 134 21.10 18.96 -16.35
C HIS B 134 21.92 20.24 -16.49
N TYR B 135 23.01 20.35 -15.73
CA TYR B 135 23.77 21.59 -15.72
C TYR B 135 24.58 21.78 -16.99
N LYS B 136 25.01 20.69 -17.64
CA LYS B 136 25.73 20.85 -18.89
C LYS B 136 24.82 21.43 -19.96
N ALA B 137 23.55 21.01 -19.99
CA ALA B 137 22.59 21.59 -20.91
C ALA B 137 22.37 23.07 -20.65
N ILE B 138 22.24 23.45 -19.37
CA ILE B 138 22.06 24.87 -19.02
C ILE B 138 23.26 25.68 -19.47
N ALA B 139 24.46 25.22 -19.09
CA ALA B 139 25.68 25.97 -19.37
C ALA B 139 25.92 26.12 -20.87
N GLN B 140 25.62 25.08 -21.64
CA GLN B 140 25.78 25.15 -23.10
C GLN B 140 24.74 26.03 -23.77
N SER B 141 23.68 26.43 -23.05
CA SER B 141 22.62 27.22 -23.65
C SER B 141 22.89 28.71 -23.65
N VAL B 142 23.82 29.20 -22.81
CA VAL B 142 24.11 30.62 -22.71
C VAL B 142 25.62 30.80 -22.68
N ASP B 143 26.05 32.07 -22.76
CA ASP B 143 27.46 32.41 -22.69
C ASP B 143 27.75 33.33 -21.51
N ILE B 144 26.96 33.25 -20.45
CA ILE B 144 27.20 34.06 -19.25
C ILE B 144 27.48 33.11 -18.10
N PRO B 145 28.15 33.59 -17.05
CA PRO B 145 28.55 32.70 -15.95
C PRO B 145 27.34 32.03 -15.28
N VAL B 146 27.56 30.80 -14.85
CA VAL B 146 26.54 29.97 -14.17
C VAL B 146 27.09 29.56 -12.81
N LEU B 147 26.36 29.88 -11.75
CA LEU B 147 26.71 29.46 -10.40
C LEU B 147 25.75 28.34 -9.97
N LEU B 148 26.29 27.17 -9.67
CA LEU B 148 25.47 26.10 -9.11
C LEU B 148 24.95 26.49 -7.73
N TYR B 149 23.89 25.82 -7.30
CA TYR B 149 23.27 26.15 -6.02
C TYR B 149 22.82 24.85 -5.38
N ASN B 150 23.48 24.48 -4.28
CA ASN B 150 23.25 23.23 -3.56
C ASN B 150 22.57 23.55 -2.24
N VAL B 151 21.34 23.06 -2.06
CA VAL B 151 20.60 23.26 -0.82
C VAL B 151 19.78 21.99 -0.58
N PRO B 152 20.42 20.90 -0.13
CA PRO B 152 19.71 19.61 -0.04
C PRO B 152 18.51 19.63 0.89
N GLY B 153 18.54 20.45 1.93
CA GLY B 153 17.37 20.54 2.81
C GLY B 153 16.11 20.98 2.09
N ARG B 154 16.24 21.73 1.00
CA ARG B 154 15.08 22.16 0.22
C ARG B 154 14.80 21.30 -1.00
N THR B 155 15.84 20.79 -1.66
CA THR B 155 15.69 20.12 -2.93
C THR B 155 15.48 18.62 -2.81
N GLY B 156 15.94 18.00 -1.72
CA GLY B 156 15.93 16.57 -1.59
C GLY B 156 17.08 15.85 -2.28
N CYS B 157 18.02 16.59 -2.88
CA CYS B 157 19.16 15.98 -3.55
C CYS B 157 20.42 16.77 -3.21
N GLU B 158 21.57 16.16 -3.46
CA GLU B 158 22.88 16.81 -3.24
C GLU B 158 23.71 16.74 -4.51
N ILE B 159 24.26 17.86 -4.95
CA ILE B 159 25.30 17.85 -5.98
C ILE B 159 26.60 17.45 -5.29
N SER B 160 27.09 16.26 -5.59
CA SER B 160 28.32 15.77 -4.97
C SER B 160 29.51 16.67 -5.30
N THR B 161 30.54 16.60 -4.46
CA THR B 161 31.76 17.32 -4.76
C THR B 161 32.31 16.92 -6.13
N ASP B 162 32.31 15.62 -6.44
CA ASP B 162 32.81 15.15 -7.74
C ASP B 162 32.02 15.74 -8.90
N THR B 163 30.70 15.80 -8.77
CA THR B 163 29.87 16.33 -9.85
C THR B 163 30.14 17.82 -10.04
N ILE B 164 30.23 18.58 -8.94
CA ILE B 164 30.54 20.01 -9.03
C ILE B 164 31.87 20.21 -9.74
N ILE B 165 32.90 19.47 -9.31
CA ILE B 165 34.22 19.66 -9.88
C ILE B 165 34.21 19.26 -11.36
N LYS B 166 33.54 18.16 -11.69
CA LYS B 166 33.43 17.76 -13.09
C LYS B 166 32.74 18.84 -13.92
N LEU B 167 31.63 19.39 -13.41
CA LEU B 167 30.95 20.46 -14.12
C LEU B 167 31.85 21.69 -14.25
N PHE B 168 32.56 22.03 -13.17
CA PHE B 168 33.47 23.16 -13.24
C PHE B 168 34.54 22.95 -14.31
N ARG B 169 35.07 21.74 -14.41
CA ARG B 169 36.17 21.51 -15.36
C ARG B 169 35.67 21.35 -16.79
N ASP B 170 34.44 20.88 -16.99
CA ASP B 170 33.95 20.56 -18.33
C ASP B 170 33.19 21.69 -19.02
N CYS B 171 32.57 22.55 -18.23
CA CYS B 171 31.74 23.60 -18.75
C CYS B 171 32.24 24.96 -18.42
N GLU B 172 32.60 25.66 -19.46
CA GLU B 172 33.12 26.98 -19.40
C GLU B 172 32.42 27.96 -18.49
N ASN B 173 31.10 28.09 -18.59
CA ASN B 173 30.31 29.06 -17.85
C ASN B 173 30.20 28.72 -16.37
N ILE B 174 30.37 27.46 -15.99
CA ILE B 174 30.14 27.04 -14.61
C ILE B 174 31.39 27.39 -13.81
N TYR B 175 31.26 28.32 -12.87
CA TYR B 175 32.43 28.88 -12.20
C TYR B 175 32.46 28.66 -10.69
N GLY B 176 31.42 28.05 -10.11
CA GLY B 176 31.42 27.80 -8.69
C GLY B 176 30.08 27.27 -8.24
N VAL B 177 29.87 27.32 -6.94
CA VAL B 177 28.70 26.85 -6.29
C VAL B 177 28.29 27.64 -5.04
N KPI B 178 27.03 27.90 -4.87
CA KPI B 178 26.49 28.55 -3.71
CB KPI B 178 25.32 29.46 -4.02
CG KPI B 178 24.53 29.91 -2.81
CD KPI B 178 23.18 30.53 -3.12
CE KPI B 178 22.36 30.92 -1.93
NZ KPI B 178 21.02 31.25 -2.31
CX1 KPI B 178 20.11 31.86 -1.71
C1 KPI B 178 20.32 32.42 -0.35
CX2 KPI B 178 18.82 32.06 -2.33
O1 KPI B 178 17.91 32.54 -1.70
O2 KPI B 178 18.67 31.79 -3.50
C KPI B 178 26.02 27.46 -2.77
O KPI B 178 25.24 26.62 -3.15
N GLU B 179 26.81 27.13 -1.78
CA GLU B 179 26.46 26.11 -0.80
C GLU B 179 25.61 26.52 0.38
N ALA B 180 24.51 25.82 0.53
CA ALA B 180 23.61 26.00 1.67
C ALA B 180 23.35 24.61 2.27
N SER B 181 24.40 24.01 2.84
CA SER B 181 24.37 22.61 3.28
C SER B 181 24.92 22.38 4.67
N GLY B 182 25.34 23.41 5.40
CA GLY B 182 25.86 23.26 6.75
C GLY B 182 27.01 22.28 6.86
N ASN B 183 27.87 22.22 5.85
CA ASN B 183 28.83 21.14 5.72
C ASN B 183 30.21 21.72 5.39
N ILE B 184 30.94 22.17 6.44
CA ILE B 184 32.26 22.76 6.20
C ILE B 184 33.24 21.72 5.70
N ASP B 185 33.02 20.44 6.04
CA ASP B 185 33.85 19.39 5.48
C ASP B 185 33.77 19.40 3.96
N LYS B 186 32.55 19.49 3.41
CA LYS B 186 32.40 19.54 1.96
C LYS B 186 33.07 20.78 1.39
N CYS B 187 33.01 21.91 2.11
CA CYS B 187 33.67 23.11 1.63
C CYS B 187 35.17 22.91 1.55
N VAL B 188 35.74 22.16 2.51
CA VAL B 188 37.17 21.84 2.44
C VAL B 188 37.45 20.93 1.26
N ASP B 189 36.63 19.88 1.10
CA ASP B 189 36.75 18.94 0.00
C ASP B 189 36.77 19.65 -1.35
N LEU B 190 35.84 20.58 -1.54
CA LEU B 190 35.73 21.29 -2.82
C LEU B 190 37.00 22.05 -3.14
N LEU B 191 37.43 22.95 -2.24
CA LEU B 191 38.55 23.84 -2.55
C LEU B 191 39.91 23.16 -2.41
N ALA B 192 40.00 22.02 -1.70
CA ALA B 192 41.26 21.30 -1.65
C ALA B 192 41.54 20.56 -2.96
N HIS B 193 40.48 20.09 -3.63
CA HIS B 193 40.62 19.35 -4.87
C HIS B 193 40.44 20.22 -6.10
N GLU B 194 39.75 21.35 -6.00
CA GLU B 194 39.58 22.28 -7.11
C GLU B 194 39.66 23.72 -6.60
N PRO B 195 40.88 24.20 -6.33
CA PRO B 195 41.01 25.55 -5.73
C PRO B 195 40.64 26.70 -6.66
N ARG B 196 40.35 26.46 -7.94
CA ARG B 196 40.02 27.54 -8.86
C ARG B 196 38.54 27.92 -8.84
N MET B 197 37.69 27.12 -8.21
CA MET B 197 36.27 27.41 -8.24
C MET B 197 35.91 28.51 -7.24
N MET B 198 34.78 29.14 -7.47
CA MET B 198 34.27 30.18 -6.60
C MET B 198 33.23 29.55 -5.68
N LEU B 199 33.65 29.23 -4.46
CA LEU B 199 32.72 28.77 -3.44
C LEU B 199 32.06 29.98 -2.80
N ILE B 200 30.73 29.98 -2.80
CA ILE B 200 29.93 31.11 -2.33
C ILE B 200 29.11 30.62 -1.15
N SER B 201 29.13 31.37 -0.05
CA SER B 201 28.35 30.98 1.11
C SER B 201 26.86 31.23 0.87
N GLY B 202 26.04 30.21 1.08
CA GLY B 202 24.59 30.38 1.05
C GLY B 202 23.96 30.25 2.42
N GLU B 203 24.74 30.49 3.47
CA GLU B 203 24.28 30.29 4.86
C GLU B 203 24.94 31.36 5.72
N ASP B 204 24.16 32.39 6.06
CA ASP B 204 24.74 33.60 6.64
C ASP B 204 25.53 33.31 7.90
N ALA B 205 25.03 32.42 8.76
CA ALA B 205 25.70 32.19 10.05
C ALA B 205 27.14 31.73 9.86
N ILE B 206 27.44 31.01 8.77
CA ILE B 206 28.78 30.49 8.57
C ILE B 206 29.47 31.20 7.40
N ASN B 207 29.09 32.46 7.15
CA ASN B 207 29.75 33.26 6.12
C ASN B 207 31.26 33.31 6.35
N TYR B 208 31.69 33.68 7.55
CA TYR B 208 33.13 33.84 7.77
C TYR B 208 33.89 32.52 7.62
N PRO B 209 33.47 31.41 8.21
CA PRO B 209 34.23 30.16 8.00
C PRO B 209 34.41 29.77 6.55
N ILE B 210 33.38 29.97 5.73
CA ILE B 210 33.50 29.64 4.31
C ILE B 210 34.49 30.57 3.62
N LEU B 211 34.39 31.88 3.89
CA LEU B 211 35.29 32.84 3.27
C LEU B 211 36.74 32.60 3.72
N SER B 212 36.93 32.31 5.01
CA SER B 212 38.28 32.10 5.53
C SER B 212 38.91 30.83 5.00
N ASN B 213 38.12 29.89 4.46
CA ASN B 213 38.66 28.70 3.79
C ASN B 213 38.90 28.93 2.30
N GLY B 214 38.72 30.15 1.81
CA GLY B 214 38.95 30.43 0.41
C GLY B 214 37.70 30.71 -0.40
N GLY B 215 36.52 30.67 0.20
CA GLY B 215 35.34 31.15 -0.48
C GLY B 215 35.48 32.60 -0.89
N LYS B 216 34.83 32.97 -1.99
CA LYS B 216 35.03 34.28 -2.59
C LYS B 216 33.76 35.14 -2.61
N GLY B 217 32.75 34.77 -1.85
CA GLY B 217 31.56 35.61 -1.80
C GLY B 217 30.48 34.97 -0.97
N VAL B 218 29.39 35.71 -0.80
CA VAL B 218 28.20 35.24 -0.09
C VAL B 218 26.98 35.63 -0.93
N ILE B 219 25.96 34.79 -0.89
CA ILE B 219 24.63 35.17 -1.39
C ILE B 219 23.73 35.11 -0.17
N SER B 220 23.42 36.29 0.36
CA SER B 220 23.03 36.47 1.75
C SER B 220 21.53 36.75 1.86
N VAL B 221 20.95 36.28 2.96
CA VAL B 221 19.61 36.67 3.37
C VAL B 221 19.66 37.91 4.25
N THR B 222 20.55 37.86 5.25
CA THR B 222 20.66 38.92 6.23
C THR B 222 20.95 40.26 5.60
N SER B 223 21.72 40.28 4.50
CA SER B 223 22.04 41.52 3.80
C SER B 223 20.81 42.28 3.33
N ASN B 224 19.66 41.60 3.14
CA ASN B 224 18.44 42.34 2.85
C ASN B 224 18.22 43.41 3.92
N LEU B 225 18.44 43.04 5.18
CA LEU B 225 18.25 43.93 6.31
C LEU B 225 19.50 44.76 6.63
N LEU B 226 20.67 44.13 6.60
CA LEU B 226 21.93 44.76 7.04
C LEU B 226 22.96 44.67 5.92
N PRO B 227 22.73 45.36 4.80
CA PRO B 227 23.66 45.21 3.67
C PRO B 227 25.05 45.72 3.97
N ASP B 228 25.17 46.83 4.71
CA ASP B 228 26.49 47.36 5.03
C ASP B 228 27.32 46.38 5.85
N MET B 229 26.68 45.67 6.79
CA MET B 229 27.43 44.75 7.65
C MET B 229 27.87 43.52 6.87
N ILE B 230 26.99 42.95 6.06
CA ILE B 230 27.39 41.79 5.26
C ILE B 230 28.44 42.20 4.25
N SER B 231 28.29 43.38 3.66
CA SER B 231 29.27 43.86 2.70
C SER B 231 30.63 44.09 3.37
N ALA B 232 30.64 44.71 4.57
CA ALA B 232 31.90 44.92 5.27
C ALA B 232 32.55 43.59 5.61
N LEU B 233 31.77 42.64 6.15
CA LEU B 233 32.27 41.32 6.46
C LEU B 233 33.00 40.71 5.26
N THR B 234 32.32 40.68 4.11
CA THR B 234 32.87 40.02 2.94
C THR B 234 34.18 40.68 2.47
N HIS B 235 34.21 42.01 2.42
CA HIS B 235 35.39 42.70 1.90
C HIS B 235 36.56 42.66 2.89
N PHE B 236 36.28 42.71 4.20
CA PHE B 236 37.33 42.42 5.18
C PHE B 236 37.95 41.06 4.92
N ALA B 237 37.09 40.04 4.76
CA ALA B 237 37.57 38.68 4.57
C ALA B 237 38.36 38.53 3.27
N LEU B 238 37.86 39.10 2.18
CA LEU B 238 38.57 38.97 0.90
C LEU B 238 39.92 39.68 0.94
N ASP B 239 40.06 40.70 1.78
CA ASP B 239 41.34 41.37 2.00
C ASP B 239 42.19 40.68 3.06
N GLU B 240 41.79 39.49 3.51
CA GLU B 240 42.48 38.73 4.55
C GLU B 240 42.53 39.47 5.89
N ASN B 241 41.63 40.42 6.11
CA ASN B 241 41.42 40.99 7.44
C ASN B 241 40.42 40.10 8.17
N TYR B 242 40.91 38.91 8.55
CA TYR B 242 40.03 37.89 9.10
C TYR B 242 39.56 38.25 10.50
N LYS B 243 40.36 39.00 11.26
CA LYS B 243 39.94 39.40 12.59
C LYS B 243 38.69 40.28 12.53
N GLU B 244 38.65 41.19 11.53
CA GLU B 244 37.49 42.07 11.39
C GLU B 244 36.31 41.34 10.80
N ALA B 245 36.56 40.46 9.83
CA ALA B 245 35.50 39.66 9.26
C ALA B 245 34.83 38.79 10.33
N LYS B 246 35.64 38.13 11.16
CA LYS B 246 35.10 37.27 12.22
C LYS B 246 34.31 38.07 13.26
N LYS B 247 34.75 39.27 13.57
CA LYS B 247 34.05 40.10 14.50
C LYS B 247 32.64 40.38 14.02
N ILE B 248 32.48 40.68 12.75
CA ILE B 248 31.16 40.97 12.22
C ILE B 248 30.32 39.72 12.14
N ASN B 249 30.92 38.60 11.73
CA ASN B 249 30.18 37.34 11.68
C ASN B 249 29.66 36.97 13.07
N ASP B 250 30.50 37.13 14.09
CA ASP B 250 30.08 36.80 15.45
C ASP B 250 28.94 37.71 15.90
N GLU B 251 29.07 39.02 15.63
CA GLU B 251 28.02 39.94 16.04
C GLU B 251 26.70 39.64 15.33
N LEU B 252 26.78 39.14 14.09
CA LEU B 252 25.59 38.85 13.31
C LEU B 252 24.98 37.49 13.60
N TYR B 253 25.61 36.67 14.46
CA TYR B 253 25.12 35.30 14.62
C TYR B 253 23.65 35.31 15.04
N ASN B 254 23.29 36.14 16.02
CA ASN B 254 21.94 36.11 16.57
C ASN B 254 20.89 36.43 15.51
N ILE B 255 21.11 37.49 14.74
CA ILE B 255 20.14 37.81 13.70
C ILE B 255 20.20 36.78 12.58
N ASN B 256 21.40 36.29 12.26
CA ASN B 256 21.53 35.28 11.20
C ASN B 256 20.69 34.04 11.52
N LYS B 257 20.63 33.65 12.80
CA LYS B 257 19.84 32.46 13.17
C LYS B 257 18.36 32.78 13.29
N ILE B 258 18.01 33.91 13.91
CA ILE B 258 16.60 34.21 14.10
C ILE B 258 15.91 34.36 12.76
N LEU B 259 16.66 34.74 11.71
CA LEU B 259 16.10 34.88 10.38
C LEU B 259 15.70 33.55 9.77
N PHE B 260 15.90 32.46 10.49
CA PHE B 260 15.40 31.15 10.07
C PHE B 260 14.59 30.47 11.17
N CYS B 261 14.16 31.21 12.19
CA CYS B 261 13.14 30.72 13.13
C CYS B 261 11.99 30.05 12.41
N GLU B 262 11.53 30.62 11.29
CA GLU B 262 10.64 29.93 10.37
C GLU B 262 11.30 29.90 9.00
N SER B 263 10.71 29.18 8.06
CA SER B 263 11.39 28.98 6.78
C SER B 263 11.60 30.30 6.05
N ASN B 264 12.84 30.53 5.65
CA ASN B 264 13.19 31.68 4.84
C ASN B 264 12.35 31.66 3.56
N PRO B 265 11.78 32.81 3.11
CA PRO B 265 11.92 34.19 3.58
C PRO B 265 10.86 34.73 4.56
N ILE B 266 10.19 33.88 5.33
CA ILE B 266 9.19 34.39 6.28
C ILE B 266 9.83 35.32 7.32
N PRO B 267 10.95 34.96 7.98
CA PRO B 267 11.54 35.92 8.92
C PRO B 267 12.12 37.17 8.29
N ILE B 268 12.81 37.07 7.14
CA ILE B 268 13.47 38.26 6.60
C ILE B 268 12.43 39.28 6.17
N LYS B 269 11.32 38.81 5.58
CA LYS B 269 10.24 39.71 5.19
C LYS B 269 9.60 40.35 6.41
N THR B 270 9.41 39.56 7.48
CA THR B 270 8.92 40.13 8.73
C THR B 270 9.84 41.23 9.25
N ALA B 271 11.16 41.00 9.18
CA ALA B 271 12.11 42.00 9.63
C ALA B 271 12.08 43.25 8.74
N MET B 272 12.06 43.07 7.41
CA MET B 272 12.00 44.21 6.52
C MET B 272 10.76 45.05 6.80
N TYR B 273 9.63 44.39 7.08
CA TYR B 273 8.40 45.09 7.42
C TYR B 273 8.53 45.83 8.74
N LEU B 274 9.07 45.16 9.76
CA LEU B 274 9.27 45.79 11.07
C LEU B 274 10.20 46.98 10.99
N ALA B 275 11.18 46.96 10.09
CA ALA B 275 12.09 48.08 9.91
C ALA B 275 11.51 49.20 9.08
N GLY B 276 10.31 49.04 8.52
CA GLY B 276 9.76 50.06 7.66
C GLY B 276 10.34 50.08 6.26
N LEU B 277 11.01 49.01 5.85
CA LEU B 277 11.62 48.94 4.53
C LEU B 277 10.65 48.44 3.47
N ILE B 278 9.56 47.79 3.87
CA ILE B 278 8.47 47.43 2.96
C ILE B 278 7.14 47.78 3.61
N GLU B 279 6.13 47.99 2.77
CA GLU B 279 4.84 48.48 3.26
C GLU B 279 3.99 47.39 3.86
N SER B 280 4.02 46.20 3.27
CA SER B 280 3.04 45.18 3.59
C SER B 280 3.74 43.85 3.85
N LEU B 281 3.32 43.18 4.92
CA LEU B 281 3.84 41.85 5.25
C LEU B 281 2.97 40.83 4.53
N GLU B 282 3.23 40.73 3.22
CA GLU B 282 2.47 39.87 2.30
C GLU B 282 3.38 38.81 1.72
N PHE B 283 2.91 37.57 1.76
CA PHE B 283 3.55 36.45 1.07
C PHE B 283 2.55 35.89 0.06
N ARG B 284 3.02 34.98 -0.78
CA ARG B 284 2.12 34.17 -1.59
C ARG B 284 2.05 32.77 -0.99
N LEU B 285 0.84 32.25 -0.84
CA LEU B 285 0.66 30.92 -0.31
C LEU B 285 1.44 29.91 -1.17
N PRO B 286 2.02 28.87 -0.57
CA PRO B 286 1.85 28.44 0.82
C PRO B 286 2.71 29.16 1.88
N LEU B 287 3.44 30.19 1.51
CA LEU B 287 4.11 30.99 2.53
C LEU B 287 3.10 31.96 3.16
N CYS B 288 3.33 32.29 4.43
CA CYS B 288 2.38 33.09 5.19
C CYS B 288 3.13 33.78 6.31
N SER B 289 2.42 34.66 7.02
CA SER B 289 3.00 35.37 8.16
C SER B 289 3.51 34.39 9.23
N PRO B 290 4.53 34.79 10.00
CA PRO B 290 5.02 33.92 11.08
C PRO B 290 4.04 33.90 12.25
N SER B 291 4.29 32.95 13.15
CA SER B 291 3.56 32.90 14.41
C SER B 291 3.76 34.18 15.21
N LYS B 292 2.82 34.44 16.14
CA LYS B 292 2.97 35.58 17.03
C LYS B 292 4.25 35.49 17.87
N GLU B 293 4.74 34.28 18.22
CA GLU B 293 6.02 34.29 18.95
C GLU B 293 7.17 34.69 18.07
N ASN B 294 7.24 34.10 16.90
CA ASN B 294 8.43 34.33 16.11
C ASN B 294 8.46 35.75 15.62
N PHE B 295 7.28 36.33 15.39
CA PHE B 295 7.19 37.76 15.14
C PHE B 295 7.83 38.55 16.26
N ALA B 296 7.52 38.21 17.52
CA ALA B 296 8.07 38.95 18.65
C ALA B 296 9.56 38.69 18.80
N LYS B 297 10.00 37.45 18.55
CA LYS B 297 11.42 37.12 18.69
C LYS B 297 12.24 37.84 17.63
N ILE B 298 11.73 37.94 16.40
CA ILE B 298 12.44 38.68 15.35
C ILE B 298 12.56 40.15 15.74
N GLU B 299 11.46 40.73 16.20
CA GLU B 299 11.47 42.14 16.60
C GLU B 299 12.46 42.40 17.73
N GLU B 300 12.57 41.45 18.66
CA GLU B 300 13.48 41.64 19.79
C GLU B 300 14.94 41.55 19.36
N VAL B 301 15.27 40.59 18.48
CA VAL B 301 16.65 40.44 18.03
C VAL B 301 17.09 41.65 17.19
N MET B 302 16.17 42.25 16.43
CA MET B 302 16.53 43.40 15.59
C MET B 302 17.05 44.56 16.40
N LYS B 303 16.60 44.69 17.66
CA LYS B 303 16.93 45.85 18.49
C LYS B 303 18.42 46.05 18.68
N LYS B 304 19.21 44.99 18.52
CA LYS B 304 20.65 45.03 18.76
C LYS B 304 21.46 45.48 17.54
N TYR B 305 20.80 45.78 16.42
CA TYR B 305 21.51 46.09 15.18
C TYR B 305 21.09 47.45 14.63
N LYS B 306 22.02 48.09 13.95
CA LYS B 306 21.77 49.37 13.30
C LYS B 306 21.35 49.09 11.87
N ILE B 307 20.09 49.39 11.57
CA ILE B 307 19.46 49.06 10.29
C ILE B 307 19.44 50.31 9.43
N LYS B 308 20.15 50.29 8.32
CA LYS B 308 20.18 51.42 7.41
C LYS B 308 18.80 51.65 6.81
N GLY B 309 18.44 52.92 6.63
CA GLY B 309 17.20 53.29 5.97
C GLY B 309 17.43 53.38 4.48
N PHE B 310 16.68 54.26 3.83
CA PHE B 310 16.83 54.46 2.40
C PHE B 310 17.78 55.63 2.12
N LYS C 15 -17.79 11.08 3.95
CA LYS C 15 -16.94 11.61 2.88
C LYS C 15 -16.89 10.68 1.68
N ASN C 16 -16.85 11.25 0.49
CA ASN C 16 -16.56 10.48 -0.70
C ASN C 16 -15.07 10.16 -0.72
N ILE C 17 -14.72 8.90 -0.99
CA ILE C 17 -13.34 8.45 -0.88
C ILE C 17 -12.94 7.70 -2.14
N ILE C 18 -11.64 7.62 -2.36
CA ILE C 18 -11.05 6.75 -3.39
C ILE C 18 -9.94 5.96 -2.72
N ILE C 19 -10.13 4.65 -2.58
CA ILE C 19 -9.24 3.78 -1.82
C ILE C 19 -8.92 2.54 -2.63
N GLY C 20 -8.33 1.53 -1.99
CA GLY C 20 -8.01 0.29 -2.66
C GLY C 20 -6.62 0.30 -3.28
N ALA C 21 -6.41 -0.65 -4.20
CA ALA C 21 -5.15 -0.80 -4.89
C ALA C 21 -5.06 0.20 -6.05
N MET C 22 -4.06 1.10 -6.00
CA MET C 22 -3.92 2.14 -7.00
C MET C 22 -2.49 2.17 -7.53
N THR C 23 -2.34 2.64 -8.78
CA THR C 23 -1.05 2.62 -9.46
C THR C 23 -0.65 4.04 -9.84
N ALA C 24 0.54 4.44 -9.41
CA ALA C 24 1.16 5.68 -9.86
C ALA C 24 1.77 5.37 -11.21
N LEU C 25 1.06 5.73 -12.27
CA LEU C 25 1.41 5.34 -13.63
C LEU C 25 2.71 5.97 -14.10
N ILE C 26 3.61 5.17 -14.67
CA ILE C 26 4.70 5.78 -15.41
C ILE C 26 4.15 6.46 -16.66
N THR C 27 4.89 7.44 -17.15
CA THR C 27 4.54 8.13 -18.38
C THR C 27 5.57 7.76 -19.43
N PRO C 28 5.26 6.83 -20.35
CA PRO C 28 6.25 6.42 -21.36
C PRO C 28 6.48 7.51 -22.38
N PHE C 29 7.74 7.68 -22.77
CA PHE C 29 8.14 8.60 -23.84
C PHE C 29 8.65 7.84 -25.05
N LYS C 30 8.39 8.39 -26.23
CA LYS C 30 8.95 7.87 -27.48
C LYS C 30 9.38 9.07 -28.31
N ASN C 31 10.69 9.16 -28.59
CA ASN C 31 11.26 10.31 -29.30
C ASN C 31 10.89 11.62 -28.60
N GLY C 32 10.99 11.61 -27.26
CA GLY C 32 10.75 12.81 -26.49
C GLY C 32 9.30 13.18 -26.29
N LYS C 33 8.37 12.45 -26.87
CA LYS C 33 6.95 12.75 -26.75
C LYS C 33 6.27 11.70 -25.89
N VAL C 34 5.17 12.10 -25.25
CA VAL C 34 4.37 11.15 -24.51
C VAL C 34 3.81 10.14 -25.51
N ASP C 35 4.11 8.86 -25.29
CA ASP C 35 3.59 7.80 -26.15
C ASP C 35 2.16 7.50 -25.73
N GLU C 36 1.20 8.14 -26.42
CA GLU C 36 -0.20 8.06 -26.00
C GLU C 36 -0.78 6.66 -26.19
N GLN C 37 -0.44 5.97 -27.29
CA GLN C 37 -0.93 4.59 -27.45
C GLN C 37 -0.41 3.73 -26.30
N SER C 38 0.90 3.83 -26.00
CA SER C 38 1.49 3.06 -24.92
C SER C 38 0.82 3.39 -23.58
N TYR C 39 0.59 4.67 -23.31
CA TYR C 39 -0.03 5.06 -22.04
C TYR C 39 -1.39 4.37 -21.87
N ALA C 40 -2.23 4.39 -22.91
CA ALA C 40 -3.53 3.74 -22.81
C ALA C 40 -3.39 2.24 -22.63
N ARG C 41 -2.46 1.61 -23.35
CA ARG C 41 -2.28 0.16 -23.22
C ARG C 41 -1.81 -0.23 -21.82
N LEU C 42 -0.94 0.58 -21.20
CA LEU C 42 -0.51 0.29 -19.83
C LEU C 42 -1.66 0.47 -18.84
N ILE C 43 -2.52 1.42 -19.05
CA ILE C 43 -3.64 1.61 -18.16
C ILE C 43 -4.61 0.43 -18.26
N LYS C 44 -4.87 -0.02 -19.48
CA LYS C 44 -5.73 -1.16 -19.69
C LYS C 44 -5.18 -2.39 -18.94
N ARG C 45 -3.88 -2.57 -19.02
CA ARG C 45 -3.23 -3.64 -18.34
C ARG C 45 -3.48 -3.54 -16.85
N GLN C 46 -3.42 -2.35 -16.28
CA GLN C 46 -3.69 -2.19 -14.86
C GLN C 46 -5.14 -2.60 -14.54
N ILE C 47 -6.08 -2.12 -15.34
CA ILE C 47 -7.50 -2.45 -15.12
C ILE C 47 -7.70 -3.96 -15.13
N GLU C 48 -7.10 -4.64 -16.10
CA GLU C 48 -7.33 -6.07 -16.27
C GLU C 48 -6.70 -6.93 -15.18
N ASN C 49 -5.84 -6.35 -14.32
CA ASN C 49 -5.20 -7.10 -13.25
C ASN C 49 -5.69 -6.68 -11.86
N GLY C 50 -6.91 -6.15 -11.79
CA GLY C 50 -7.59 -5.94 -10.53
C GLY C 50 -7.34 -4.61 -9.85
N ILE C 51 -6.72 -3.64 -10.53
CA ILE C 51 -6.43 -2.35 -9.91
C ILE C 51 -7.72 -1.57 -9.74
N ASP C 52 -7.83 -0.86 -8.60
CA ASP C 52 -9.04 -0.09 -8.27
C ASP C 52 -8.99 1.36 -8.73
N ALA C 53 -7.80 1.92 -8.90
CA ALA C 53 -7.69 3.30 -9.35
C ALA C 53 -6.31 3.52 -9.95
N VAL C 54 -6.23 4.50 -10.85
CA VAL C 54 -4.96 4.85 -11.46
C VAL C 54 -4.65 6.30 -11.14
N VAL C 55 -3.36 6.58 -10.91
CA VAL C 55 -2.90 7.91 -10.56
C VAL C 55 -2.05 8.45 -11.71
N PRO C 56 -2.63 9.21 -12.63
CA PRO C 56 -1.81 9.83 -13.68
C PRO C 56 -1.04 11.02 -13.14
N VAL C 57 0.12 11.24 -13.75
CA VAL C 57 1.01 12.39 -13.53
C VAL C 57 1.29 12.64 -12.05
N GLY C 58 1.61 11.56 -11.32
CA GLY C 58 2.20 11.68 -10.00
C GLY C 58 3.71 11.73 -10.12
N THR C 59 4.39 11.49 -8.97
CA THR C 59 5.85 11.47 -8.98
C THR C 59 6.38 10.42 -9.94
N THR C 60 5.84 9.22 -9.88
CA THR C 60 6.28 8.12 -10.75
C THR C 60 6.02 8.43 -12.23
N GLY C 61 5.07 9.32 -12.52
CA GLY C 61 4.76 9.75 -13.87
C GLY C 61 5.55 10.94 -14.35
N GLU C 62 6.60 11.35 -13.61
CA GLU C 62 7.48 12.45 -13.99
C GLU C 62 6.69 13.75 -14.22
N SER C 63 5.79 14.04 -13.29
CA SER C 63 4.99 15.26 -13.37
C SER C 63 5.84 16.51 -13.51
N ALA C 64 7.03 16.54 -12.90
CA ALA C 64 7.84 17.75 -12.88
C ALA C 64 8.26 18.19 -14.28
N THR C 65 8.42 17.24 -15.21
CA THR C 65 8.95 17.57 -16.53
C THR C 65 7.88 17.52 -17.63
N LEU C 66 6.60 17.40 -17.26
CA LEU C 66 5.51 17.42 -18.24
C LEU C 66 4.93 18.82 -18.38
N THR C 67 4.56 19.19 -19.60
CA THR C 67 3.85 20.45 -19.79
C THR C 67 2.42 20.33 -19.27
N HIS C 68 1.76 21.49 -19.12
CA HIS C 68 0.36 21.50 -18.69
C HIS C 68 -0.51 20.72 -19.67
N GLU C 69 -0.20 20.83 -20.97
CA GLU C 69 -0.98 20.13 -21.98
C GLU C 69 -0.69 18.65 -21.98
N GLU C 70 0.53 18.24 -21.60
CA GLU C 70 0.83 16.82 -21.51
C GLU C 70 0.15 16.22 -20.28
N LYS C 71 0.00 17.00 -19.23
CA LYS C 71 -0.70 16.54 -18.06
C LYS C 71 -2.17 16.34 -18.39
N ARG C 72 -2.75 17.25 -19.14
CA ARG C 72 -4.14 17.15 -19.56
C ARG C 72 -4.27 15.90 -20.38
N THR C 73 -3.34 15.69 -21.27
CA THR C 73 -3.36 14.55 -22.15
C THR C 73 -3.37 13.23 -21.39
N CYS C 74 -2.49 13.11 -20.41
CA CYS C 74 -2.39 11.87 -19.66
C CYS C 74 -3.60 11.65 -18.78
N ILE C 75 -4.12 12.72 -18.19
CA ILE C 75 -5.34 12.62 -17.38
C ILE C 75 -6.52 12.20 -18.25
N GLU C 76 -6.62 12.79 -19.46
CA GLU C 76 -7.73 12.46 -20.35
C GLU C 76 -7.66 11.01 -20.82
N ILE C 77 -6.47 10.53 -21.16
CA ILE C 77 -6.35 9.13 -21.54
C ILE C 77 -6.74 8.21 -20.38
N ALA C 78 -6.33 8.57 -19.16
CA ALA C 78 -6.72 7.79 -17.99
C ALA C 78 -8.23 7.78 -17.82
N VAL C 79 -8.86 8.95 -17.93
CA VAL C 79 -10.32 9.03 -17.81
C VAL C 79 -10.98 8.20 -18.89
N GLU C 80 -10.52 8.35 -20.13
CA GLU C 80 -11.13 7.64 -21.25
C GLU C 80 -10.95 6.13 -21.13
N THR C 81 -9.76 5.68 -20.70
CA THR C 81 -9.50 4.25 -20.63
C THR C 81 -10.29 3.59 -19.50
N CYS C 82 -10.63 4.33 -18.45
CA CYS C 82 -11.38 3.79 -17.32
C CYS C 82 -12.89 3.83 -17.53
N LYS C 83 -13.37 4.44 -18.61
CA LYS C 83 -14.80 4.49 -18.85
C LYS C 83 -15.38 3.09 -19.00
N GLY C 84 -16.56 2.89 -18.42
CA GLY C 84 -17.18 1.58 -18.47
C GLY C 84 -16.62 0.57 -17.49
N THR C 85 -15.71 0.97 -16.61
CA THR C 85 -15.20 0.12 -15.55
C THR C 85 -15.40 0.79 -14.19
N LYS C 86 -15.10 0.04 -13.14
CA LYS C 86 -15.11 0.56 -11.78
C LYS C 86 -13.85 1.33 -11.42
N VAL C 87 -12.86 1.34 -12.29
CA VAL C 87 -11.56 1.91 -11.98
C VAL C 87 -11.66 3.43 -12.02
N LYS C 88 -11.19 4.09 -10.97
CA LYS C 88 -11.26 5.53 -10.85
C LYS C 88 -9.93 6.18 -11.24
N VAL C 89 -9.98 7.48 -11.49
CA VAL C 89 -8.81 8.27 -11.85
C VAL C 89 -8.57 9.25 -10.72
N LEU C 90 -7.48 9.07 -9.99
CA LEU C 90 -7.04 9.99 -8.94
C LEU C 90 -5.84 10.75 -9.49
N ALA C 91 -6.12 11.95 -10.02
CA ALA C 91 -5.13 12.68 -10.81
C ALA C 91 -4.13 13.42 -9.93
N GLY C 92 -2.85 13.28 -10.24
CA GLY C 92 -1.86 14.13 -9.61
C GLY C 92 -2.10 15.57 -10.02
N ALA C 93 -2.20 16.49 -9.05
CA ALA C 93 -2.55 17.88 -9.38
C ALA C 93 -2.00 18.84 -8.32
N GLY C 94 -0.78 18.63 -7.88
CA GLY C 94 -0.19 19.43 -6.83
C GLY C 94 0.79 20.46 -7.37
N SER C 95 1.15 21.37 -6.48
CA SER C 95 2.12 22.40 -6.80
C SER C 95 2.64 22.98 -5.49
N ASN C 96 3.86 23.51 -5.53
CA ASN C 96 4.37 24.25 -4.40
C ASN C 96 3.91 25.72 -4.42
N ALA C 97 3.07 26.08 -5.37
CA ALA C 97 2.45 27.40 -5.43
C ALA C 97 0.95 27.19 -5.33
N THR C 98 0.34 27.78 -4.29
CA THR C 98 -1.07 27.51 -4.02
C THR C 98 -1.97 27.94 -5.17
N HIS C 99 -1.69 29.11 -5.79
CA HIS C 99 -2.49 29.53 -6.93
C HIS C 99 -2.45 28.48 -8.04
N GLU C 100 -1.29 27.87 -8.27
CA GLU C 100 -1.21 26.86 -9.31
C GLU C 100 -1.88 25.56 -8.89
N ALA C 101 -1.70 25.15 -7.63
CA ALA C 101 -2.32 23.91 -7.15
C ALA C 101 -3.84 23.99 -7.21
N VAL C 102 -4.40 25.17 -6.90
CA VAL C 102 -5.85 25.35 -7.03
C VAL C 102 -6.24 25.25 -8.50
N GLY C 103 -5.46 25.90 -9.37
CA GLY C 103 -5.74 25.82 -10.80
C GLY C 103 -5.65 24.41 -11.35
N LEU C 104 -4.61 23.68 -10.95
CA LEU C 104 -4.44 22.30 -11.44
C LEU C 104 -5.55 21.39 -10.95
N ALA C 105 -6.03 21.60 -9.72
CA ALA C 105 -7.15 20.82 -9.21
C ALA C 105 -8.42 21.08 -10.01
N LYS C 106 -8.71 22.35 -10.28
CA LYS C 106 -9.91 22.69 -11.06
C LYS C 106 -9.84 22.11 -12.46
N PHE C 107 -8.63 22.12 -13.06
CA PHE C 107 -8.48 21.55 -14.39
C PHE C 107 -8.62 20.03 -14.36
N ALA C 108 -8.10 19.38 -13.31
CA ALA C 108 -8.25 17.94 -13.19
C ALA C 108 -9.72 17.55 -13.06
N LYS C 109 -10.49 18.35 -12.32
CA LYS C 109 -11.92 18.10 -12.24
C LYS C 109 -12.58 18.28 -13.60
N GLU C 110 -12.24 19.35 -14.31
CA GLU C 110 -12.88 19.63 -15.60
C GLU C 110 -12.61 18.54 -16.63
N HIS C 111 -11.48 17.85 -16.52
CA HIS C 111 -11.15 16.79 -17.48
C HIS C 111 -11.63 15.42 -17.03
N GLY C 112 -12.47 15.37 -16.00
CA GLY C 112 -13.14 14.15 -15.59
C GLY C 112 -12.46 13.28 -14.54
N ALA C 113 -11.45 13.81 -13.83
CA ALA C 113 -10.86 13.03 -12.75
C ALA C 113 -11.88 12.77 -11.64
N ASP C 114 -11.78 11.60 -11.02
CA ASP C 114 -12.64 11.28 -9.88
C ASP C 114 -12.15 11.91 -8.59
N GLY C 115 -10.86 12.18 -8.49
CA GLY C 115 -10.33 12.87 -7.33
C GLY C 115 -8.96 13.37 -7.70
N ILE C 116 -8.31 14.05 -6.75
CA ILE C 116 -6.96 14.53 -7.01
C ILE C 116 -6.04 14.10 -5.87
N LEU C 117 -4.80 13.80 -6.24
CA LEU C 117 -3.71 13.63 -5.30
C LEU C 117 -2.89 14.92 -5.37
N SER C 118 -2.64 15.55 -4.23
CA SER C 118 -2.02 16.87 -4.18
C SER C 118 -0.81 16.83 -3.24
N VAL C 119 0.39 16.84 -3.83
CA VAL C 119 1.62 16.67 -3.06
C VAL C 119 1.89 17.91 -2.22
N ALA C 120 2.47 17.69 -1.04
CA ALA C 120 2.84 18.81 -0.19
C ALA C 120 3.86 19.69 -0.92
N PRO C 121 3.73 21.02 -0.82
CA PRO C 121 4.68 21.92 -1.51
C PRO C 121 6.13 21.56 -1.26
N TYR C 122 6.86 21.38 -2.35
CA TYR C 122 8.27 21.07 -2.36
C TYR C 122 9.10 22.35 -2.39
N TYR C 123 10.33 22.26 -1.89
CA TYR C 123 11.34 23.31 -2.05
C TYR C 123 11.12 24.53 -1.17
N ASN C 124 9.92 25.13 -1.14
CA ASN C 124 9.76 26.38 -0.41
C ASN C 124 9.37 26.19 1.07
N LYS C 125 9.20 24.96 1.52
CA LYS C 125 9.07 24.64 2.95
C LYS C 125 8.05 25.50 3.70
N PRO C 126 6.78 25.44 3.34
CA PRO C 126 5.76 26.20 4.10
C PRO C 126 5.69 25.70 5.53
N THR C 127 5.26 26.58 6.42
CA THR C 127 4.98 26.18 7.79
C THR C 127 3.68 25.36 7.83
N GLN C 128 3.41 24.80 9.01
CA GLN C 128 2.18 24.02 9.18
C GLN C 128 0.95 24.88 8.90
N GLN C 129 0.98 26.14 9.35
CA GLN C 129 -0.10 27.09 9.03
C GLN C 129 -0.23 27.28 7.52
N GLY C 130 0.91 27.41 6.82
CA GLY C 130 0.85 27.59 5.38
C GLY C 130 0.31 26.36 4.66
N LEU C 131 0.70 25.17 5.13
CA LEU C 131 0.19 23.94 4.54
C LEU C 131 -1.31 23.81 4.72
N TYR C 132 -1.82 24.16 5.90
CA TYR C 132 -3.26 24.15 6.12
C TYR C 132 -3.99 25.07 5.14
N GLU C 133 -3.51 26.31 5.03
CA GLU C 133 -4.14 27.26 4.11
C GLU C 133 -3.97 26.81 2.66
N HIS C 134 -2.81 26.23 2.35
CA HIS C 134 -2.59 25.69 1.01
C HIS C 134 -3.68 24.69 0.66
N TYR C 135 -3.85 23.67 1.50
CA TYR C 135 -4.76 22.60 1.17
C TYR C 135 -6.22 23.02 1.31
N LYS C 136 -6.52 23.95 2.20
CA LYS C 136 -7.89 24.43 2.34
C LYS C 136 -8.33 25.16 1.07
N ALA C 137 -7.42 25.92 0.47
CA ALA C 137 -7.71 26.58 -0.80
C ALA C 137 -7.98 25.57 -1.89
N ILE C 138 -7.15 24.52 -1.95
CA ILE C 138 -7.33 23.48 -2.97
C ILE C 138 -8.69 22.80 -2.78
N ALA C 139 -8.99 22.40 -1.54
CA ALA C 139 -10.22 21.64 -1.28
C ALA C 139 -11.46 22.46 -1.59
N GLN C 140 -11.45 23.75 -1.27
CA GLN C 140 -12.59 24.59 -1.53
C GLN C 140 -12.79 24.90 -3.01
N SER C 141 -11.81 24.58 -3.85
CA SER C 141 -11.87 24.94 -5.25
C SER C 141 -12.62 23.92 -6.10
N VAL C 142 -12.80 22.69 -5.59
CA VAL C 142 -13.46 21.62 -6.32
C VAL C 142 -14.41 20.90 -5.36
N ASP C 143 -15.21 20.00 -5.91
CA ASP C 143 -16.14 19.21 -5.11
C ASP C 143 -15.88 17.71 -5.26
N ILE C 144 -14.64 17.33 -5.55
CA ILE C 144 -14.26 15.94 -5.70
C ILE C 144 -13.26 15.63 -4.60
N PRO C 145 -13.08 14.34 -4.25
CA PRO C 145 -12.18 14.00 -3.14
C PRO C 145 -10.75 14.47 -3.35
N VAL C 146 -10.11 14.84 -2.26
CA VAL C 146 -8.73 15.32 -2.25
C VAL C 146 -7.93 14.44 -1.29
N LEU C 147 -6.88 13.81 -1.80
CA LEU C 147 -5.98 13.01 -0.99
C LEU C 147 -4.67 13.76 -0.83
N LEU C 148 -4.31 14.09 0.42
CA LEU C 148 -3.01 14.68 0.69
C LEU C 148 -1.89 13.68 0.37
N TYR C 149 -0.69 14.19 0.21
CA TYR C 149 0.47 13.39 -0.18
C TYR C 149 1.69 13.93 0.56
N ASN C 150 2.21 13.14 1.49
CA ASN C 150 3.34 13.50 2.33
C ASN C 150 4.58 12.70 1.91
N VAL C 151 5.60 13.39 1.41
CA VAL C 151 6.83 12.70 1.01
C VAL C 151 8.03 13.58 1.35
N PRO C 152 8.42 13.63 2.63
CA PRO C 152 9.42 14.63 3.06
C PRO C 152 10.78 14.45 2.42
N GLY C 153 11.18 13.23 2.08
CA GLY C 153 12.46 13.03 1.41
C GLY C 153 12.55 13.75 0.08
N ARG C 154 11.41 14.01 -0.57
CA ARG C 154 11.37 14.72 -1.84
C ARG C 154 11.01 16.20 -1.70
N THR C 155 10.14 16.55 -0.75
CA THR C 155 9.66 17.93 -0.64
C THR C 155 10.48 18.80 0.30
N GLY C 156 11.17 18.21 1.27
CA GLY C 156 11.82 19.04 2.27
C GLY C 156 10.90 19.52 3.36
N CYS C 157 9.63 19.11 3.35
CA CYS C 157 8.70 19.51 4.38
C CYS C 157 7.89 18.28 4.79
N GLU C 158 7.26 18.38 5.95
CA GLU C 158 6.40 17.34 6.50
C GLU C 158 5.04 17.93 6.85
N ILE C 159 3.96 17.29 6.40
CA ILE C 159 2.64 17.61 6.93
C ILE C 159 2.48 16.89 8.25
N SER C 160 2.44 17.65 9.35
CA SER C 160 2.30 17.04 10.66
C SER C 160 0.98 16.27 10.74
N THR C 161 0.95 15.31 11.67
CA THR C 161 -0.28 14.59 11.99
C THR C 161 -1.41 15.55 12.34
N ASP C 162 -1.11 16.55 13.17
CA ASP C 162 -2.14 17.51 13.57
C ASP C 162 -2.70 18.26 12.37
N THR C 163 -1.83 18.67 11.44
CA THR C 163 -2.28 19.40 10.27
C THR C 163 -3.16 18.50 9.39
N ILE C 164 -2.76 17.24 9.20
CA ILE C 164 -3.55 16.30 8.40
C ILE C 164 -4.95 16.15 9.02
N ILE C 165 -5.01 15.95 10.33
CA ILE C 165 -6.30 15.72 10.99
C ILE C 165 -7.17 16.96 10.91
N LYS C 166 -6.59 18.14 11.12
CA LYS C 166 -7.35 19.38 10.99
C LYS C 166 -7.92 19.51 9.59
N LEU C 167 -7.11 19.23 8.57
CA LEU C 167 -7.59 19.32 7.19
C LEU C 167 -8.69 18.30 6.94
N PHE C 168 -8.51 17.08 7.42
CA PHE C 168 -9.53 16.05 7.27
C PHE C 168 -10.85 16.49 7.92
N ARG C 169 -10.77 17.09 9.10
CA ARG C 169 -11.99 17.45 9.81
C ARG C 169 -12.60 18.76 9.31
N ASP C 170 -11.80 19.69 8.79
CA ASP C 170 -12.31 21.00 8.44
C ASP C 170 -12.77 21.13 7.00
N CYS C 171 -12.28 20.28 6.11
CA CYS C 171 -12.57 20.40 4.68
C CYS C 171 -13.25 19.11 4.24
N GLU C 172 -14.48 19.22 3.73
CA GLU C 172 -15.29 18.06 3.43
C GLU C 172 -14.58 17.12 2.46
N ASN C 173 -13.92 17.68 1.43
CA ASN C 173 -13.32 16.92 0.34
C ASN C 173 -12.07 16.16 0.73
N ILE C 174 -11.36 16.58 1.77
CA ILE C 174 -10.09 15.95 2.14
C ILE C 174 -10.40 14.71 2.97
N TYR C 175 -10.01 13.54 2.47
CA TYR C 175 -10.42 12.29 3.08
C TYR C 175 -9.27 11.41 3.57
N GLY C 176 -8.02 11.80 3.38
CA GLY C 176 -6.91 11.00 3.87
C GLY C 176 -5.57 11.54 3.39
N VAL C 177 -4.55 10.69 3.50
CA VAL C 177 -3.19 11.05 3.12
C VAL C 177 -2.43 9.85 2.56
N KPI C 178 -1.68 10.08 1.49
CA KPI C 178 -0.72 9.12 0.99
CB KPI C 178 -0.53 9.17 -0.55
CG KPI C 178 0.64 8.37 -1.10
CD KPI C 178 1.06 8.97 -2.42
CE KPI C 178 1.79 8.01 -3.37
NZ KPI C 178 2.49 8.65 -4.45
CX1 KPI C 178 3.09 8.02 -5.41
C1 KPI C 178 4.01 6.85 -5.31
CX2 KPI C 178 3.44 8.80 -6.66
O1 KPI C 178 2.82 10.00 -6.82
O2 KPI C 178 4.24 8.44 -7.55
C KPI C 178 0.62 9.40 1.68
O KPI C 178 1.25 10.45 1.53
N GLU C 179 1.06 8.44 2.49
CA GLU C 179 2.32 8.57 3.25
C GLU C 179 3.47 7.85 2.61
N ALA C 180 4.54 8.61 2.31
CA ALA C 180 5.81 8.06 1.83
C ALA C 180 6.89 8.63 2.73
N SER C 181 6.89 8.19 4.00
CA SER C 181 7.73 8.79 5.03
C SER C 181 8.51 7.77 5.83
N GLY C 182 8.40 6.47 5.52
CA GLY C 182 9.13 5.46 6.26
C GLY C 182 8.93 5.52 7.75
N ASN C 183 7.73 5.87 8.18
CA ASN C 183 7.49 6.23 9.58
C ASN C 183 6.19 5.57 10.06
N ILE C 184 6.29 4.30 10.47
CA ILE C 184 5.09 3.59 10.91
C ILE C 184 4.55 4.16 12.22
N ASP C 185 5.41 4.79 13.04
CA ASP C 185 4.92 5.48 14.23
C ASP C 185 3.88 6.54 13.84
N LYS C 186 4.19 7.35 12.82
CA LYS C 186 3.24 8.37 12.36
C LYS C 186 1.94 7.74 11.85
N CYS C 187 2.04 6.59 11.18
CA CYS C 187 0.83 5.90 10.72
C CYS C 187 -0.04 5.47 11.89
N VAL C 188 0.60 5.05 13.01
CA VAL C 188 -0.16 4.77 14.22
C VAL C 188 -0.76 6.06 14.78
N ASP C 189 0.04 7.12 14.85
CA ASP C 189 -0.44 8.40 15.36
C ASP C 189 -1.67 8.89 14.62
N LEU C 190 -1.64 8.80 13.28
CA LEU C 190 -2.75 9.29 12.46
C LEU C 190 -4.03 8.53 12.75
N LEU C 191 -4.00 7.21 12.62
CA LEU C 191 -5.21 6.42 12.75
C LEU C 191 -5.65 6.23 14.20
N ALA C 192 -4.73 6.41 15.16
CA ALA C 192 -5.15 6.35 16.56
C ALA C 192 -5.94 7.59 16.96
N HIS C 193 -5.62 8.75 16.39
CA HIS C 193 -6.31 9.99 16.73
C HIS C 193 -7.43 10.37 15.76
N GLU C 194 -7.41 9.86 14.53
CA GLU C 194 -8.46 10.11 13.55
C GLU C 194 -8.71 8.83 12.77
N PRO C 195 -9.41 7.86 13.36
CA PRO C 195 -9.62 6.57 12.68
C PRO C 195 -10.56 6.65 11.48
N ARG C 196 -11.19 7.80 11.22
CA ARG C 196 -12.09 7.91 10.07
C ARG C 196 -11.36 8.26 8.78
N MET C 197 -10.08 8.66 8.83
CA MET C 197 -9.35 9.05 7.64
C MET C 197 -8.87 7.81 6.88
N MET C 198 -8.60 8.01 5.59
CA MET C 198 -8.09 6.95 4.71
C MET C 198 -6.58 7.13 4.57
N LEU C 199 -5.82 6.32 5.30
CA LEU C 199 -4.37 6.29 5.14
C LEU C 199 -4.00 5.38 3.99
N ILE C 200 -3.19 5.89 3.06
CA ILE C 200 -2.82 5.19 1.84
C ILE C 200 -1.31 5.02 1.84
N SER C 201 -0.85 3.79 1.61
CA SER C 201 0.60 3.56 1.56
C SER C 201 1.19 4.11 0.27
N GLY C 202 2.21 4.96 0.41
CA GLY C 202 2.98 5.41 -0.74
C GLY C 202 4.38 4.83 -0.74
N GLU C 203 4.55 3.67 -0.10
CA GLU C 203 5.86 3.06 0.10
C GLU C 203 5.64 1.56 0.01
N ASP C 204 5.98 0.98 -1.15
CA ASP C 204 5.56 -0.38 -1.47
C ASP C 204 6.07 -1.41 -0.47
N ALA C 205 7.31 -1.28 -0.02
CA ALA C 205 7.90 -2.29 0.86
C ALA C 205 7.11 -2.46 2.15
N ILE C 206 6.43 -1.40 2.61
CA ILE C 206 5.68 -1.50 3.86
C ILE C 206 4.18 -1.40 3.58
N ASN C 207 3.75 -1.82 2.39
CA ASN C 207 2.32 -1.84 2.08
C ASN C 207 1.53 -2.61 3.15
N TYR C 208 1.96 -3.83 3.46
CA TYR C 208 1.19 -4.65 4.41
C TYR C 208 1.18 -4.04 5.81
N PRO C 209 2.30 -3.62 6.41
CA PRO C 209 2.21 -3.00 7.75
C PRO C 209 1.25 -1.82 7.81
N ILE C 210 1.21 -0.99 6.77
CA ILE C 210 0.28 0.14 6.75
C ILE C 210 -1.16 -0.37 6.66
N LEU C 211 -1.41 -1.32 5.76
CA LEU C 211 -2.77 -1.85 5.63
C LEU C 211 -3.23 -2.55 6.90
N SER C 212 -2.34 -3.33 7.54
CA SER C 212 -2.71 -4.06 8.76
C SER C 212 -2.99 -3.14 9.93
N ASN C 213 -2.53 -1.89 9.89
CA ASN C 213 -2.86 -0.93 10.93
C ASN C 213 -4.15 -0.15 10.62
N GLY C 214 -4.86 -0.50 9.55
CA GLY C 214 -6.08 0.18 9.21
C GLY C 214 -5.98 1.07 7.99
N GLY C 215 -4.82 1.16 7.34
CA GLY C 215 -4.75 1.80 6.05
C GLY C 215 -5.68 1.11 5.07
N LYS C 216 -6.20 1.88 4.10
CA LYS C 216 -7.24 1.37 3.22
C LYS C 216 -6.82 1.31 1.76
N GLY C 217 -5.53 1.41 1.47
CA GLY C 217 -5.12 1.32 0.09
C GLY C 217 -3.64 1.60 -0.08
N VAL C 218 -3.21 1.48 -1.33
CA VAL C 218 -1.85 1.76 -1.73
C VAL C 218 -1.88 2.59 -3.00
N ILE C 219 -0.92 3.51 -3.13
CA ILE C 219 -0.64 4.15 -4.41
C ILE C 219 0.78 3.72 -4.75
N SER C 220 0.90 2.77 -5.68
CA SER C 220 2.05 1.89 -5.77
C SER C 220 2.92 2.19 -6.99
N VAL C 221 4.22 1.95 -6.84
CA VAL C 221 5.17 1.94 -7.93
C VAL C 221 5.30 0.53 -8.53
N THR C 222 5.46 -0.46 -7.65
CA THR C 222 5.61 -1.85 -8.08
C THR C 222 4.43 -2.34 -8.92
N SER C 223 3.22 -1.85 -8.62
CA SER C 223 2.06 -2.26 -9.40
C SER C 223 2.21 -1.96 -10.89
N ASN C 224 3.07 -1.01 -11.27
CA ASN C 224 3.33 -0.79 -12.69
C ASN C 224 3.80 -2.08 -13.35
N LEU C 225 4.69 -2.81 -12.68
CA LEU C 225 5.27 -4.05 -13.17
C LEU C 225 4.45 -5.26 -12.79
N LEU C 226 3.96 -5.30 -11.55
CA LEU C 226 3.30 -6.48 -10.99
C LEU C 226 1.91 -6.09 -10.47
N PRO C 227 1.01 -5.66 -11.36
CA PRO C 227 -0.29 -5.15 -10.87
C PRO C 227 -1.13 -6.21 -10.18
N ASP C 228 -1.08 -7.45 -10.67
CA ASP C 228 -1.84 -8.54 -10.07
C ASP C 228 -1.39 -8.81 -8.63
N MET C 229 -0.08 -8.78 -8.39
CA MET C 229 0.40 -9.07 -7.04
C MET C 229 0.04 -7.96 -6.06
N ILE C 230 0.21 -6.70 -6.47
CA ILE C 230 -0.13 -5.58 -5.61
C ILE C 230 -1.64 -5.52 -5.38
N SER C 231 -2.43 -5.84 -6.42
CA SER C 231 -3.88 -5.86 -6.26
C SER C 231 -4.31 -6.94 -5.28
N ALA C 232 -3.75 -8.14 -5.41
CA ALA C 232 -4.12 -9.24 -4.52
C ALA C 232 -3.72 -8.94 -3.07
N LEU C 233 -2.52 -8.42 -2.87
CA LEU C 233 -2.08 -8.00 -1.53
C LEU C 233 -3.08 -7.07 -0.88
N THR C 234 -3.44 -6.00 -1.59
CA THR C 234 -4.32 -4.99 -1.00
C THR C 234 -5.70 -5.56 -0.70
N HIS C 235 -6.23 -6.36 -1.62
CA HIS C 235 -7.58 -6.88 -1.48
C HIS C 235 -7.64 -7.95 -0.40
N PHE C 236 -6.60 -8.78 -0.29
CA PHE C 236 -6.48 -9.68 0.86
C PHE C 236 -6.52 -8.91 2.16
N ALA C 237 -5.73 -7.82 2.24
CA ALA C 237 -5.68 -7.05 3.48
C ALA C 237 -7.03 -6.42 3.80
N LEU C 238 -7.69 -5.86 2.78
CA LEU C 238 -8.99 -5.23 3.00
C LEU C 238 -10.04 -6.25 3.43
N ASP C 239 -9.90 -7.49 3.00
CA ASP C 239 -10.79 -8.57 3.41
C ASP C 239 -10.37 -9.19 4.74
N GLU C 240 -9.38 -8.59 5.41
CA GLU C 240 -8.85 -9.05 6.69
C GLU C 240 -8.21 -10.44 6.60
N ASN C 241 -7.79 -10.86 5.41
CA ASN C 241 -6.93 -12.03 5.26
C ASN C 241 -5.46 -11.61 5.36
N TYR C 242 -5.04 -11.31 6.59
CA TYR C 242 -3.73 -10.72 6.78
C TYR C 242 -2.61 -11.70 6.47
N LYS C 243 -2.84 -12.99 6.66
CA LYS C 243 -1.80 -13.97 6.36
C LYS C 243 -1.45 -13.96 4.88
N GLU C 244 -2.47 -13.86 4.02
CA GLU C 244 -2.23 -13.88 2.58
C GLU C 244 -1.64 -12.56 2.12
N ALA C 245 -2.11 -11.44 2.68
CA ALA C 245 -1.54 -10.14 2.34
C ALA C 245 -0.05 -10.08 2.70
N LYS C 246 0.31 -10.53 3.90
CA LYS C 246 1.72 -10.50 4.32
C LYS C 246 2.58 -11.40 3.44
N LYS C 247 2.04 -12.54 3.00
CA LYS C 247 2.83 -13.45 2.18
C LYS C 247 3.22 -12.79 0.88
N ILE C 248 2.31 -12.04 0.26
CA ILE C 248 2.66 -11.32 -0.96
C ILE C 248 3.60 -10.16 -0.65
N ASN C 249 3.36 -9.45 0.46
CA ASN C 249 4.26 -8.36 0.84
C ASN C 249 5.68 -8.86 1.01
N ASP C 250 5.85 -10.00 1.69
CA ASP C 250 7.19 -10.56 1.89
C ASP C 250 7.83 -10.98 0.58
N GLU C 251 7.07 -11.63 -0.31
CA GLU C 251 7.66 -12.05 -1.57
C GLU C 251 8.08 -10.86 -2.43
N LEU C 252 7.35 -9.75 -2.34
CA LEU C 252 7.63 -8.55 -3.13
C LEU C 252 8.76 -7.70 -2.56
N TYR C 253 9.32 -8.03 -1.39
CA TYR C 253 10.26 -7.11 -0.75
C TYR C 253 11.46 -6.82 -1.65
N ASN C 254 12.03 -7.85 -2.27
CA ASN C 254 13.25 -7.64 -3.06
C ASN C 254 12.99 -6.67 -4.21
N ILE C 255 11.90 -6.88 -4.96
CA ILE C 255 11.61 -5.96 -6.07
C ILE C 255 11.17 -4.60 -5.54
N ASN C 256 10.43 -4.56 -4.44
CA ASN C 256 10.03 -3.28 -3.88
C ASN C 256 11.24 -2.41 -3.55
N LYS C 257 12.31 -3.02 -3.05
CA LYS C 257 13.50 -2.26 -2.69
C LYS C 257 14.36 -1.94 -3.91
N ILE C 258 14.56 -2.91 -4.81
CA ILE C 258 15.40 -2.66 -5.98
C ILE C 258 14.78 -1.58 -6.86
N LEU C 259 13.45 -1.42 -6.81
CA LEU C 259 12.82 -0.35 -7.56
C LEU C 259 13.16 1.03 -7.00
N PHE C 260 13.98 1.09 -5.95
CA PHE C 260 14.49 2.36 -5.45
C PHE C 260 16.02 2.34 -5.30
N CYS C 261 16.72 1.36 -5.88
CA CYS C 261 18.17 1.46 -6.04
C CYS C 261 18.61 2.83 -6.56
N GLU C 262 17.88 3.38 -7.54
CA GLU C 262 18.02 4.75 -7.97
C GLU C 262 16.67 5.44 -7.83
N SER C 263 16.67 6.76 -8.01
CA SER C 263 15.47 7.53 -7.72
C SER C 263 14.31 7.11 -8.61
N ASN C 264 13.19 6.78 -7.98
CA ASN C 264 11.95 6.52 -8.69
C ASN C 264 11.58 7.74 -9.52
N PRO C 265 11.18 7.58 -10.80
CA PRO C 265 10.92 6.31 -11.50
C PRO C 265 12.05 5.72 -12.37
N ILE C 266 13.33 5.97 -12.09
CA ILE C 266 14.37 5.38 -12.92
C ILE C 266 14.33 3.85 -12.88
N PRO C 267 14.26 3.18 -11.72
CA PRO C 267 14.24 1.70 -11.76
C PRO C 267 12.99 1.11 -12.38
N ILE C 268 11.80 1.67 -12.08
CA ILE C 268 10.57 1.07 -12.57
C ILE C 268 10.48 1.18 -14.08
N LYS C 269 10.92 2.30 -14.65
CA LYS C 269 10.96 2.42 -16.10
C LYS C 269 11.97 1.46 -16.70
N THR C 270 13.12 1.30 -16.04
CA THR C 270 14.09 0.30 -16.44
C THR C 270 13.48 -1.10 -16.44
N ALA C 271 12.72 -1.41 -15.38
CA ALA C 271 12.10 -2.73 -15.29
C ALA C 271 11.03 -2.91 -16.38
N MET C 272 10.17 -1.90 -16.58
CA MET C 272 9.15 -2.01 -17.62
C MET C 272 9.77 -2.26 -18.99
N TYR C 273 10.90 -1.59 -19.26
CA TYR C 273 11.60 -1.78 -20.53
C TYR C 273 12.19 -3.19 -20.61
N LEU C 274 12.84 -3.65 -19.53
CA LEU C 274 13.42 -4.99 -19.55
C LEU C 274 12.35 -6.06 -19.76
N ALA C 275 11.14 -5.82 -19.23
CA ALA C 275 10.03 -6.75 -19.38
C ALA C 275 9.33 -6.61 -20.72
N GLY C 276 9.71 -5.64 -21.55
CA GLY C 276 9.06 -5.45 -22.83
C GLY C 276 7.72 -4.76 -22.79
N LEU C 277 7.37 -4.09 -21.70
CA LEU C 277 6.10 -3.40 -21.57
C LEU C 277 6.13 -1.97 -22.12
N ILE C 278 7.32 -1.40 -22.33
CA ILE C 278 7.47 -0.11 -23.00
C ILE C 278 8.56 -0.26 -24.05
N GLU C 279 8.49 0.59 -25.07
CA GLU C 279 9.34 0.41 -26.26
C GLU C 279 10.76 0.92 -26.04
N SER C 280 10.94 2.04 -25.34
CA SER C 280 12.25 2.66 -25.21
C SER C 280 12.44 3.16 -23.79
N LEU C 281 13.67 3.02 -23.28
CA LEU C 281 14.04 3.49 -21.95
C LEU C 281 14.38 4.98 -22.03
N GLU C 282 13.34 5.81 -22.07
CA GLU C 282 13.46 7.25 -22.24
C GLU C 282 12.94 7.97 -21.01
N PHE C 283 13.74 8.91 -20.49
CA PHE C 283 13.33 9.84 -19.45
C PHE C 283 13.42 11.25 -20.00
N ARG C 284 12.90 12.20 -19.23
CA ARG C 284 13.14 13.62 -19.48
C ARG C 284 14.13 14.13 -18.44
N LEU C 285 15.17 14.82 -18.91
CA LEU C 285 16.17 15.35 -18.00
C LEU C 285 15.49 16.27 -16.98
N PRO C 286 15.95 16.29 -15.72
CA PRO C 286 17.21 15.72 -15.22
C PRO C 286 17.19 14.22 -14.90
N LEU C 287 16.10 13.50 -15.17
CA LEU C 287 16.13 12.04 -15.03
C LEU C 287 16.83 11.42 -16.24
N CYS C 288 17.46 10.27 -16.03
CA CYS C 288 18.27 9.65 -17.06
C CYS C 288 18.34 8.14 -16.77
N SER C 289 18.98 7.40 -17.69
CA SER C 289 19.17 5.97 -17.52
C SER C 289 19.95 5.64 -16.24
N PRO C 290 19.68 4.48 -15.63
CA PRO C 290 20.45 4.08 -14.45
C PRO C 290 21.87 3.70 -14.86
N SER C 291 22.72 3.57 -13.85
CA SER C 291 24.07 3.05 -14.05
C SER C 291 24.00 1.63 -14.60
N LYS C 292 25.09 1.21 -15.25
CA LYS C 292 25.16 -0.15 -15.78
C LYS C 292 25.04 -1.17 -14.67
N GLU C 293 25.52 -0.85 -13.48
CA GLU C 293 25.46 -1.79 -12.38
C GLU C 293 24.03 -1.92 -11.87
N ASN C 294 23.33 -0.79 -11.72
CA ASN C 294 21.96 -0.84 -11.24
C ASN C 294 21.02 -1.41 -12.29
N PHE C 295 21.30 -1.16 -13.57
CA PHE C 295 20.57 -1.84 -14.64
C PHE C 295 20.65 -3.36 -14.46
N ALA C 296 21.85 -3.87 -14.17
CA ALA C 296 22.03 -5.30 -14.01
C ALA C 296 21.32 -5.80 -12.75
N LYS C 297 21.35 -5.02 -11.67
CA LYS C 297 20.71 -5.46 -10.43
C LYS C 297 19.20 -5.55 -10.59
N ILE C 298 18.60 -4.59 -11.28
CA ILE C 298 17.16 -4.60 -11.53
C ILE C 298 16.78 -5.83 -12.33
N GLU C 299 17.54 -6.10 -13.40
CA GLU C 299 17.30 -7.29 -14.21
C GLU C 299 17.43 -8.57 -13.39
N GLU C 300 18.38 -8.59 -12.45
CA GLU C 300 18.59 -9.79 -11.64
C GLU C 300 17.43 -10.02 -10.67
N VAL C 301 16.93 -8.96 -10.03
CA VAL C 301 15.83 -9.11 -9.08
C VAL C 301 14.54 -9.52 -9.77
N MET C 302 14.33 -9.04 -11.00
CA MET C 302 13.10 -9.35 -11.72
C MET C 302 12.93 -10.85 -11.98
N LYS C 303 14.04 -11.59 -12.04
CA LYS C 303 13.99 -12.98 -12.48
C LYS C 303 13.08 -13.86 -11.61
N LYS C 304 12.87 -13.49 -10.35
CA LYS C 304 12.10 -14.31 -9.43
C LYS C 304 10.59 -14.04 -9.50
N TYR C 305 10.13 -13.16 -10.38
CA TYR C 305 8.73 -12.76 -10.40
C TYR C 305 8.11 -13.02 -11.77
N LYS C 306 6.82 -13.34 -11.75
CA LYS C 306 6.05 -13.58 -12.97
C LYS C 306 5.41 -12.26 -13.38
N ILE C 307 5.83 -11.72 -14.51
CA ILE C 307 5.41 -10.40 -14.96
C ILE C 307 4.32 -10.58 -16.00
N LYS C 308 3.12 -10.11 -15.69
CA LYS C 308 2.01 -10.22 -16.63
C LYS C 308 2.32 -9.39 -17.87
N GLY C 309 1.89 -9.91 -19.01
CA GLY C 309 2.02 -9.21 -20.27
C GLY C 309 0.81 -8.34 -20.52
N PHE C 310 0.47 -8.17 -21.79
CA PHE C 310 -0.69 -7.40 -22.15
C PHE C 310 -1.92 -8.28 -22.34
N LYS D 15 15.40 -24.04 17.88
CA LYS D 15 16.01 -23.18 18.90
C LYS D 15 15.10 -22.98 20.11
N ASN D 16 15.69 -22.90 21.30
CA ASN D 16 14.96 -22.48 22.49
C ASN D 16 14.78 -20.98 22.48
N ILE D 17 13.56 -20.51 22.77
CA ILE D 17 13.22 -19.11 22.60
C ILE D 17 12.58 -18.56 23.87
N ILE D 18 12.64 -17.24 24.00
CA ILE D 18 11.91 -16.50 25.04
C ILE D 18 11.16 -15.38 24.32
N ILE D 19 9.83 -15.49 24.28
CA ILE D 19 9.02 -14.58 23.49
C ILE D 19 7.83 -14.10 24.31
N GLY D 20 6.88 -13.44 23.66
CA GLY D 20 5.70 -12.96 24.32
C GLY D 20 5.87 -11.56 24.89
N ALA D 21 4.97 -11.21 25.80
CA ALA D 21 4.97 -9.89 26.41
C ALA D 21 6.02 -9.85 27.51
N MET D 22 6.99 -8.96 27.39
CA MET D 22 8.08 -8.86 28.35
C MET D 22 8.28 -7.41 28.78
N THR D 23 8.78 -7.24 30.00
CA THR D 23 8.94 -5.92 30.61
C THR D 23 10.42 -5.66 30.88
N ALA D 24 10.93 -4.55 30.37
CA ALA D 24 12.25 -4.04 30.77
C ALA D 24 12.06 -3.34 32.11
N LEU D 25 12.39 -4.03 33.20
CA LEU D 25 12.06 -3.57 34.55
C LEU D 25 12.85 -2.32 34.93
N ILE D 26 12.14 -1.32 35.49
CA ILE D 26 12.85 -0.23 36.16
C ILE D 26 13.57 -0.77 37.39
N THR D 27 14.63 -0.07 37.78
CA THR D 27 15.37 -0.40 39.00
C THR D 27 15.11 0.69 40.02
N PRO D 28 14.24 0.47 40.99
CA PRO D 28 13.97 1.52 41.98
C PRO D 28 15.15 1.69 42.92
N PHE D 29 15.48 2.94 43.20
CA PHE D 29 16.51 3.25 44.18
C PHE D 29 15.85 3.87 45.41
N LYS D 30 16.44 3.60 46.57
CA LYS D 30 16.03 4.23 47.81
C LYS D 30 17.28 4.63 48.58
N ASN D 31 17.44 5.94 48.79
CA ASN D 31 18.64 6.47 49.44
C ASN D 31 19.88 5.96 48.74
N GLY D 32 19.86 5.97 47.43
CA GLY D 32 21.00 5.57 46.64
C GLY D 32 21.20 4.08 46.47
N LYS D 33 20.39 3.20 47.08
CA LYS D 33 20.60 1.78 46.84
C LYS D 33 19.36 1.16 46.22
N VAL D 34 19.60 0.02 45.56
CA VAL D 34 18.53 -0.76 44.96
C VAL D 34 17.56 -1.17 46.04
N ASP D 35 16.30 -0.80 45.86
CA ASP D 35 15.24 -1.18 46.78
C ASP D 35 14.82 -2.59 46.41
N GLU D 36 15.44 -3.55 47.09
CA GLU D 36 15.22 -4.95 46.75
C GLU D 36 13.78 -5.39 47.02
N GLN D 37 13.12 -4.95 48.10
CA GLN D 37 11.71 -5.36 48.24
C GLN D 37 10.87 -4.77 47.12
N SER D 38 11.03 -3.46 46.84
CA SER D 38 10.25 -2.83 45.77
C SER D 38 10.45 -3.58 44.47
N TYR D 39 11.69 -3.94 44.16
CA TYR D 39 12.01 -4.69 42.95
C TYR D 39 11.25 -6.00 42.92
N ALA D 40 11.22 -6.72 44.03
CA ALA D 40 10.49 -7.96 44.11
C ALA D 40 9.01 -7.75 43.97
N ARG D 41 8.50 -6.73 44.64
CA ARG D 41 7.11 -6.37 44.64
C ARG D 41 6.63 -6.00 43.23
N LEU D 42 7.50 -5.31 42.50
CA LEU D 42 7.22 -4.92 41.16
C LEU D 42 7.18 -6.13 40.22
N ILE D 43 8.00 -7.11 40.44
CA ILE D 43 8.01 -8.27 39.55
C ILE D 43 6.78 -9.13 39.74
N LYS D 44 6.36 -9.37 41.00
CA LYS D 44 5.15 -10.18 41.18
C LYS D 44 3.95 -9.47 40.58
N ARG D 45 3.93 -8.14 40.64
CA ARG D 45 2.87 -7.37 40.02
C ARG D 45 2.84 -7.59 38.50
N GLN D 46 4.03 -7.69 37.88
CA GLN D 46 4.08 -8.03 36.45
C GLN D 46 3.52 -9.44 36.23
N ILE D 47 3.94 -10.39 37.07
CA ILE D 47 3.45 -11.77 36.96
C ILE D 47 1.93 -11.82 37.07
N GLU D 48 1.36 -11.07 38.01
CA GLU D 48 -0.07 -11.10 38.24
C GLU D 48 -0.87 -10.48 37.10
N ASN D 49 -0.23 -9.78 36.18
CA ASN D 49 -0.93 -9.13 35.07
C ASN D 49 -0.57 -9.72 33.71
N GLY D 50 -0.17 -10.98 33.66
CA GLY D 50 -0.08 -11.71 32.41
C GLY D 50 1.21 -11.58 31.64
N ILE D 51 2.26 -10.99 32.21
CA ILE D 51 3.53 -10.84 31.52
C ILE D 51 4.18 -12.21 31.37
N ASP D 52 4.85 -12.43 30.23
CA ASP D 52 5.47 -13.73 29.96
C ASP D 52 6.93 -13.81 30.38
N ALA D 53 7.62 -12.68 30.46
CA ALA D 53 9.02 -12.67 30.87
C ALA D 53 9.40 -11.27 31.36
N VAL D 54 10.38 -11.20 32.24
CA VAL D 54 10.88 -9.93 32.74
C VAL D 54 12.33 -9.80 32.34
N VAL D 55 12.74 -8.56 32.04
CA VAL D 55 14.10 -8.23 31.62
C VAL D 55 14.75 -7.39 32.71
N PRO D 56 15.49 -7.99 33.64
CA PRO D 56 16.20 -7.19 34.62
C PRO D 56 17.41 -6.53 33.97
N VAL D 57 17.80 -5.39 34.52
CA VAL D 57 19.03 -4.65 34.21
C VAL D 57 19.21 -4.46 32.69
N GLY D 58 18.14 -4.03 32.03
CA GLY D 58 18.24 -3.52 30.67
C GLY D 58 18.46 -2.01 30.65
N THR D 59 18.18 -1.41 29.48
CA THR D 59 18.29 0.05 29.39
C THR D 59 17.32 0.73 30.35
N THR D 60 16.09 0.24 30.40
CA THR D 60 15.09 0.82 31.28
C THR D 60 15.47 0.64 32.75
N GLY D 61 16.30 -0.35 33.07
CA GLY D 61 16.78 -0.60 34.40
C GLY D 61 18.06 0.14 34.78
N GLU D 62 18.48 1.11 33.97
CA GLU D 62 19.68 1.92 34.25
C GLU D 62 20.92 1.03 34.41
N SER D 63 21.08 0.09 33.48
CA SER D 63 22.22 -0.84 33.52
C SER D 63 23.56 -0.12 33.58
N ALA D 64 23.67 1.05 32.94
CA ALA D 64 24.95 1.73 32.84
C ALA D 64 25.48 2.15 34.20
N THR D 65 24.61 2.43 35.17
CA THR D 65 25.03 2.97 36.45
C THR D 65 24.93 1.96 37.59
N LEU D 66 24.69 0.69 37.30
CA LEU D 66 24.66 -0.35 38.32
C LEU D 66 26.04 -1.00 38.44
N THR D 67 26.44 -1.32 39.67
CA THR D 67 27.66 -2.08 39.86
C THR D 67 27.44 -3.55 39.46
N HIS D 68 28.48 -4.32 39.30
CA HIS D 68 28.33 -5.73 38.96
C HIS D 68 27.50 -6.49 39.99
N GLU D 69 27.68 -6.16 41.23
CA GLU D 69 26.98 -6.80 42.29
C GLU D 69 25.54 -6.42 42.25
N GLU D 70 25.25 -5.19 41.87
CA GLU D 70 23.87 -4.77 41.80
C GLU D 70 23.16 -5.51 40.67
N LYS D 71 23.84 -5.68 39.56
CA LYS D 71 23.26 -6.47 38.49
C LYS D 71 22.95 -7.89 38.94
N ARG D 72 23.82 -8.46 39.78
CA ARG D 72 23.58 -9.80 40.32
C ARG D 72 22.34 -9.83 41.20
N THR D 73 22.19 -8.83 42.08
CA THR D 73 21.03 -8.83 42.98
C THR D 73 19.72 -8.76 42.21
N CYS D 74 19.67 -7.91 41.17
CA CYS D 74 18.43 -7.70 40.44
C CYS D 74 18.07 -8.93 39.62
N ILE D 75 19.08 -9.56 39.04
CA ILE D 75 18.88 -10.79 38.29
C ILE D 75 18.43 -11.92 39.21
N GLU D 76 19.06 -12.03 40.40
CA GLU D 76 18.68 -13.09 41.33
C GLU D 76 17.26 -12.90 41.86
N ILE D 77 16.89 -11.66 42.18
CA ILE D 77 15.53 -11.38 42.65
C ILE D 77 14.52 -11.72 41.56
N ALA D 78 14.86 -11.40 40.31
CA ALA D 78 13.98 -11.73 39.19
C ALA D 78 13.83 -13.25 39.06
N VAL D 79 14.94 -13.98 39.15
CA VAL D 79 14.89 -15.45 39.04
C VAL D 79 14.05 -16.06 40.17
N GLU D 80 14.33 -15.64 41.42
CA GLU D 80 13.61 -16.24 42.55
C GLU D 80 12.12 -15.88 42.53
N THR D 81 11.80 -14.63 42.16
CA THR D 81 10.39 -14.24 42.16
C THR D 81 9.61 -14.96 41.08
N CYS D 82 10.26 -15.29 39.95
CA CYS D 82 9.56 -15.97 38.86
C CYS D 82 9.53 -17.47 39.03
N LYS D 83 10.22 -18.01 40.03
CA LYS D 83 10.27 -19.43 40.25
C LYS D 83 8.88 -19.98 40.51
N GLY D 84 8.56 -21.12 39.90
CA GLY D 84 7.24 -21.68 40.10
C GLY D 84 6.13 -21.01 39.34
N THR D 85 6.44 -20.03 38.50
CA THR D 85 5.47 -19.45 37.59
C THR D 85 5.99 -19.73 36.19
N LYS D 86 5.19 -19.43 35.18
CA LYS D 86 5.69 -19.63 33.83
C LYS D 86 6.55 -18.46 33.36
N VAL D 87 6.66 -17.40 34.16
CA VAL D 87 7.33 -16.18 33.71
C VAL D 87 8.84 -16.43 33.68
N LYS D 88 9.47 -16.07 32.57
CA LYS D 88 10.89 -16.28 32.37
C LYS D 88 11.67 -15.00 32.65
N VAL D 89 12.98 -15.15 32.81
CA VAL D 89 13.89 -14.06 33.08
C VAL D 89 14.85 -13.92 31.90
N LEU D 90 14.72 -12.84 31.14
CA LEU D 90 15.62 -12.51 30.05
C LEU D 90 16.54 -11.39 30.52
N ALA D 91 17.74 -11.75 30.98
CA ALA D 91 18.62 -10.84 31.69
C ALA D 91 19.38 -9.94 30.74
N GLY D 92 19.40 -8.64 31.06
CA GLY D 92 20.33 -7.75 30.38
C GLY D 92 21.76 -8.12 30.71
N ALA D 93 22.59 -8.31 29.68
CA ALA D 93 23.96 -8.76 29.87
C ALA D 93 24.85 -8.31 28.71
N GLY D 94 24.74 -7.06 28.30
CA GLY D 94 25.52 -6.55 27.19
C GLY D 94 26.70 -5.68 27.64
N SER D 95 27.60 -5.43 26.69
CA SER D 95 28.73 -4.53 26.89
C SER D 95 29.29 -4.17 25.53
N ASN D 96 29.92 -3.00 25.44
CA ASN D 96 30.64 -2.66 24.21
C ASN D 96 32.06 -3.21 24.18
N ALA D 97 32.43 -4.02 25.17
CA ALA D 97 33.70 -4.74 25.18
C ALA D 97 33.39 -6.22 25.17
N THR D 98 33.86 -6.93 24.14
CA THR D 98 33.45 -8.32 23.96
C THR D 98 33.89 -9.19 25.15
N HIS D 99 35.10 -8.99 25.65
CA HIS D 99 35.53 -9.77 26.80
C HIS D 99 34.56 -9.61 27.96
N GLU D 100 34.09 -8.38 28.20
CA GLU D 100 33.15 -8.16 29.29
C GLU D 100 31.77 -8.72 28.96
N ALA D 101 31.31 -8.55 27.72
CA ALA D 101 30.00 -9.07 27.34
C ALA D 101 29.94 -10.59 27.50
N VAL D 102 31.04 -11.27 27.20
CA VAL D 102 31.11 -12.71 27.41
C VAL D 102 31.00 -13.03 28.90
N GLY D 103 31.72 -12.28 29.74
CA GLY D 103 31.64 -12.49 31.18
C GLY D 103 30.24 -12.26 31.74
N LEU D 104 29.59 -11.19 31.31
CA LEU D 104 28.24 -10.90 31.81
C LEU D 104 27.26 -11.98 31.37
N ALA D 105 27.45 -12.52 30.17
CA ALA D 105 26.60 -13.62 29.73
C ALA D 105 26.81 -14.84 30.63
N LYS D 106 28.04 -15.16 30.98
CA LYS D 106 28.28 -16.29 31.86
C LYS D 106 27.71 -16.06 33.25
N PHE D 107 27.89 -14.85 33.73
CA PHE D 107 27.41 -14.41 35.01
C PHE D 107 25.90 -14.58 35.03
N ALA D 108 25.23 -14.10 34.01
CA ALA D 108 23.79 -14.20 33.92
C ALA D 108 23.30 -15.64 33.92
N LYS D 109 23.97 -16.50 33.20
CA LYS D 109 23.57 -17.90 33.20
C LYS D 109 23.72 -18.51 34.58
N GLU D 110 24.83 -18.22 35.26
CA GLU D 110 25.09 -18.85 36.56
C GLU D 110 24.00 -18.54 37.58
N HIS D 111 23.30 -17.42 37.44
CA HIS D 111 22.25 -17.04 38.36
C HIS D 111 20.86 -17.46 37.93
N GLY D 112 20.74 -18.32 36.93
CA GLY D 112 19.46 -18.89 36.63
C GLY D 112 18.63 -18.11 35.63
N ALA D 113 19.21 -17.15 34.92
CA ALA D 113 18.46 -16.51 33.85
C ALA D 113 18.12 -17.54 32.78
N ASP D 114 16.93 -17.39 32.19
CA ASP D 114 16.51 -18.28 31.12
C ASP D 114 17.16 -17.92 29.79
N GLY D 115 17.54 -16.65 29.63
CA GLY D 115 18.23 -16.18 28.43
C GLY D 115 18.84 -14.84 28.74
N ILE D 116 19.50 -14.26 27.74
CA ILE D 116 20.09 -12.94 27.90
C ILE D 116 19.70 -12.03 26.74
N LEU D 117 19.55 -10.75 27.05
CA LEU D 117 19.43 -9.69 26.07
C LEU D 117 20.79 -8.99 25.99
N SER D 118 21.35 -8.88 24.79
CA SER D 118 22.72 -8.40 24.63
C SER D 118 22.77 -7.22 23.65
N VAL D 119 22.93 -6.00 24.20
CA VAL D 119 22.82 -4.80 23.37
C VAL D 119 24.00 -4.71 22.41
N ALA D 120 23.74 -4.16 21.23
CA ALA D 120 24.82 -3.90 20.29
C ALA D 120 25.85 -2.98 20.94
N PRO D 121 27.14 -3.25 20.74
CA PRO D 121 28.18 -2.38 21.33
C PRO D 121 27.97 -0.90 21.04
N TYR D 122 27.92 -0.13 22.12
CA TYR D 122 27.73 1.32 22.06
C TYR D 122 29.08 2.04 22.03
N TYR D 123 29.06 3.24 21.43
CA TYR D 123 30.16 4.20 21.46
C TYR D 123 31.34 3.86 20.54
N ASN D 124 31.85 2.62 20.55
CA ASN D 124 33.03 2.34 19.74
C ASN D 124 32.73 1.91 18.30
N LYS D 125 31.46 1.84 17.91
CA LYS D 125 31.05 1.67 16.52
C LYS D 125 31.77 0.52 15.78
N PRO D 126 31.59 -0.72 16.23
CA PRO D 126 32.20 -1.84 15.50
C PRO D 126 31.65 -1.96 14.09
N THR D 127 32.46 -2.53 13.20
CA THR D 127 32.00 -2.86 11.86
C THR D 127 31.04 -4.06 11.92
N GLN D 128 30.38 -4.35 10.80
CA GLN D 128 29.48 -5.50 10.76
C GLN D 128 30.24 -6.79 11.05
N GLN D 129 31.46 -6.91 10.52
CA GLN D 129 32.32 -8.04 10.83
C GLN D 129 32.59 -8.10 12.34
N GLY D 130 32.86 -6.95 12.95
CA GLY D 130 33.10 -6.93 14.38
C GLY D 130 31.87 -7.30 15.20
N LEU D 131 30.70 -6.83 14.76
CA LEU D 131 29.46 -7.22 15.44
C LEU D 131 29.24 -8.73 15.37
N TYR D 132 29.52 -9.34 14.22
CA TYR D 132 29.39 -10.79 14.09
C TYR D 132 30.30 -11.52 15.07
N GLU D 133 31.57 -11.14 15.12
CA GLU D 133 32.53 -11.80 16.02
C GLU D 133 32.19 -11.54 17.48
N HIS D 134 31.68 -10.34 17.79
CA HIS D 134 31.22 -10.02 19.13
C HIS D 134 30.17 -11.02 19.59
N TYR D 135 29.08 -11.15 18.82
CA TYR D 135 27.96 -11.97 19.25
C TYR D 135 28.26 -13.45 19.14
N LYS D 136 29.13 -13.83 18.19
CA LYS D 136 29.54 -15.22 18.10
C LYS D 136 30.31 -15.62 19.35
N ALA D 137 31.15 -14.72 19.86
CA ALA D 137 31.84 -14.99 21.11
C ALA D 137 30.87 -15.13 22.28
N ILE D 138 29.87 -14.24 22.34
CA ILE D 138 28.87 -14.32 23.41
C ILE D 138 28.08 -15.62 23.31
N ALA D 139 27.57 -15.92 22.10
CA ALA D 139 26.71 -17.09 21.93
C ALA D 139 27.44 -18.38 22.25
N GLN D 140 28.73 -18.46 21.92
CA GLN D 140 29.53 -19.65 22.21
C GLN D 140 29.87 -19.78 23.69
N SER D 141 29.65 -18.76 24.50
CA SER D 141 30.06 -18.81 25.90
C SER D 141 29.05 -19.47 26.82
N VAL D 142 27.78 -19.57 26.41
CA VAL D 142 26.73 -20.17 27.22
C VAL D 142 25.86 -21.06 26.35
N ASP D 143 24.95 -21.78 26.99
CA ASP D 143 24.01 -22.66 26.29
C ASP D 143 22.57 -22.24 26.51
N ILE D 144 22.33 -20.94 26.73
CA ILE D 144 20.98 -20.42 26.92
C ILE D 144 20.70 -19.44 25.79
N PRO D 145 19.43 -19.18 25.48
CA PRO D 145 19.10 -18.33 24.34
C PRO D 145 19.68 -16.92 24.45
N VAL D 146 20.03 -16.35 23.31
CA VAL D 146 20.58 -15.00 23.20
C VAL D 146 19.70 -14.21 22.25
N LEU D 147 19.20 -13.06 22.72
CA LEU D 147 18.44 -12.15 21.91
C LEU D 147 19.30 -10.93 21.62
N LEU D 148 19.53 -10.65 20.35
CA LEU D 148 20.21 -9.43 19.95
C LEU D 148 19.36 -8.21 20.30
N TYR D 149 20.00 -7.05 20.37
CA TYR D 149 19.31 -5.82 20.73
C TYR D 149 19.90 -4.68 19.91
N ASN D 150 19.12 -4.16 18.97
CA ASN D 150 19.53 -3.11 18.04
C ASN D 150 18.79 -1.82 18.42
N VAL D 151 19.55 -0.81 18.85
CA VAL D 151 18.98 0.49 19.21
C VAL D 151 19.98 1.55 18.77
N PRO D 152 20.05 1.84 17.47
CA PRO D 152 21.12 2.70 16.95
C PRO D 152 21.10 4.14 17.46
N GLY D 153 19.94 4.67 17.80
CA GLY D 153 19.90 6.01 18.37
C GLY D 153 20.70 6.12 19.65
N ARG D 154 20.87 5.00 20.37
CA ARG D 154 21.66 4.97 21.59
C ARG D 154 23.08 4.45 21.36
N THR D 155 23.27 3.49 20.46
CA THR D 155 24.58 2.88 20.33
C THR D 155 25.48 3.55 19.30
N GLY D 156 24.91 4.24 18.31
CA GLY D 156 25.72 4.77 17.25
C GLY D 156 26.09 3.76 16.19
N CYS D 157 25.60 2.54 16.27
CA CYS D 157 25.86 1.53 15.27
C CYS D 157 24.54 0.81 15.00
N GLU D 158 24.49 0.13 13.87
CA GLU D 158 23.32 -0.65 13.49
C GLU D 158 23.76 -2.09 13.20
N ILE D 159 23.06 -3.06 13.76
CA ILE D 159 23.21 -4.43 13.30
C ILE D 159 22.39 -4.57 12.01
N SER D 160 23.07 -4.72 10.89
CA SER D 160 22.39 -4.86 9.62
C SER D 160 21.52 -6.10 9.61
N THR D 161 20.53 -6.11 8.72
CA THR D 161 19.70 -7.30 8.52
C THR D 161 20.54 -8.54 8.20
N ASP D 162 21.53 -8.38 7.31
CA ASP D 162 22.39 -9.49 6.93
C ASP D 162 23.16 -10.04 8.12
N THR D 163 23.69 -9.15 8.97
CA THR D 163 24.43 -9.59 10.14
C THR D 163 23.55 -10.33 11.14
N ILE D 164 22.34 -9.80 11.39
CA ILE D 164 21.40 -10.46 12.28
C ILE D 164 21.09 -11.86 11.78
N ILE D 165 20.77 -11.98 10.48
CA ILE D 165 20.36 -13.26 9.91
C ILE D 165 21.51 -14.25 9.94
N LYS D 166 22.71 -13.80 9.60
CA LYS D 166 23.89 -14.67 9.65
C LYS D 166 24.13 -15.19 11.07
N LEU D 167 24.03 -14.32 12.07
CA LEU D 167 24.20 -14.74 13.45
C LEU D 167 23.11 -15.74 13.85
N PHE D 168 21.87 -15.47 13.44
CA PHE D 168 20.78 -16.39 13.71
C PHE D 168 21.04 -17.76 13.09
N ARG D 169 21.57 -17.79 11.87
CA ARG D 169 21.76 -19.07 11.20
C ARG D 169 23.02 -19.79 11.68
N ASP D 170 24.03 -19.04 12.13
CA ASP D 170 25.32 -19.65 12.44
C ASP D 170 25.49 -20.06 13.91
N CYS D 171 24.77 -19.42 14.81
CA CYS D 171 24.90 -19.64 16.23
C CYS D 171 23.62 -20.15 16.86
N GLU D 172 23.70 -21.31 17.49
CA GLU D 172 22.56 -21.96 18.11
C GLU D 172 21.72 -21.15 19.04
N ASN D 173 22.35 -20.48 19.99
CA ASN D 173 21.60 -19.71 20.94
C ASN D 173 20.93 -18.42 20.50
N ILE D 174 21.41 -17.80 19.45
CA ILE D 174 20.85 -16.56 18.94
C ILE D 174 19.57 -16.87 18.19
N TYR D 175 18.44 -16.37 18.69
CA TYR D 175 17.15 -16.72 18.16
C TYR D 175 16.33 -15.55 17.63
N GLY D 176 16.82 -14.32 17.77
CA GLY D 176 16.08 -13.19 17.24
C GLY D 176 16.72 -11.88 17.68
N VAL D 177 15.96 -10.82 17.52
CA VAL D 177 16.44 -9.47 17.80
C VAL D 177 15.32 -8.59 18.34
N KPI D 178 15.65 -7.80 19.38
CA KPI D 178 14.77 -6.76 19.85
CB KPI D 178 14.91 -6.50 21.36
CG KPI D 178 14.32 -5.17 21.81
CD KPI D 178 15.02 -4.73 23.09
CE KPI D 178 14.21 -3.78 23.96
NZ KPI D 178 14.98 -3.07 24.94
CX1 KPI D 178 14.52 -2.35 25.92
C1 KPI D 178 13.43 -1.31 25.92
CX2 KPI D 178 15.39 -2.26 27.16
O1 KPI D 178 15.05 -1.30 28.06
O2 KPI D 178 16.36 -2.95 27.44
C KPI D 178 15.08 -5.48 19.08
O KPI D 178 16.38 -5.09 19.15
N GLU D 179 14.16 -4.99 18.24
CA GLU D 179 14.41 -3.79 17.44
C GLU D 179 13.79 -2.55 18.06
N ALA D 180 14.64 -1.54 18.28
CA ALA D 180 14.22 -0.21 18.73
C ALA D 180 14.83 0.79 17.75
N SER D 181 14.34 0.77 16.51
CA SER D 181 14.97 1.52 15.42
C SER D 181 13.99 2.32 14.57
N GLY D 182 12.71 2.31 14.91
CA GLY D 182 11.71 3.07 14.17
C GLY D 182 11.68 2.78 12.68
N ASN D 183 11.91 1.53 12.28
CA ASN D 183 12.16 1.18 10.88
C ASN D 183 11.35 -0.08 10.55
N ILE D 184 10.06 0.11 10.25
CA ILE D 184 9.24 -1.06 9.96
C ILE D 184 9.70 -1.74 8.68
N ASP D 185 10.33 -0.98 7.77
CA ASP D 185 10.92 -1.58 6.57
C ASP D 185 11.93 -2.66 6.95
N LYS D 186 12.83 -2.34 7.88
CA LYS D 186 13.79 -3.35 8.33
C LYS D 186 13.08 -4.55 8.94
N CYS D 187 11.96 -4.30 9.64
CA CYS D 187 11.19 -5.41 10.21
C CYS D 187 10.62 -6.30 9.12
N VAL D 188 10.18 -5.72 8.01
CA VAL D 188 9.74 -6.55 6.89
C VAL D 188 10.95 -7.28 6.30
N ASP D 189 12.05 -6.56 6.10
CA ASP D 189 13.29 -7.15 5.57
C ASP D 189 13.71 -8.38 6.38
N LEU D 190 13.71 -8.24 7.71
CA LEU D 190 14.16 -9.32 8.58
C LEU D 190 13.29 -10.56 8.41
N LEU D 191 11.98 -10.42 8.57
CA LEU D 191 11.11 -11.59 8.56
C LEU D 191 10.84 -12.10 7.16
N ALA D 192 11.05 -11.30 6.12
CA ALA D 192 10.85 -11.80 4.77
C ALA D 192 11.98 -12.74 4.35
N HIS D 193 13.21 -12.49 4.80
CA HIS D 193 14.35 -13.29 4.41
C HIS D 193 14.71 -14.37 5.42
N GLU D 194 14.32 -14.20 6.68
CA GLU D 194 14.56 -15.21 7.71
C GLU D 194 13.31 -15.28 8.58
N PRO D 195 12.26 -15.95 8.10
CA PRO D 195 10.99 -16.00 8.85
C PRO D 195 11.04 -16.84 10.12
N ARG D 196 12.13 -17.57 10.39
CA ARG D 196 12.20 -18.39 11.60
C ARG D 196 12.65 -17.60 12.82
N MET D 197 13.13 -16.37 12.65
CA MET D 197 13.65 -15.64 13.80
C MET D 197 12.52 -15.01 14.61
N MET D 198 12.82 -14.70 15.87
CA MET D 198 11.89 -14.05 16.77
C MET D 198 12.20 -12.56 16.78
N LEU D 199 11.43 -11.78 16.03
CA LEU D 199 11.54 -10.33 16.07
C LEU D 199 10.73 -9.81 17.25
N ILE D 200 11.37 -9.02 18.10
CA ILE D 200 10.79 -8.52 19.33
C ILE D 200 10.74 -6.99 19.24
N SER D 201 9.57 -6.40 19.49
CA SER D 201 9.47 -4.96 19.42
C SER D 201 10.14 -4.33 20.64
N GLY D 202 11.05 -3.39 20.41
CA GLY D 202 11.63 -2.63 21.50
C GLY D 202 11.16 -1.19 21.50
N GLU D 203 9.97 -0.95 20.94
CA GLU D 203 9.46 0.39 20.71
C GLU D 203 7.95 0.33 20.91
N ASP D 204 7.48 0.79 22.07
CA ASP D 204 6.11 0.51 22.49
C ASP D 204 5.08 1.04 21.51
N ALA D 205 5.29 2.25 20.98
CA ALA D 205 4.29 2.86 20.12
C ALA D 205 3.99 2.01 18.89
N ILE D 206 4.95 1.23 18.41
CA ILE D 206 4.74 0.44 17.21
C ILE D 206 4.73 -1.04 17.53
N ASN D 207 4.35 -1.38 18.78
CA ASN D 207 4.22 -2.77 19.17
C ASN D 207 3.32 -3.53 18.19
N TYR D 208 2.12 -3.01 17.93
CA TYR D 208 1.18 -3.75 17.08
C TYR D 208 1.67 -3.92 15.65
N PRO D 209 2.15 -2.87 14.95
CA PRO D 209 2.67 -3.12 13.58
C PRO D 209 3.75 -4.16 13.53
N ILE D 210 4.65 -4.20 14.51
CA ILE D 210 5.70 -5.23 14.50
C ILE D 210 5.09 -6.61 14.70
N LEU D 211 4.18 -6.74 15.68
CA LEU D 211 3.56 -8.05 15.92
C LEU D 211 2.73 -8.49 14.72
N SER D 212 2.00 -7.55 14.10
CA SER D 212 1.13 -7.89 12.98
C SER D 212 1.94 -8.35 11.76
N ASN D 213 3.22 -8.03 11.67
CA ASN D 213 4.09 -8.53 10.62
C ASN D 213 4.75 -9.87 10.96
N GLY D 214 4.42 -10.48 12.09
CA GLY D 214 5.02 -11.73 12.47
C GLY D 214 5.97 -11.63 13.64
N GLY D 215 6.20 -10.44 14.20
CA GLY D 215 6.92 -10.35 15.45
C GLY D 215 6.26 -11.19 16.53
N LYS D 216 7.07 -11.70 17.45
CA LYS D 216 6.58 -12.68 18.42
C LYS D 216 6.66 -12.20 19.87
N GLY D 217 6.86 -10.91 20.11
CA GLY D 217 6.88 -10.43 21.48
C GLY D 217 7.27 -8.97 21.52
N VAL D 218 7.23 -8.44 22.74
CA VAL D 218 7.66 -7.08 23.01
C VAL D 218 8.52 -7.11 24.26
N ILE D 219 9.51 -6.22 24.30
CA ILE D 219 10.24 -5.91 25.53
C ILE D 219 9.96 -4.44 25.78
N SER D 220 9.06 -4.17 26.74
CA SER D 220 8.30 -2.94 26.78
C SER D 220 8.75 -2.04 27.91
N VAL D 221 8.62 -0.73 27.69
CA VAL D 221 8.76 0.25 28.77
C VAL D 221 7.43 0.50 29.44
N THR D 222 6.40 0.69 28.62
CA THR D 222 5.06 0.99 29.10
C THR D 222 4.50 -0.08 30.04
N SER D 223 4.84 -1.35 29.79
CA SER D 223 4.35 -2.44 30.65
C SER D 223 4.73 -2.25 32.11
N ASN D 224 5.79 -1.49 32.41
CA ASN D 224 6.08 -1.19 33.81
C ASN D 224 4.86 -0.59 34.50
N LEU D 225 4.19 0.34 33.81
CA LEU D 225 3.02 1.03 34.35
C LEU D 225 1.73 0.29 34.05
N LEU D 226 1.57 -0.22 32.83
CA LEU D 226 0.33 -0.84 32.38
C LEU D 226 0.59 -2.26 31.86
N PRO D 227 1.07 -3.16 32.72
CA PRO D 227 1.44 -4.50 32.23
C PRO D 227 0.26 -5.27 31.68
N ASP D 228 -0.92 -5.11 32.29
CA ASP D 228 -2.11 -5.81 31.80
C ASP D 228 -2.44 -5.42 30.37
N MET D 229 -2.31 -4.13 30.03
CA MET D 229 -2.66 -3.69 28.68
C MET D 229 -1.62 -4.14 27.66
N ILE D 230 -0.33 -4.06 27.99
CA ILE D 230 0.71 -4.50 27.08
C ILE D 230 0.68 -6.01 26.88
N SER D 231 0.45 -6.77 27.95
CA SER D 231 0.35 -8.21 27.81
C SER D 231 -0.88 -8.60 26.98
N ALA D 232 -2.03 -7.96 27.23
CA ALA D 232 -3.22 -8.24 26.44
C ALA D 232 -3.00 -7.90 24.96
N LEU D 233 -2.40 -6.74 24.69
CA LEU D 233 -2.07 -6.37 23.31
C LEU D 233 -1.28 -7.49 22.65
N THR D 234 -0.22 -7.95 23.31
CA THR D 234 0.66 -8.95 22.73
C THR D 234 -0.10 -10.26 22.48
N HIS D 235 -0.89 -10.69 23.46
CA HIS D 235 -1.54 -11.99 23.35
C HIS D 235 -2.66 -11.94 22.32
N PHE D 236 -3.39 -10.82 22.26
CA PHE D 236 -4.36 -10.60 21.19
C PHE D 236 -3.70 -10.79 19.83
N ALA D 237 -2.55 -10.14 19.63
CA ALA D 237 -1.85 -10.16 18.34
C ALA D 237 -1.35 -11.56 17.99
N LEU D 238 -0.74 -12.25 18.95
CA LEU D 238 -0.24 -13.61 18.70
C LEU D 238 -1.38 -14.58 18.42
N ASP D 239 -2.56 -14.32 18.96
CA ASP D 239 -3.76 -15.11 18.66
C ASP D 239 -4.46 -14.63 17.40
N GLU D 240 -3.83 -13.72 16.67
CA GLU D 240 -4.33 -13.17 15.41
C GLU D 240 -5.65 -12.43 15.56
N ASN D 241 -5.96 -11.92 16.75
CA ASN D 241 -7.04 -10.94 16.93
C ASN D 241 -6.45 -9.55 16.73
N TYR D 242 -6.21 -9.20 15.46
CA TYR D 242 -5.52 -7.95 15.17
C TYR D 242 -6.38 -6.73 15.49
N LYS D 243 -7.71 -6.86 15.37
CA LYS D 243 -8.56 -5.72 15.67
C LYS D 243 -8.46 -5.31 17.14
N GLU D 244 -8.40 -6.30 18.05
CA GLU D 244 -8.31 -5.98 19.48
C GLU D 244 -6.89 -5.56 19.86
N ALA D 245 -5.88 -6.20 19.27
CA ALA D 245 -4.49 -5.78 19.50
C ALA D 245 -4.28 -4.34 19.02
N LYS D 246 -4.79 -4.00 17.83
CA LYS D 246 -4.63 -2.64 17.33
C LYS D 246 -5.35 -1.64 18.23
N LYS D 247 -6.49 -2.04 18.80
CA LYS D 247 -7.26 -1.14 19.63
C LYS D 247 -6.49 -0.72 20.87
N ILE D 248 -5.81 -1.66 21.53
CA ILE D 248 -5.01 -1.31 22.68
C ILE D 248 -3.80 -0.50 22.26
N ASN D 249 -3.19 -0.87 21.13
CA ASN D 249 -2.05 -0.10 20.62
C ASN D 249 -2.44 1.36 20.40
N ASP D 250 -3.62 1.58 19.81
CA ASP D 250 -4.10 2.93 19.56
C ASP D 250 -4.37 3.66 20.87
N GLU D 251 -5.03 2.99 21.82
CA GLU D 251 -5.32 3.62 23.11
C GLU D 251 -4.04 3.97 23.85
N LEU D 252 -2.99 3.16 23.68
CA LEU D 252 -1.75 3.38 24.40
C LEU D 252 -0.83 4.40 23.74
N TYR D 253 -1.14 4.91 22.55
CA TYR D 253 -0.18 5.75 21.84
C TYR D 253 0.23 6.97 22.67
N ASN D 254 -0.74 7.65 23.29
CA ASN D 254 -0.44 8.88 24.01
C ASN D 254 0.55 8.61 25.15
N ILE D 255 0.29 7.59 25.96
CA ILE D 255 1.23 7.29 27.04
C ILE D 255 2.52 6.71 26.47
N ASN D 256 2.43 5.89 25.42
CA ASN D 256 3.63 5.34 24.79
C ASN D 256 4.58 6.44 24.33
N LYS D 257 4.02 7.56 23.85
CA LYS D 257 4.87 8.66 23.40
C LYS D 257 5.37 9.50 24.57
N ILE D 258 4.48 9.83 25.51
CA ILE D 258 4.88 10.69 26.62
C ILE D 258 5.97 10.04 27.47
N LEU D 259 6.05 8.71 27.47
CA LEU D 259 7.09 8.01 28.21
C LEU D 259 8.47 8.22 27.60
N PHE D 260 8.56 8.95 26.50
CA PHE D 260 9.84 9.34 25.93
C PHE D 260 9.91 10.84 25.69
N CYS D 261 9.00 11.61 26.29
CA CYS D 261 9.18 13.07 26.39
C CYS D 261 10.61 13.40 26.80
N GLU D 262 11.18 12.67 27.77
CA GLU D 262 12.61 12.74 28.02
C GLU D 262 13.16 11.32 27.89
N SER D 263 14.49 11.19 27.95
CA SER D 263 15.11 9.89 27.67
C SER D 263 14.66 8.83 28.66
N ASN D 264 14.19 7.70 28.13
CA ASN D 264 13.85 6.55 28.94
C ASN D 264 15.09 6.11 29.73
N PRO D 265 14.95 5.76 31.03
CA PRO D 265 13.73 5.61 31.83
C PRO D 265 13.32 6.80 32.70
N ILE D 266 13.69 8.04 32.36
CA ILE D 266 13.27 9.18 33.17
C ILE D 266 11.75 9.30 33.22
N PRO D 267 11.02 9.26 32.09
CA PRO D 267 9.55 9.37 32.22
C PRO D 267 8.89 8.18 32.90
N ILE D 268 9.33 6.94 32.62
CA ILE D 268 8.61 5.79 33.18
C ILE D 268 8.77 5.76 34.69
N LYS D 269 9.97 6.06 35.19
CA LYS D 269 10.17 6.10 36.63
C LYS D 269 9.35 7.22 37.27
N THR D 270 9.26 8.36 36.58
CA THR D 270 8.40 9.44 37.04
C THR D 270 6.95 8.97 37.16
N ALA D 271 6.47 8.24 36.15
CA ALA D 271 5.11 7.74 36.18
C ALA D 271 4.92 6.70 37.29
N MET D 272 5.88 5.77 37.42
CA MET D 272 5.78 4.77 38.48
C MET D 272 5.71 5.43 39.85
N TYR D 273 6.50 6.50 40.05
CA TYR D 273 6.44 7.23 41.31
C TYR D 273 5.11 7.95 41.48
N LEU D 274 4.65 8.61 40.42
CA LEU D 274 3.36 9.31 40.47
C LEU D 274 2.22 8.35 40.77
N ALA D 275 2.33 7.12 40.28
CA ALA D 275 1.31 6.11 40.51
C ALA D 275 1.39 5.49 41.89
N GLY D 276 2.40 5.84 42.68
CA GLY D 276 2.56 5.24 43.99
C GLY D 276 3.13 3.85 43.97
N LEU D 277 3.72 3.44 42.84
CA LEU D 277 4.30 2.10 42.73
C LEU D 277 5.73 2.02 43.23
N ILE D 278 6.43 3.14 43.35
CA ILE D 278 7.75 3.17 43.96
C ILE D 278 7.79 4.33 44.97
N GLU D 279 8.72 4.22 45.93
CA GLU D 279 8.83 5.22 46.99
C GLU D 279 9.50 6.52 46.59
N SER D 280 10.62 6.55 45.92
CA SER D 280 11.07 7.91 45.66
C SER D 280 11.60 7.97 44.25
N LEU D 281 11.45 9.15 43.66
CA LEU D 281 11.90 9.39 42.31
C LEU D 281 13.41 9.65 42.29
N GLU D 282 14.17 8.57 42.36
CA GLU D 282 15.63 8.61 42.42
C GLU D 282 16.21 7.96 41.18
N PHE D 283 17.15 8.66 40.55
CA PHE D 283 17.97 8.13 39.47
C PHE D 283 19.42 8.13 39.90
N ARG D 284 20.26 7.49 39.09
CA ARG D 284 21.70 7.63 39.24
C ARG D 284 22.23 8.52 38.11
N LEU D 285 23.04 9.50 38.49
CA LEU D 285 23.59 10.42 37.50
C LEU D 285 24.36 9.63 36.44
N PRO D 286 24.33 10.06 35.16
CA PRO D 286 23.84 11.35 34.65
C PRO D 286 22.33 11.45 34.42
N LEU D 287 21.56 10.43 34.78
CA LEU D 287 20.12 10.56 34.71
C LEU D 287 19.63 11.37 35.90
N CYS D 288 18.52 12.08 35.72
CA CYS D 288 18.02 12.96 36.76
C CYS D 288 16.51 13.15 36.55
N SER D 289 15.88 13.83 37.48
CA SER D 289 14.46 14.13 37.38
C SER D 289 14.14 14.92 36.12
N PRO D 290 12.93 14.76 35.56
CA PRO D 290 12.55 15.55 34.39
C PRO D 290 12.27 16.99 34.78
N SER D 291 12.17 17.84 33.77
CA SER D 291 11.75 19.21 33.98
C SER D 291 10.35 19.25 34.62
N LYS D 292 10.05 20.37 35.27
CA LYS D 292 8.72 20.52 35.86
C LYS D 292 7.63 20.46 34.80
N GLU D 293 7.93 20.88 33.57
CA GLU D 293 6.93 20.86 32.51
C GLU D 293 6.61 19.44 32.08
N ASN D 294 7.66 18.62 31.88
CA ASN D 294 7.44 17.23 31.49
C ASN D 294 6.87 16.41 32.63
N PHE D 295 7.24 16.74 33.87
CA PHE D 295 6.57 16.13 35.02
C PHE D 295 5.06 16.29 34.93
N ALA D 296 4.59 17.48 34.63
CA ALA D 296 3.18 17.72 34.49
C ALA D 296 2.57 17.04 33.26
N LYS D 297 3.31 16.98 32.19
CA LYS D 297 2.83 16.37 30.98
C LYS D 297 2.60 14.90 31.21
N ILE D 298 3.55 14.25 31.83
CA ILE D 298 3.43 12.86 32.14
C ILE D 298 2.24 12.62 33.05
N GLU D 299 2.16 13.39 34.11
CA GLU D 299 1.06 13.21 35.05
C GLU D 299 -0.29 13.34 34.37
N GLU D 300 -0.41 14.26 33.42
CA GLU D 300 -1.69 14.47 32.74
C GLU D 300 -2.05 13.30 31.85
N VAL D 301 -1.08 12.73 31.13
CA VAL D 301 -1.38 11.61 30.24
C VAL D 301 -1.80 10.37 31.04
N MET D 302 -1.20 10.17 32.22
CA MET D 302 -1.51 8.99 33.03
C MET D 302 -2.97 8.93 33.45
N LYS D 303 -3.61 10.09 33.62
CA LYS D 303 -4.97 10.14 34.15
C LYS D 303 -5.95 9.40 33.26
N LYS D 304 -5.64 9.22 31.98
CA LYS D 304 -6.53 8.58 31.03
C LYS D 304 -6.41 7.06 31.05
N TYR D 305 -5.56 6.52 31.92
CA TYR D 305 -5.32 5.08 31.97
C TYR D 305 -5.58 4.55 33.36
N LYS D 306 -6.05 3.31 33.43
CA LYS D 306 -6.30 2.64 34.69
C LYS D 306 -5.04 1.85 35.07
N ILE D 307 -4.40 2.24 36.16
CA ILE D 307 -3.13 1.69 36.57
C ILE D 307 -3.38 0.62 37.64
N LYS D 308 -3.02 -0.62 37.34
CA LYS D 308 -3.18 -1.69 38.31
C LYS D 308 -2.32 -1.41 39.53
N GLY D 309 -2.82 -1.80 40.71
CA GLY D 309 -2.07 -1.67 41.93
C GLY D 309 -1.17 -2.87 42.12
N PHE D 310 -0.87 -3.17 43.38
CA PHE D 310 0.01 -4.29 43.69
C PHE D 310 -0.80 -5.56 43.89
N LYS E 15 -51.50 -8.32 4.14
CA LYS E 15 -50.49 -9.26 3.62
C LYS E 15 -49.08 -8.73 3.78
N ASN E 16 -48.14 -9.62 4.07
CA ASN E 16 -46.73 -9.27 4.11
C ASN E 16 -46.20 -9.16 2.69
N ILE E 17 -45.45 -8.09 2.41
CA ILE E 17 -45.00 -7.83 1.06
C ILE E 17 -43.50 -7.58 1.05
N ILE E 18 -42.91 -7.78 -0.11
CA ILE E 18 -41.52 -7.45 -0.38
C ILE E 18 -41.55 -6.65 -1.68
N ILE E 19 -41.24 -5.35 -1.60
CA ILE E 19 -41.36 -4.45 -2.73
C ILE E 19 -40.13 -3.55 -2.84
N GLY E 20 -40.20 -2.53 -3.68
CA GLY E 20 -39.09 -1.62 -3.85
C GLY E 20 -38.12 -2.07 -4.93
N ALA E 21 -36.91 -1.50 -4.86
CA ALA E 21 -35.86 -1.79 -5.82
C ALA E 21 -35.16 -3.10 -5.44
N MET E 22 -35.21 -4.09 -6.34
CA MET E 22 -34.66 -5.41 -6.07
C MET E 22 -33.77 -5.88 -7.21
N THR E 23 -32.79 -6.71 -6.89
CA THR E 23 -31.77 -7.13 -7.83
C THR E 23 -31.84 -8.64 -8.00
N ALA E 24 -31.96 -9.08 -9.25
CA ALA E 24 -31.80 -10.50 -9.58
C ALA E 24 -30.31 -10.78 -9.68
N LEU E 25 -29.73 -11.31 -8.60
CA LEU E 25 -28.28 -11.42 -8.48
C LEU E 25 -27.72 -12.42 -9.50
N ILE E 26 -26.67 -12.00 -10.22
CA ILE E 26 -25.89 -12.98 -10.99
C ILE E 26 -25.20 -13.93 -10.01
N THR E 27 -24.87 -15.11 -10.51
CA THR E 27 -24.10 -16.08 -9.73
C THR E 27 -22.71 -16.22 -10.32
N PRO E 28 -21.69 -15.58 -9.76
CA PRO E 28 -20.34 -15.68 -10.35
C PRO E 28 -19.76 -17.06 -10.11
N PHE E 29 -19.07 -17.57 -11.14
CA PHE E 29 -18.35 -18.82 -11.05
C PHE E 29 -16.85 -18.56 -11.12
N LYS E 30 -16.10 -19.41 -10.42
CA LYS E 30 -14.65 -19.38 -10.49
C LYS E 30 -14.15 -20.82 -10.56
N ASN E 31 -13.54 -21.17 -11.69
CA ASN E 31 -13.07 -22.54 -11.93
C ASN E 31 -14.19 -23.54 -11.72
N GLY E 32 -15.38 -23.20 -12.26
CA GLY E 32 -16.53 -24.06 -12.26
C GLY E 32 -17.34 -24.11 -10.98
N LYS E 33 -16.90 -23.46 -9.92
CA LYS E 33 -17.63 -23.47 -8.66
C LYS E 33 -18.15 -22.08 -8.33
N VAL E 34 -19.21 -22.05 -7.51
CA VAL E 34 -19.75 -20.78 -7.04
C VAL E 34 -18.68 -20.04 -6.25
N ASP E 35 -18.36 -18.81 -6.67
CA ASP E 35 -17.39 -17.97 -5.97
C ASP E 35 -18.13 -17.31 -4.80
N GLU E 36 -18.06 -17.96 -3.63
CA GLU E 36 -18.86 -17.54 -2.48
C GLU E 36 -18.41 -16.18 -1.96
N GLN E 37 -17.10 -15.95 -1.95
CA GLN E 37 -16.52 -14.67 -1.59
C GLN E 37 -16.99 -13.57 -2.53
N SER E 38 -16.97 -13.84 -3.83
CA SER E 38 -17.52 -12.90 -4.80
C SER E 38 -19.01 -12.67 -4.57
N TYR E 39 -19.78 -13.75 -4.35
CA TYR E 39 -21.22 -13.62 -4.16
C TYR E 39 -21.57 -12.69 -3.01
N ALA E 40 -20.91 -12.86 -1.85
CA ALA E 40 -21.17 -11.99 -0.71
C ALA E 40 -20.76 -10.55 -1.01
N ARG E 41 -19.63 -10.35 -1.67
CA ARG E 41 -19.16 -8.99 -1.95
C ARG E 41 -20.12 -8.26 -2.88
N LEU E 42 -20.68 -8.96 -3.88
CA LEU E 42 -21.61 -8.31 -4.79
C LEU E 42 -22.90 -7.92 -4.06
N ILE E 43 -23.35 -8.74 -3.10
CA ILE E 43 -24.54 -8.40 -2.31
C ILE E 43 -24.27 -7.17 -1.44
N LYS E 44 -23.06 -7.07 -0.86
CA LYS E 44 -22.74 -5.90 -0.04
C LYS E 44 -22.78 -4.62 -0.88
N ARG E 45 -22.29 -4.70 -2.12
CA ARG E 45 -22.33 -3.55 -3.03
C ARG E 45 -23.77 -3.14 -3.33
N GLN E 46 -24.68 -4.11 -3.47
CA GLN E 46 -26.08 -3.78 -3.70
C GLN E 46 -26.69 -3.07 -2.51
N ILE E 47 -26.43 -3.59 -1.29
CA ILE E 47 -26.95 -2.98 -0.07
C ILE E 47 -26.47 -1.54 0.07
N GLU E 48 -25.17 -1.30 -0.18
CA GLU E 48 -24.60 0.03 -0.04
C GLU E 48 -25.09 1.00 -1.11
N ASN E 49 -25.75 0.51 -2.15
CA ASN E 49 -26.22 1.36 -3.23
C ASN E 49 -27.74 1.47 -3.27
N GLY E 50 -28.38 1.27 -2.13
CA GLY E 50 -29.77 1.61 -1.95
C GLY E 50 -30.76 0.55 -2.35
N ILE E 51 -30.31 -0.67 -2.62
CA ILE E 51 -31.23 -1.73 -3.03
C ILE E 51 -32.04 -2.19 -1.82
N ASP E 52 -33.32 -2.47 -2.03
CA ASP E 52 -34.22 -2.87 -0.94
C ASP E 52 -34.30 -4.36 -0.73
N ALA E 53 -34.01 -5.17 -1.75
CA ALA E 53 -34.07 -6.62 -1.59
C ALA E 53 -33.22 -7.25 -2.68
N VAL E 54 -32.71 -8.45 -2.39
CA VAL E 54 -31.91 -9.20 -3.35
C VAL E 54 -32.62 -10.52 -3.64
N VAL E 55 -32.58 -10.93 -4.90
CA VAL E 55 -33.20 -12.16 -5.38
C VAL E 55 -32.09 -13.14 -5.73
N PRO E 56 -31.68 -14.02 -4.81
CA PRO E 56 -30.71 -15.05 -5.17
C PRO E 56 -31.37 -16.14 -5.99
N VAL E 57 -30.56 -16.77 -6.85
CA VAL E 57 -30.89 -17.94 -7.65
C VAL E 57 -32.19 -17.75 -8.42
N GLY E 58 -32.35 -16.59 -9.04
CA GLY E 58 -33.37 -16.39 -10.05
C GLY E 58 -32.84 -16.76 -11.42
N THR E 59 -33.57 -16.31 -12.46
CA THR E 59 -33.13 -16.57 -13.83
C THR E 59 -31.75 -15.97 -14.09
N THR E 60 -31.56 -14.72 -13.66
CA THR E 60 -30.28 -14.05 -13.84
C THR E 60 -29.16 -14.73 -13.04
N GLY E 61 -29.51 -15.47 -12.00
CA GLY E 61 -28.57 -16.23 -11.20
C GLY E 61 -28.31 -17.63 -11.70
N GLU E 62 -28.79 -17.96 -12.91
CA GLU E 62 -28.61 -19.28 -13.54
C GLU E 62 -29.17 -20.40 -12.66
N SER E 63 -30.40 -20.19 -12.17
CA SER E 63 -31.05 -21.19 -11.31
C SER E 63 -31.10 -22.57 -11.97
N ALA E 64 -31.25 -22.62 -13.29
CA ALA E 64 -31.43 -23.89 -13.98
C ALA E 64 -30.22 -24.81 -13.85
N THR E 65 -29.02 -24.25 -13.74
CA THR E 65 -27.80 -25.06 -13.76
C THR E 65 -27.12 -25.17 -12.41
N LEU E 66 -27.77 -24.71 -11.34
CA LEU E 66 -27.20 -24.84 -10.00
C LEU E 66 -27.75 -26.10 -9.34
N THR E 67 -26.90 -26.79 -8.59
CA THR E 67 -27.32 -27.94 -7.80
C THR E 67 -28.14 -27.48 -6.60
N HIS E 68 -28.80 -28.41 -5.95
CA HIS E 68 -29.60 -28.10 -4.81
C HIS E 68 -28.70 -27.46 -3.77
N GLU E 69 -27.52 -27.99 -3.64
CA GLU E 69 -26.58 -27.46 -2.67
C GLU E 69 -26.07 -26.05 -2.98
N GLU E 70 -25.88 -25.69 -4.24
CA GLU E 70 -25.45 -24.36 -4.62
C GLU E 70 -26.56 -23.36 -4.42
N LYS E 71 -27.80 -23.78 -4.65
CA LYS E 71 -28.93 -22.91 -4.35
C LYS E 71 -28.99 -22.64 -2.85
N ARG E 72 -28.78 -23.68 -2.02
CA ARG E 72 -28.77 -23.46 -0.58
C ARG E 72 -27.64 -22.52 -0.19
N THR E 73 -26.45 -22.73 -0.75
CA THR E 73 -25.32 -21.86 -0.42
C THR E 73 -25.63 -20.41 -0.80
N CYS E 74 -26.22 -20.18 -1.97
CA CYS E 74 -26.45 -18.80 -2.39
C CYS E 74 -27.56 -18.16 -1.58
N ILE E 75 -28.59 -18.92 -1.23
CA ILE E 75 -29.64 -18.37 -0.39
C ILE E 75 -29.10 -18.06 1.00
N GLU E 76 -28.30 -18.98 1.56
CA GLU E 76 -27.75 -18.75 2.89
C GLU E 76 -26.83 -17.54 2.92
N ILE E 77 -26.00 -17.37 1.88
CA ILE E 77 -25.13 -16.20 1.80
C ILE E 77 -25.94 -14.91 1.73
N ALA E 78 -27.01 -14.91 0.94
CA ALA E 78 -27.84 -13.71 0.84
C ALA E 78 -28.49 -13.36 2.18
N VAL E 79 -29.05 -14.38 2.86
CA VAL E 79 -29.70 -14.14 4.15
C VAL E 79 -28.68 -13.63 5.16
N GLU E 80 -27.52 -14.28 5.23
CA GLU E 80 -26.52 -13.88 6.22
C GLU E 80 -25.96 -12.50 5.90
N THR E 81 -25.73 -12.19 4.62
CA THR E 81 -25.16 -10.88 4.30
C THR E 81 -26.14 -9.75 4.56
N CYS E 82 -27.44 -10.00 4.39
CA CYS E 82 -28.44 -8.97 4.62
C CYS E 82 -28.89 -8.90 6.08
N LYS E 83 -28.44 -9.84 6.90
CA LYS E 83 -28.80 -9.83 8.31
C LYS E 83 -28.29 -8.56 8.98
N GLY E 84 -29.13 -7.98 9.82
CA GLY E 84 -28.82 -6.72 10.46
C GLY E 84 -29.03 -5.50 9.58
N THR E 85 -29.54 -5.68 8.37
CA THR E 85 -29.92 -4.59 7.49
C THR E 85 -31.42 -4.70 7.24
N LYS E 86 -31.97 -3.67 6.59
CA LYS E 86 -33.35 -3.70 6.18
C LYS E 86 -33.53 -4.45 4.86
N VAL E 87 -32.43 -4.85 4.21
CA VAL E 87 -32.52 -5.48 2.89
C VAL E 87 -33.04 -6.89 3.04
N LYS E 88 -34.06 -7.24 2.27
CA LYS E 88 -34.70 -8.54 2.35
C LYS E 88 -34.20 -9.49 1.28
N VAL E 89 -34.45 -10.78 1.50
CA VAL E 89 -34.04 -11.84 0.59
C VAL E 89 -35.31 -12.48 0.03
N LEU E 90 -35.53 -12.28 -1.26
CA LEU E 90 -36.62 -12.90 -2.00
C LEU E 90 -36.00 -14.02 -2.85
N ALA E 91 -36.05 -15.25 -2.31
CA ALA E 91 -35.33 -16.36 -2.92
C ALA E 91 -36.09 -16.91 -4.12
N GLY E 92 -35.39 -17.11 -5.23
CA GLY E 92 -35.96 -17.88 -6.33
C GLY E 92 -36.18 -19.31 -5.91
N ALA E 93 -37.39 -19.82 -6.12
CA ALA E 93 -37.73 -21.17 -5.66
C ALA E 93 -38.83 -21.78 -6.52
N GLY E 94 -38.73 -21.63 -7.83
CA GLY E 94 -39.76 -22.16 -8.71
C GLY E 94 -39.37 -23.51 -9.30
N SER E 95 -40.37 -24.17 -9.86
CA SER E 95 -40.13 -25.43 -10.55
C SER E 95 -41.35 -25.72 -11.42
N ASN E 96 -41.13 -26.48 -12.48
CA ASN E 96 -42.23 -26.93 -13.31
C ASN E 96 -42.87 -28.21 -12.79
N ALA E 97 -42.44 -28.73 -11.65
CA ALA E 97 -43.09 -29.84 -10.96
C ALA E 97 -43.55 -29.32 -9.60
N THR E 98 -44.87 -29.42 -9.34
CA THR E 98 -45.43 -28.80 -8.13
C THR E 98 -44.83 -29.39 -6.87
N HIS E 99 -44.63 -30.71 -6.82
CA HIS E 99 -44.04 -31.30 -5.63
C HIS E 99 -42.66 -30.69 -5.33
N GLU E 100 -41.88 -30.45 -6.38
CA GLU E 100 -40.56 -29.86 -6.17
C GLU E 100 -40.64 -28.38 -5.83
N ALA E 101 -41.52 -27.63 -6.49
CA ALA E 101 -41.67 -26.22 -6.16
C ALA E 101 -42.13 -26.04 -4.72
N VAL E 102 -43.01 -26.94 -4.24
CA VAL E 102 -43.42 -26.92 -2.85
C VAL E 102 -42.22 -27.19 -1.96
N GLY E 103 -41.40 -28.17 -2.32
CA GLY E 103 -40.21 -28.47 -1.54
C GLY E 103 -39.23 -27.31 -1.49
N LEU E 104 -38.97 -26.69 -2.65
CA LEU E 104 -38.04 -25.56 -2.68
C LEU E 104 -38.57 -24.37 -1.89
N ALA E 105 -39.90 -24.17 -1.88
CA ALA E 105 -40.47 -23.10 -1.08
C ALA E 105 -40.21 -23.34 0.40
N LYS E 106 -40.48 -24.56 0.89
CA LYS E 106 -40.21 -24.88 2.29
C LYS E 106 -38.73 -24.78 2.58
N PHE E 107 -37.90 -25.19 1.62
CA PHE E 107 -36.46 -25.16 1.76
C PHE E 107 -35.94 -23.74 1.86
N ALA E 108 -36.51 -22.84 1.06
CA ALA E 108 -36.14 -21.43 1.13
C ALA E 108 -36.58 -20.81 2.45
N LYS E 109 -37.77 -21.17 2.93
CA LYS E 109 -38.21 -20.66 4.23
C LYS E 109 -37.30 -21.15 5.33
N GLU E 110 -36.95 -22.45 5.30
CA GLU E 110 -36.14 -23.03 6.36
C GLU E 110 -34.77 -22.36 6.45
N HIS E 111 -34.27 -21.83 5.34
CA HIS E 111 -32.97 -21.19 5.33
C HIS E 111 -33.05 -19.67 5.53
N GLY E 112 -34.21 -19.16 5.95
CA GLY E 112 -34.32 -17.77 6.37
C GLY E 112 -34.67 -16.75 5.31
N ALA E 113 -35.14 -17.15 4.14
CA ALA E 113 -35.61 -16.20 3.16
C ALA E 113 -36.84 -15.45 3.67
N ASP E 114 -36.95 -14.18 3.29
CA ASP E 114 -38.11 -13.40 3.68
C ASP E 114 -39.33 -13.70 2.82
N GLY E 115 -39.10 -14.17 1.59
CA GLY E 115 -40.18 -14.58 0.71
C GLY E 115 -39.59 -15.37 -0.44
N ILE E 116 -40.45 -15.81 -1.34
CA ILE E 116 -39.97 -16.55 -2.50
C ILE E 116 -40.50 -15.96 -3.80
N LEU E 117 -39.68 -16.01 -4.84
CA LEU E 117 -40.08 -15.75 -6.21
C LEU E 117 -40.22 -17.10 -6.90
N SER E 118 -41.39 -17.36 -7.47
CA SER E 118 -41.74 -18.68 -7.99
C SER E 118 -42.22 -18.61 -9.43
N VAL E 119 -41.36 -18.99 -10.38
CA VAL E 119 -41.68 -18.84 -11.80
C VAL E 119 -42.79 -19.81 -12.21
N ALA E 120 -43.59 -19.39 -13.19
CA ALA E 120 -44.59 -20.27 -13.75
C ALA E 120 -43.92 -21.50 -14.33
N PRO E 121 -44.50 -22.69 -14.15
CA PRO E 121 -43.91 -23.91 -14.73
C PRO E 121 -43.56 -23.76 -16.20
N TYR E 122 -42.31 -24.05 -16.51
CA TYR E 122 -41.75 -23.98 -17.85
C TYR E 122 -41.88 -25.35 -18.51
N TYR E 123 -41.92 -25.34 -19.85
CA TYR E 123 -41.82 -26.52 -20.70
C TYR E 123 -43.09 -27.36 -20.74
N ASN E 124 -43.71 -27.68 -19.60
CA ASN E 124 -44.82 -28.62 -19.64
C ASN E 124 -46.18 -27.94 -19.85
N LYS E 125 -46.23 -26.61 -19.96
CA LYS E 125 -47.42 -25.87 -20.37
C LYS E 125 -48.72 -26.27 -19.64
N PRO E 126 -48.77 -26.09 -18.32
CA PRO E 126 -50.02 -26.40 -17.60
C PRO E 126 -51.15 -25.46 -18.02
N THR E 127 -52.38 -25.93 -17.85
CA THR E 127 -53.54 -25.08 -18.07
C THR E 127 -53.65 -24.06 -16.94
N GLN E 128 -54.60 -23.13 -17.10
CA GLN E 128 -54.84 -22.13 -16.05
C GLN E 128 -55.29 -22.80 -14.75
N GLN E 129 -56.13 -23.83 -14.85
CA GLN E 129 -56.51 -24.60 -13.66
C GLN E 129 -55.28 -25.23 -13.00
N GLY E 130 -54.36 -25.80 -13.81
CA GLY E 130 -53.17 -26.38 -13.24
C GLY E 130 -52.25 -25.35 -12.59
N LEU E 131 -52.12 -24.17 -13.21
CA LEU E 131 -51.34 -23.09 -12.60
C LEU E 131 -51.94 -22.65 -11.26
N TYR E 132 -53.26 -22.52 -11.21
CA TYR E 132 -53.91 -22.19 -9.94
C TYR E 132 -53.57 -23.21 -8.87
N GLU E 133 -53.74 -24.50 -9.18
CA GLU E 133 -53.46 -25.55 -8.20
C GLU E 133 -51.97 -25.63 -7.87
N HIS E 134 -51.12 -25.44 -8.88
CA HIS E 134 -49.67 -25.36 -8.64
C HIS E 134 -49.36 -24.32 -7.58
N TYR E 135 -49.80 -23.11 -7.78
CA TYR E 135 -49.52 -22.04 -6.85
C TYR E 135 -50.27 -22.15 -5.51
N LYS E 136 -51.45 -22.76 -5.49
CA LYS E 136 -52.17 -22.93 -4.24
C LYS E 136 -51.34 -23.84 -3.34
N ALA E 137 -50.84 -24.92 -3.88
CA ALA E 137 -50.04 -25.83 -3.14
C ALA E 137 -48.83 -25.14 -2.58
N ILE E 138 -48.12 -24.37 -3.40
CA ILE E 138 -46.93 -23.66 -2.93
C ILE E 138 -47.29 -22.71 -1.79
N ALA E 139 -48.35 -21.90 -1.99
CA ALA E 139 -48.68 -20.87 -1.01
C ALA E 139 -49.04 -21.48 0.34
N GLN E 140 -49.74 -22.61 0.34
CA GLN E 140 -50.12 -23.27 1.57
C GLN E 140 -48.96 -24.03 2.25
N SER E 141 -47.84 -24.21 1.57
CA SER E 141 -46.76 -25.00 2.16
C SER E 141 -45.85 -24.18 3.08
N VAL E 142 -45.88 -22.85 2.98
CA VAL E 142 -45.04 -21.98 3.80
C VAL E 142 -45.90 -20.82 4.29
N ASP E 143 -45.33 -20.03 5.19
CA ASP E 143 -46.03 -18.86 5.73
C ASP E 143 -45.27 -17.57 5.44
N ILE E 144 -44.52 -17.54 4.35
CA ILE E 144 -43.79 -16.33 3.97
C ILE E 144 -44.37 -15.83 2.64
N PRO E 145 -44.22 -14.54 2.32
CA PRO E 145 -44.85 -14.01 1.09
C PRO E 145 -44.36 -14.73 -0.16
N VAL E 146 -45.26 -14.85 -1.14
CA VAL E 146 -44.98 -15.51 -2.42
C VAL E 146 -45.26 -14.53 -3.54
N LEU E 147 -44.26 -14.28 -4.38
CA LEU E 147 -44.41 -13.43 -5.56
C LEU E 147 -44.41 -14.32 -6.80
N LEU E 148 -45.51 -14.29 -7.55
CA LEU E 148 -45.59 -15.00 -8.82
C LEU E 148 -44.62 -14.37 -9.83
N TYR E 149 -44.30 -15.14 -10.86
CA TYR E 149 -43.31 -14.72 -11.86
C TYR E 149 -43.78 -15.22 -13.22
N ASN E 150 -44.21 -14.29 -14.07
CA ASN E 150 -44.74 -14.57 -15.39
C ASN E 150 -43.72 -14.12 -16.43
N VAL E 151 -43.18 -15.07 -17.19
CA VAL E 151 -42.21 -14.79 -18.25
C VAL E 151 -42.50 -15.78 -19.38
N PRO E 152 -43.57 -15.54 -20.17
CA PRO E 152 -44.01 -16.56 -21.14
C PRO E 152 -43.01 -16.83 -22.25
N GLY E 153 -42.20 -15.83 -22.63
CA GLY E 153 -41.16 -16.07 -23.61
C GLY E 153 -40.20 -17.17 -23.21
N ARG E 154 -40.05 -17.42 -21.91
CA ARG E 154 -39.18 -18.48 -21.40
C ARG E 154 -39.91 -19.76 -21.03
N THR E 155 -41.14 -19.65 -20.49
CA THR E 155 -41.84 -20.82 -19.94
C THR E 155 -42.72 -21.54 -20.96
N GLY E 156 -43.17 -20.85 -22.01
CA GLY E 156 -44.13 -21.42 -22.92
C GLY E 156 -45.57 -21.37 -22.44
N CYS E 157 -45.84 -20.75 -21.29
CA CYS E 157 -47.20 -20.59 -20.79
C CYS E 157 -47.34 -19.19 -20.22
N GLU E 158 -48.58 -18.74 -20.05
CA GLU E 158 -48.88 -17.45 -19.45
C GLU E 158 -49.80 -17.64 -18.25
N ILE E 159 -49.48 -16.99 -17.13
CA ILE E 159 -50.44 -16.89 -16.03
C ILE E 159 -51.41 -15.77 -16.38
N SER E 160 -52.66 -16.12 -16.70
CA SER E 160 -53.64 -15.12 -17.08
C SER E 160 -53.88 -14.13 -15.95
N THR E 161 -54.38 -12.94 -16.31
CA THR E 161 -54.79 -11.95 -15.31
C THR E 161 -55.81 -12.55 -14.35
N ASP E 162 -56.79 -13.30 -14.86
CA ASP E 162 -57.80 -13.89 -13.99
C ASP E 162 -57.17 -14.85 -12.98
N THR E 163 -56.22 -15.67 -13.43
CA THR E 163 -55.58 -16.62 -12.55
C THR E 163 -54.73 -15.92 -11.49
N ILE E 164 -53.97 -14.89 -11.90
CA ILE E 164 -53.17 -14.14 -10.94
C ILE E 164 -54.07 -13.54 -9.87
N ILE E 165 -55.17 -12.93 -10.28
CA ILE E 165 -56.07 -12.26 -9.34
C ILE E 165 -56.72 -13.27 -8.41
N LYS E 166 -57.18 -14.40 -8.94
CA LYS E 166 -57.76 -15.44 -8.09
C LYS E 166 -56.76 -15.93 -7.05
N LEU E 167 -55.51 -16.14 -7.47
CA LEU E 167 -54.47 -16.58 -6.53
C LEU E 167 -54.21 -15.53 -5.47
N PHE E 168 -54.14 -14.26 -5.88
CA PHE E 168 -53.96 -13.18 -4.91
C PHE E 168 -55.10 -13.13 -3.90
N ARG E 169 -56.34 -13.34 -4.36
CA ARG E 169 -57.48 -13.23 -3.45
C ARG E 169 -57.69 -14.50 -2.62
N ASP E 170 -57.30 -15.67 -3.15
CA ASP E 170 -57.58 -16.95 -2.49
C ASP E 170 -56.46 -17.43 -1.60
N CYS E 171 -55.23 -17.00 -1.85
CA CYS E 171 -54.05 -17.52 -1.18
C CYS E 171 -53.44 -16.38 -0.40
N GLU E 172 -53.35 -16.60 0.91
CA GLU E 172 -53.10 -15.55 1.85
C GLU E 172 -51.69 -14.96 1.60
N ASN E 173 -50.74 -15.82 1.32
CA ASN E 173 -49.32 -15.52 1.09
C ASN E 173 -49.01 -14.90 -0.27
N ILE E 174 -49.88 -15.08 -1.27
CA ILE E 174 -49.59 -14.61 -2.62
C ILE E 174 -49.93 -13.12 -2.72
N TYR E 175 -48.92 -12.28 -2.95
CA TYR E 175 -49.10 -10.84 -2.86
C TYR E 175 -48.85 -10.08 -4.17
N GLY E 176 -48.42 -10.74 -5.25
CA GLY E 176 -48.22 -10.03 -6.49
C GLY E 176 -47.57 -10.91 -7.55
N VAL E 177 -47.05 -10.26 -8.59
CA VAL E 177 -46.45 -10.94 -9.72
C VAL E 177 -45.33 -10.08 -10.30
N KPI E 178 -44.21 -10.71 -10.63
CA KPI E 178 -43.15 -10.06 -11.37
CB KPI E 178 -41.74 -10.52 -10.95
CG KPI E 178 -40.69 -10.33 -12.03
CD KPI E 178 -39.56 -11.33 -11.86
CE KPI E 178 -38.24 -10.82 -12.45
NZ KPI E 178 -37.25 -11.85 -12.64
CX1 KPI E 178 -36.03 -11.69 -13.03
C1 KPI E 178 -35.46 -10.87 -14.15
CX2 KPI E 178 -35.10 -12.84 -12.73
O1 KPI E 178 -35.58 -13.76 -11.87
O2 KPI E 178 -33.97 -13.03 -13.19
C KPI E 178 -43.34 -10.28 -12.87
O KPI E 178 -43.76 -11.51 -13.26
N GLU E 179 -43.87 -9.32 -13.60
CA GLU E 179 -44.15 -9.49 -15.03
C GLU E 179 -42.94 -9.25 -15.95
N ALA E 180 -42.61 -10.26 -16.77
CA ALA E 180 -41.59 -10.15 -17.82
C ALA E 180 -42.24 -10.58 -19.14
N SER E 181 -43.21 -9.79 -19.59
CA SER E 181 -44.08 -10.17 -20.68
C SER E 181 -44.21 -9.10 -21.76
N GLY E 182 -43.54 -7.96 -21.62
CA GLY E 182 -43.62 -6.91 -22.63
C GLY E 182 -45.03 -6.49 -22.96
N ASN E 183 -45.89 -6.45 -21.94
CA ASN E 183 -47.35 -6.35 -22.13
C ASN E 183 -47.88 -5.31 -21.12
N ILE E 184 -47.76 -4.03 -21.46
CA ILE E 184 -48.25 -2.99 -20.55
C ILE E 184 -49.77 -3.03 -20.45
N ASP E 185 -50.44 -3.54 -21.49
CA ASP E 185 -51.89 -3.77 -21.41
C ASP E 185 -52.24 -4.67 -20.24
N LYS E 186 -51.53 -5.79 -20.09
CA LYS E 186 -51.79 -6.69 -18.98
C LYS E 186 -51.50 -6.03 -17.64
N CYS E 187 -50.47 -5.17 -17.58
CA CYS E 187 -50.18 -4.44 -16.36
C CYS E 187 -51.30 -3.50 -15.99
N VAL E 188 -51.94 -2.89 -16.99
CA VAL E 188 -53.14 -2.09 -16.73
C VAL E 188 -54.28 -2.97 -16.28
N ASP E 189 -54.50 -4.08 -16.99
CA ASP E 189 -55.53 -5.05 -16.65
C ASP E 189 -55.42 -5.50 -15.19
N LEU E 190 -54.21 -5.86 -14.77
CA LEU E 190 -54.00 -6.37 -13.42
C LEU E 190 -54.39 -5.33 -12.37
N LEU E 191 -53.79 -4.14 -12.44
CA LEU E 191 -53.99 -3.16 -11.39
C LEU E 191 -55.34 -2.46 -11.47
N ALA E 192 -56.01 -2.48 -12.63
CA ALA E 192 -57.34 -1.92 -12.71
C ALA E 192 -58.37 -2.81 -12.03
N HIS E 193 -58.19 -4.12 -12.09
CA HIS E 193 -59.17 -5.05 -11.52
C HIS E 193 -58.81 -5.50 -10.12
N GLU E 194 -57.54 -5.44 -9.73
CA GLU E 194 -57.10 -5.80 -8.39
C GLU E 194 -56.04 -4.81 -7.95
N PRO E 195 -56.44 -3.61 -7.57
CA PRO E 195 -55.45 -2.58 -7.22
C PRO E 195 -54.65 -2.86 -5.95
N ARG E 196 -54.96 -3.93 -5.20
CA ARG E 196 -54.22 -4.21 -3.98
C ARG E 196 -52.96 -5.03 -4.19
N MET E 197 -52.77 -5.63 -5.36
CA MET E 197 -51.60 -6.47 -5.56
C MET E 197 -50.34 -5.64 -5.86
N MET E 198 -49.19 -6.27 -5.65
CA MET E 198 -47.89 -5.64 -5.90
C MET E 198 -47.41 -6.12 -7.27
N LEU E 199 -47.58 -5.27 -8.26
CA LEU E 199 -47.01 -5.54 -9.58
C LEU E 199 -45.55 -5.11 -9.61
N ILE E 200 -44.68 -6.04 -9.99
CA ILE E 200 -43.23 -5.84 -9.99
C ILE E 200 -42.72 -5.96 -11.42
N SER E 201 -41.96 -4.98 -11.87
CA SER E 201 -41.40 -5.03 -13.21
C SER E 201 -40.25 -6.02 -13.28
N GLY E 202 -40.32 -6.94 -14.23
CA GLY E 202 -39.20 -7.83 -14.48
C GLY E 202 -38.51 -7.54 -15.81
N GLU E 203 -38.62 -6.31 -16.29
CA GLU E 203 -38.12 -5.88 -17.59
C GLU E 203 -37.59 -4.46 -17.42
N ASP E 204 -36.27 -4.32 -17.37
CA ASP E 204 -35.66 -3.08 -16.92
C ASP E 204 -36.04 -1.90 -17.80
N ALA E 205 -36.12 -2.12 -19.12
CA ALA E 205 -36.38 -1.01 -20.04
C ALA E 205 -37.70 -0.33 -19.73
N ILE E 206 -38.69 -1.06 -19.21
CA ILE E 206 -39.99 -0.47 -18.96
C ILE E 206 -40.26 -0.36 -17.47
N ASN E 207 -39.20 -0.24 -16.66
CA ASN E 207 -39.36 -0.05 -15.23
C ASN E 207 -40.27 1.15 -14.93
N TYR E 208 -40.01 2.30 -15.56
CA TYR E 208 -40.81 3.48 -15.24
C TYR E 208 -42.27 3.34 -15.65
N PRO E 209 -42.61 2.89 -16.87
CA PRO E 209 -44.05 2.74 -17.21
C PRO E 209 -44.80 1.83 -16.24
N ILE E 210 -44.18 0.74 -15.78
CA ILE E 210 -44.85 -0.15 -14.85
C ILE E 210 -45.04 0.54 -13.50
N LEU E 211 -43.99 1.19 -13.00
CA LEU E 211 -44.10 1.89 -11.71
C LEU E 211 -45.12 3.02 -11.78
N SER E 212 -45.10 3.79 -12.87
CA SER E 212 -46.01 4.93 -13.00
C SER E 212 -47.47 4.49 -13.14
N ASN E 213 -47.73 3.23 -13.49
CA ASN E 213 -49.10 2.72 -13.47
C ASN E 213 -49.49 2.14 -12.12
N GLY E 214 -48.62 2.22 -11.10
CA GLY E 214 -48.94 1.70 -9.79
C GLY E 214 -48.15 0.47 -9.39
N GLY E 215 -47.25 -0.03 -10.24
CA GLY E 215 -46.32 -1.04 -9.79
C GLY E 215 -45.51 -0.54 -8.61
N LYS E 216 -45.12 -1.45 -7.74
CA LYS E 216 -44.49 -1.09 -6.47
C LYS E 216 -43.05 -1.59 -6.37
N GLY E 217 -42.44 -1.98 -7.48
CA GLY E 217 -41.06 -2.40 -7.41
C GLY E 217 -40.55 -2.94 -8.72
N VAL E 218 -39.26 -3.28 -8.71
CA VAL E 218 -38.58 -3.90 -9.84
C VAL E 218 -37.74 -5.04 -9.30
N ILE E 219 -37.61 -6.09 -10.10
CA ILE E 219 -36.60 -7.13 -9.90
C ILE E 219 -35.70 -7.04 -11.14
N SER E 220 -34.52 -6.44 -10.98
CA SER E 220 -33.80 -5.87 -12.10
C SER E 220 -32.58 -6.69 -12.48
N VAL E 221 -32.25 -6.67 -13.77
CA VAL E 221 -30.98 -7.19 -14.24
C VAL E 221 -29.92 -6.10 -14.22
N THR E 222 -30.29 -4.92 -14.73
CA THR E 222 -29.37 -3.79 -14.84
C THR E 222 -28.82 -3.38 -13.47
N SER E 223 -29.61 -3.51 -12.40
CA SER E 223 -29.14 -3.16 -11.06
C SER E 223 -27.87 -3.90 -10.65
N ASN E 224 -27.59 -5.08 -11.24
CA ASN E 224 -26.31 -5.74 -10.97
C ASN E 224 -25.14 -4.82 -11.30
N LEU E 225 -25.22 -4.11 -12.42
CA LEU E 225 -24.16 -3.21 -12.85
C LEU E 225 -24.31 -1.81 -12.26
N LEU E 226 -25.53 -1.27 -12.24
CA LEU E 226 -25.80 0.11 -11.84
C LEU E 226 -26.84 0.14 -10.74
N PRO E 227 -26.54 -0.40 -9.56
CA PRO E 227 -27.57 -0.48 -8.51
C PRO E 227 -28.05 0.88 -8.04
N ASP E 228 -27.15 1.86 -7.97
CA ASP E 228 -27.53 3.21 -7.52
C ASP E 228 -28.56 3.84 -8.45
N MET E 229 -28.41 3.65 -9.77
CA MET E 229 -29.35 4.27 -10.69
C MET E 229 -30.73 3.60 -10.63
N ILE E 230 -30.75 2.26 -10.57
CA ILE E 230 -32.02 1.54 -10.53
C ILE E 230 -32.75 1.79 -9.20
N SER E 231 -32.03 1.81 -8.09
CA SER E 231 -32.68 2.10 -6.81
C SER E 231 -33.20 3.53 -6.76
N ALA E 232 -32.41 4.49 -7.26
CA ALA E 232 -32.89 5.87 -7.30
C ALA E 232 -34.13 6.00 -8.18
N LEU E 233 -34.12 5.40 -9.36
CA LEU E 233 -35.29 5.39 -10.24
C LEU E 233 -36.52 4.89 -9.49
N THR E 234 -36.40 3.74 -8.81
CA THR E 234 -37.54 3.14 -8.13
C THR E 234 -38.04 4.05 -7.00
N HIS E 235 -37.12 4.62 -6.23
CA HIS E 235 -37.54 5.42 -5.08
C HIS E 235 -38.14 6.77 -5.50
N PHE E 236 -37.60 7.39 -6.55
CA PHE E 236 -38.26 8.57 -7.12
C PHE E 236 -39.68 8.23 -7.52
N ALA E 237 -39.87 7.10 -8.21
CA ALA E 237 -41.20 6.72 -8.68
C ALA E 237 -42.14 6.44 -7.51
N LEU E 238 -41.64 5.78 -6.46
CA LEU E 238 -42.47 5.50 -5.29
C LEU E 238 -42.88 6.79 -4.58
N ASP E 239 -42.07 7.85 -4.68
CA ASP E 239 -42.44 9.16 -4.17
C ASP E 239 -43.26 9.98 -5.15
N GLU E 240 -43.68 9.39 -6.26
CA GLU E 240 -44.43 10.10 -7.29
C GLU E 240 -43.63 11.26 -7.89
N ASN E 241 -42.30 11.20 -7.79
CA ASN E 241 -41.43 12.09 -8.57
C ASN E 241 -41.20 11.46 -9.94
N TYR E 242 -42.25 11.53 -10.75
CA TYR E 242 -42.23 10.81 -12.03
C TYR E 242 -41.27 11.45 -13.03
N LYS E 243 -41.05 12.77 -12.95
CA LYS E 243 -40.11 13.40 -13.86
C LYS E 243 -38.70 12.88 -13.63
N GLU E 244 -38.31 12.68 -12.37
CA GLU E 244 -36.97 12.16 -12.09
C GLU E 244 -36.89 10.67 -12.40
N ALA E 245 -37.94 9.91 -12.09
CA ALA E 245 -37.96 8.50 -12.42
C ALA E 245 -37.86 8.27 -13.92
N LYS E 246 -38.66 8.99 -14.70
CA LYS E 246 -38.60 8.84 -16.16
C LYS E 246 -37.25 9.27 -16.70
N LYS E 247 -36.63 10.29 -16.09
CA LYS E 247 -35.35 10.78 -16.58
C LYS E 247 -34.28 9.70 -16.48
N ILE E 248 -34.24 8.98 -15.36
CA ILE E 248 -33.26 7.90 -15.21
C ILE E 248 -33.61 6.73 -16.11
N ASN E 249 -34.91 6.38 -16.18
CA ASN E 249 -35.35 5.32 -17.08
C ASN E 249 -34.95 5.60 -18.51
N ASP E 250 -35.14 6.85 -18.96
CA ASP E 250 -34.77 7.22 -20.32
C ASP E 250 -33.27 7.08 -20.53
N GLU E 251 -32.47 7.56 -19.58
CA GLU E 251 -31.03 7.51 -19.70
C GLU E 251 -30.50 6.07 -19.67
N LEU E 252 -31.20 5.19 -18.96
CA LEU E 252 -30.81 3.79 -18.81
C LEU E 252 -31.23 2.91 -19.99
N TYR E 253 -31.97 3.45 -20.96
CA TYR E 253 -32.53 2.59 -22.00
C TYR E 253 -31.45 1.82 -22.76
N ASN E 254 -30.37 2.51 -23.14
CA ASN E 254 -29.34 1.86 -23.97
C ASN E 254 -28.73 0.67 -23.26
N ILE E 255 -28.36 0.83 -21.99
CA ILE E 255 -27.80 -0.30 -21.27
C ILE E 255 -28.88 -1.32 -20.99
N ASN E 256 -30.11 -0.86 -20.69
CA ASN E 256 -31.20 -1.79 -20.45
C ASN E 256 -31.42 -2.70 -21.66
N LYS E 257 -31.28 -2.16 -22.87
CA LYS E 257 -31.54 -2.96 -24.07
C LYS E 257 -30.37 -3.87 -24.44
N ILE E 258 -29.15 -3.33 -24.40
CA ILE E 258 -27.99 -4.12 -24.80
C ILE E 258 -27.80 -5.31 -23.85
N LEU E 259 -28.29 -5.20 -22.62
CA LEU E 259 -28.17 -6.33 -21.70
C LEU E 259 -29.05 -7.50 -22.09
N PHE E 260 -29.82 -7.39 -23.18
CA PHE E 260 -30.56 -8.52 -23.71
C PHE E 260 -30.27 -8.74 -25.19
N CYS E 261 -29.21 -8.12 -25.72
CA CYS E 261 -28.67 -8.50 -27.03
C CYS E 261 -28.56 -10.02 -27.19
N GLU E 262 -28.14 -10.73 -26.13
CA GLU E 262 -28.24 -12.18 -26.06
C GLU E 262 -29.01 -12.54 -24.80
N SER E 263 -29.34 -13.82 -24.64
CA SER E 263 -30.23 -14.21 -23.56
C SER E 263 -29.60 -13.88 -22.21
N ASN E 264 -30.35 -13.15 -21.40
CA ASN E 264 -29.96 -12.90 -20.02
C ASN E 264 -29.74 -14.23 -19.29
N PRO E 265 -28.68 -14.37 -18.48
CA PRO E 265 -27.71 -13.34 -18.06
C PRO E 265 -26.40 -13.29 -18.82
N ILE E 266 -26.37 -13.73 -20.08
CA ILE E 266 -25.12 -13.68 -20.84
C ILE E 266 -24.60 -12.25 -20.95
N PRO E 267 -25.40 -11.25 -21.33
CA PRO E 267 -24.83 -9.89 -21.38
C PRO E 267 -24.48 -9.31 -20.02
N ILE E 268 -25.32 -9.51 -18.99
CA ILE E 268 -25.03 -8.84 -17.72
C ILE E 268 -23.76 -9.40 -17.10
N LYS E 269 -23.54 -10.71 -17.18
CA LYS E 269 -22.29 -11.27 -16.66
C LYS E 269 -21.09 -10.76 -17.46
N THR E 270 -21.25 -10.64 -18.79
CA THR E 270 -20.21 -10.02 -19.61
C THR E 270 -19.91 -8.61 -19.14
N ALA E 271 -20.96 -7.83 -18.86
CA ALA E 271 -20.79 -6.45 -18.41
C ALA E 271 -20.11 -6.40 -17.05
N MET E 272 -20.54 -7.25 -16.11
CA MET E 272 -19.91 -7.29 -14.80
C MET E 272 -18.43 -7.61 -14.92
N TYR E 273 -18.09 -8.51 -15.84
CA TYR E 273 -16.70 -8.86 -16.08
C TYR E 273 -15.94 -7.68 -16.67
N LEU E 274 -16.52 -7.03 -17.68
CA LEU E 274 -15.87 -5.88 -18.31
C LEU E 274 -15.66 -4.73 -17.32
N ALA E 275 -16.58 -4.56 -16.37
CA ALA E 275 -16.44 -3.48 -15.40
C ALA E 275 -15.46 -3.79 -14.29
N GLY E 276 -14.91 -5.00 -14.25
CA GLY E 276 -14.03 -5.41 -13.17
C GLY E 276 -14.73 -5.81 -11.90
N LEU E 277 -16.06 -6.08 -11.97
CA LEU E 277 -16.83 -6.46 -10.79
C LEU E 277 -16.84 -7.97 -10.53
N ILE E 278 -16.52 -8.80 -11.52
CA ILE E 278 -16.33 -10.22 -11.28
C ILE E 278 -15.03 -10.63 -11.97
N GLU E 279 -14.43 -11.71 -11.45
CA GLU E 279 -13.09 -12.10 -11.85
C GLU E 279 -13.04 -12.83 -13.17
N SER E 280 -14.05 -13.65 -13.46
CA SER E 280 -13.99 -14.54 -14.61
C SER E 280 -15.32 -14.53 -15.36
N LEU E 281 -15.25 -14.56 -16.68
CA LEU E 281 -16.46 -14.65 -17.51
C LEU E 281 -16.80 -16.13 -17.71
N GLU E 282 -17.38 -16.72 -16.67
CA GLU E 282 -17.70 -18.14 -16.64
C GLU E 282 -19.21 -18.32 -16.55
N PHE E 283 -19.75 -19.17 -17.40
CA PHE E 283 -21.14 -19.62 -17.34
C PHE E 283 -21.15 -21.12 -17.12
N ARG E 284 -22.35 -21.63 -16.89
CA ARG E 284 -22.60 -23.07 -16.93
C ARG E 284 -23.37 -23.40 -18.20
N LEU E 285 -22.89 -24.41 -18.92
CA LEU E 285 -23.56 -24.82 -20.13
C LEU E 285 -25.01 -25.21 -19.79
N PRO E 286 -25.97 -24.91 -20.67
CA PRO E 286 -25.81 -24.46 -22.05
C PRO E 286 -25.58 -22.96 -22.25
N LEU E 287 -25.43 -22.19 -21.18
CA LEU E 287 -25.05 -20.79 -21.37
C LEU E 287 -23.54 -20.70 -21.64
N CYS E 288 -23.15 -19.65 -22.37
CA CYS E 288 -21.76 -19.50 -22.80
C CYS E 288 -21.48 -18.04 -23.09
N SER E 289 -20.22 -17.73 -23.37
CA SER E 289 -19.82 -16.37 -23.71
C SER E 289 -20.59 -15.84 -24.94
N PRO E 290 -20.79 -14.53 -25.02
CA PRO E 290 -21.44 -13.97 -26.19
C PRO E 290 -20.52 -14.00 -27.39
N SER E 291 -21.11 -13.79 -28.56
CA SER E 291 -20.33 -13.60 -29.76
C SER E 291 -19.36 -12.43 -29.59
N LYS E 292 -18.27 -12.46 -30.39
CA LYS E 292 -17.36 -11.32 -30.45
C LYS E 292 -18.08 -10.01 -30.73
N GLU E 293 -19.07 -10.03 -31.58
CA GLU E 293 -19.70 -8.77 -31.95
C GLU E 293 -20.54 -8.20 -30.82
N ASN E 294 -21.29 -9.06 -30.13
CA ASN E 294 -22.07 -8.58 -29.00
C ASN E 294 -21.19 -8.23 -27.81
N PHE E 295 -20.07 -8.93 -27.62
CA PHE E 295 -19.10 -8.51 -26.62
C PHE E 295 -18.68 -7.06 -26.81
N ALA E 296 -18.38 -6.68 -28.06
CA ALA E 296 -17.92 -5.32 -28.36
C ALA E 296 -19.04 -4.31 -28.16
N LYS E 297 -20.27 -4.65 -28.53
CA LYS E 297 -21.38 -3.72 -28.36
C LYS E 297 -21.70 -3.49 -26.90
N ILE E 298 -21.62 -4.54 -26.07
CA ILE E 298 -21.83 -4.35 -24.63
C ILE E 298 -20.76 -3.43 -24.08
N GLU E 299 -19.50 -3.67 -24.48
CA GLU E 299 -18.39 -2.85 -24.02
C GLU E 299 -18.58 -1.39 -24.39
N GLU E 300 -19.06 -1.12 -25.62
CA GLU E 300 -19.22 0.27 -26.04
C GLU E 300 -20.39 0.95 -25.34
N VAL E 301 -21.50 0.24 -25.12
CA VAL E 301 -22.64 0.87 -24.46
C VAL E 301 -22.31 1.24 -23.03
N MET E 302 -21.50 0.42 -22.36
CA MET E 302 -21.16 0.66 -20.95
C MET E 302 -20.40 1.96 -20.72
N LYS E 303 -19.63 2.42 -21.71
CA LYS E 303 -18.76 3.57 -21.50
C LYS E 303 -19.53 4.83 -21.16
N LYS E 304 -20.82 4.88 -21.45
CA LYS E 304 -21.65 6.04 -21.19
C LYS E 304 -22.24 6.06 -19.78
N TYR E 305 -21.91 5.08 -18.94
CA TYR E 305 -22.48 4.98 -17.62
C TYR E 305 -21.38 4.98 -16.56
N LYS E 306 -21.67 5.55 -15.41
CA LYS E 306 -20.72 5.60 -14.29
C LYS E 306 -20.96 4.38 -13.42
N ILE E 307 -19.97 3.49 -13.36
CA ILE E 307 -20.13 2.20 -12.70
C ILE E 307 -19.50 2.25 -11.32
N LYS E 308 -20.34 2.12 -10.29
CA LYS E 308 -19.85 2.08 -8.92
C LYS E 308 -19.00 0.85 -8.70
N GLY E 309 -17.92 1.03 -7.94
CA GLY E 309 -17.04 -0.06 -7.57
C GLY E 309 -17.43 -0.71 -6.27
N PHE E 310 -16.42 -1.25 -5.59
CA PHE E 310 -16.63 -1.87 -4.28
C PHE E 310 -16.31 -0.92 -3.14
N LYS F 15 -23.79 -44.26 -39.60
CA LYS F 15 -24.30 -44.03 -38.24
C LYS F 15 -25.31 -45.09 -37.79
N ASN F 16 -25.25 -45.47 -36.52
CA ASN F 16 -26.29 -46.30 -35.93
C ASN F 16 -27.50 -45.42 -35.64
N ILE F 17 -28.68 -45.87 -36.05
CA ILE F 17 -29.90 -45.08 -36.01
C ILE F 17 -31.01 -45.85 -35.31
N ILE F 18 -32.01 -45.11 -34.84
CA ILE F 18 -33.28 -45.66 -34.36
C ILE F 18 -34.37 -44.88 -35.08
N ILE F 19 -35.09 -45.55 -35.99
CA ILE F 19 -36.07 -44.87 -36.84
C ILE F 19 -37.36 -45.66 -36.88
N GLY F 20 -38.27 -45.29 -37.78
CA GLY F 20 -39.53 -46.01 -37.91
C GLY F 20 -40.62 -45.44 -37.01
N ALA F 21 -41.63 -46.27 -36.78
CA ALA F 21 -42.77 -45.87 -35.96
C ALA F 21 -42.41 -45.99 -34.49
N MET F 22 -42.47 -44.88 -33.76
CA MET F 22 -42.11 -44.85 -32.36
C MET F 22 -43.18 -44.12 -31.56
N THR F 23 -43.31 -44.50 -30.29
CA THR F 23 -44.36 -44.01 -29.41
C THR F 23 -43.77 -43.29 -28.21
N ALA F 24 -44.19 -42.04 -28.00
CA ALA F 24 -43.88 -41.32 -26.77
C ALA F 24 -44.83 -41.83 -25.69
N LEU F 25 -44.35 -42.76 -24.86
CA LEU F 25 -45.21 -43.47 -23.93
C LEU F 25 -45.76 -42.54 -22.84
N ILE F 26 -47.07 -42.61 -22.60
CA ILE F 26 -47.62 -42.02 -21.39
C ILE F 26 -47.10 -42.79 -20.18
N THR F 27 -47.09 -42.11 -19.03
CA THR F 27 -46.75 -42.76 -17.76
C THR F 27 -48.01 -42.85 -16.89
N PRO F 28 -48.64 -44.01 -16.78
CA PRO F 28 -49.86 -44.10 -15.96
C PRO F 28 -49.53 -44.01 -14.48
N PHE F 29 -50.37 -43.27 -13.76
CA PHE F 29 -50.31 -43.19 -12.30
C PHE F 29 -51.53 -43.86 -11.69
N LYS F 30 -51.34 -44.44 -10.52
CA LYS F 30 -52.38 -45.04 -9.69
C LYS F 30 -52.07 -44.65 -8.27
N ASN F 31 -52.99 -43.90 -7.64
CA ASN F 31 -52.78 -43.40 -6.28
C ASN F 31 -51.45 -42.65 -6.18
N GLY F 32 -51.16 -41.83 -7.19
CA GLY F 32 -50.00 -40.99 -7.17
C GLY F 32 -48.68 -41.66 -7.48
N LYS F 33 -48.64 -42.97 -7.68
CA LYS F 33 -47.38 -43.62 -8.01
C LYS F 33 -47.49 -44.23 -9.41
N VAL F 34 -46.33 -44.43 -10.03
CA VAL F 34 -46.27 -45.03 -11.36
C VAL F 34 -46.85 -46.45 -11.29
N ASP F 35 -47.83 -46.70 -12.14
CA ASP F 35 -48.44 -48.04 -12.24
C ASP F 35 -47.53 -48.87 -13.15
N GLU F 36 -46.60 -49.59 -12.51
CA GLU F 36 -45.58 -50.32 -13.25
C GLU F 36 -46.17 -51.47 -14.06
N GLN F 37 -47.17 -52.17 -13.51
CA GLN F 37 -47.83 -53.23 -14.26
C GLN F 37 -48.52 -52.69 -15.50
N SER F 38 -49.27 -51.59 -15.35
CA SER F 38 -49.92 -50.96 -16.50
C SER F 38 -48.91 -50.49 -17.52
N TYR F 39 -47.81 -49.91 -17.04
CA TYR F 39 -46.76 -49.42 -17.94
C TYR F 39 -46.24 -50.53 -18.84
N ALA F 40 -45.93 -51.70 -18.26
CA ALA F 40 -45.44 -52.82 -19.05
C ALA F 40 -46.49 -53.33 -20.04
N ARG F 41 -47.75 -53.47 -19.59
CA ARG F 41 -48.82 -53.90 -20.49
C ARG F 41 -49.06 -52.91 -21.63
N LEU F 42 -48.92 -51.60 -21.37
CA LEU F 42 -49.05 -50.63 -22.45
C LEU F 42 -47.92 -50.76 -23.48
N ILE F 43 -46.70 -51.07 -23.02
CA ILE F 43 -45.58 -51.23 -23.96
C ILE F 43 -45.75 -52.49 -24.80
N LYS F 44 -46.22 -53.58 -24.20
CA LYS F 44 -46.46 -54.80 -24.97
C LYS F 44 -47.54 -54.56 -26.02
N ARG F 45 -48.56 -53.78 -25.68
CA ARG F 45 -49.59 -53.44 -26.64
C ARG F 45 -49.01 -52.67 -27.82
N GLN F 46 -48.04 -51.78 -27.56
CA GLN F 46 -47.36 -51.08 -28.64
C GLN F 46 -46.58 -52.05 -29.52
N ILE F 47 -45.82 -52.94 -28.90
CA ILE F 47 -45.00 -53.90 -29.63
C ILE F 47 -45.86 -54.76 -30.53
N GLU F 48 -46.97 -55.26 -29.99
CA GLU F 48 -47.84 -56.16 -30.75
C GLU F 48 -48.61 -55.45 -31.87
N ASN F 49 -48.58 -54.12 -31.93
CA ASN F 49 -49.29 -53.39 -32.97
C ASN F 49 -48.33 -52.70 -33.95
N GLY F 50 -47.12 -53.25 -34.09
CA GLY F 50 -46.22 -52.88 -35.16
C GLY F 50 -45.27 -51.73 -34.89
N ILE F 51 -45.15 -51.30 -33.63
CA ILE F 51 -44.27 -50.19 -33.29
C ILE F 51 -42.81 -50.66 -33.34
N ASP F 52 -41.92 -49.77 -33.82
CA ASP F 52 -40.50 -50.08 -33.97
C ASP F 52 -39.65 -49.66 -32.78
N ALA F 53 -40.10 -48.67 -32.01
CA ALA F 53 -39.35 -48.22 -30.84
C ALA F 53 -40.32 -47.50 -29.90
N VAL F 54 -39.99 -47.52 -28.62
CA VAL F 54 -40.79 -46.84 -27.61
C VAL F 54 -39.91 -45.80 -26.93
N VAL F 55 -40.51 -44.66 -26.60
CA VAL F 55 -39.80 -43.55 -25.97
C VAL F 55 -40.32 -43.39 -24.55
N PRO F 56 -39.67 -43.99 -23.56
CA PRO F 56 -40.07 -43.75 -22.17
C PRO F 56 -39.61 -42.38 -21.71
N VAL F 57 -40.40 -41.81 -20.79
CA VAL F 57 -40.11 -40.59 -20.05
C VAL F 57 -39.69 -39.45 -20.98
N GLY F 58 -40.42 -39.26 -22.07
CA GLY F 58 -40.37 -38.06 -22.87
C GLY F 58 -41.39 -37.05 -22.36
N THR F 59 -41.70 -36.07 -23.21
CA THR F 59 -42.68 -35.04 -22.83
C THR F 59 -44.03 -35.69 -22.54
N THR F 60 -44.47 -36.59 -23.41
CA THR F 60 -45.74 -37.27 -23.23
C THR F 60 -45.75 -38.14 -21.97
N GLY F 61 -44.59 -38.55 -21.49
CA GLY F 61 -44.49 -39.34 -20.28
C GLY F 61 -44.34 -38.53 -19.02
N GLU F 62 -44.57 -37.21 -19.10
CA GLU F 62 -44.49 -36.31 -17.94
C GLU F 62 -43.12 -36.38 -17.25
N SER F 63 -42.07 -36.32 -18.07
CA SER F 63 -40.70 -36.37 -17.54
C SER F 63 -40.45 -35.31 -16.49
N ALA F 64 -41.11 -34.16 -16.63
CA ALA F 64 -40.85 -33.03 -15.73
C ALA F 64 -41.22 -33.36 -14.29
N THR F 65 -42.21 -34.21 -14.05
CA THR F 65 -42.69 -34.45 -12.70
C THR F 65 -42.29 -35.83 -12.17
N LEU F 66 -41.43 -36.56 -12.86
CA LEU F 66 -40.97 -37.86 -12.38
C LEU F 66 -39.67 -37.72 -11.60
N THR F 67 -39.55 -38.49 -10.52
CA THR F 67 -38.27 -38.49 -9.82
C THR F 67 -37.24 -39.25 -10.64
N HIS F 68 -35.97 -39.07 -10.26
CA HIS F 68 -34.90 -39.83 -10.88
C HIS F 68 -35.14 -41.32 -10.72
N GLU F 69 -35.73 -41.72 -9.58
CA GLU F 69 -36.00 -43.12 -9.34
C GLU F 69 -37.12 -43.64 -10.22
N GLU F 70 -38.11 -42.80 -10.53
CA GLU F 70 -39.18 -43.23 -11.40
C GLU F 70 -38.72 -43.28 -12.85
N LYS F 71 -37.77 -42.45 -13.21
CA LYS F 71 -37.26 -42.49 -14.56
C LYS F 71 -36.48 -43.78 -14.75
N ARG F 72 -35.75 -44.19 -13.75
CA ARG F 72 -34.99 -45.42 -13.83
C ARG F 72 -35.95 -46.59 -13.99
N THR F 73 -36.94 -46.61 -13.18
CA THR F 73 -37.92 -47.64 -13.20
C THR F 73 -38.61 -47.75 -14.54
N CYS F 74 -38.99 -46.63 -15.13
CA CYS F 74 -39.71 -46.66 -16.39
C CYS F 74 -38.81 -47.12 -17.53
N ILE F 75 -37.55 -46.67 -17.53
CA ILE F 75 -36.62 -47.09 -18.56
C ILE F 75 -36.32 -48.58 -18.46
N GLU F 76 -36.13 -49.07 -17.22
CA GLU F 76 -35.87 -50.50 -17.04
C GLU F 76 -37.06 -51.33 -17.48
N ILE F 77 -38.28 -50.88 -17.16
CA ILE F 77 -39.47 -51.59 -17.60
C ILE F 77 -39.54 -51.61 -19.12
N ALA F 78 -39.22 -50.48 -19.76
CA ALA F 78 -39.19 -50.45 -21.22
C ALA F 78 -38.12 -51.38 -21.77
N VAL F 79 -36.92 -51.33 -21.19
CA VAL F 79 -35.86 -52.21 -21.68
C VAL F 79 -36.28 -53.66 -21.50
N GLU F 80 -36.77 -54.00 -20.30
CA GLU F 80 -37.13 -55.40 -20.02
C GLU F 80 -38.29 -55.88 -20.88
N THR F 81 -39.29 -55.03 -21.10
CA THR F 81 -40.44 -55.45 -21.90
C THR F 81 -40.09 -55.63 -23.37
N CYS F 82 -39.11 -54.90 -23.87
CA CYS F 82 -38.72 -54.99 -25.25
C CYS F 82 -37.68 -56.06 -25.52
N LYS F 83 -37.13 -56.60 -24.47
CA LYS F 83 -36.13 -57.63 -24.61
C LYS F 83 -36.70 -58.86 -25.33
N GLY F 84 -35.96 -59.35 -26.31
CA GLY F 84 -36.42 -60.48 -27.05
C GLY F 84 -37.38 -60.09 -28.15
N THR F 85 -37.49 -58.80 -28.39
CA THR F 85 -38.24 -58.29 -29.53
C THR F 85 -37.32 -57.43 -30.37
N LYS F 86 -37.84 -56.98 -31.52
CA LYS F 86 -37.11 -56.06 -32.37
C LYS F 86 -37.24 -54.61 -31.91
N VAL F 87 -38.11 -54.35 -30.94
CA VAL F 87 -38.45 -52.98 -30.55
C VAL F 87 -37.35 -52.39 -29.69
N LYS F 88 -36.92 -51.18 -30.04
CA LYS F 88 -35.86 -50.50 -29.31
C LYS F 88 -36.42 -49.49 -28.34
N VAL F 89 -35.56 -49.08 -27.40
CA VAL F 89 -35.91 -48.13 -26.37
C VAL F 89 -35.09 -46.87 -26.61
N LEU F 90 -35.77 -45.80 -27.01
CA LEU F 90 -35.17 -44.48 -27.19
C LEU F 90 -35.60 -43.66 -25.99
N ALA F 91 -34.73 -43.60 -24.97
CA ALA F 91 -35.10 -43.04 -23.68
C ALA F 91 -35.02 -41.52 -23.70
N GLY F 92 -36.08 -40.88 -23.20
CA GLY F 92 -36.00 -39.45 -22.96
C GLY F 92 -34.96 -39.17 -21.89
N ALA F 93 -34.03 -38.25 -22.16
CA ALA F 93 -32.97 -38.01 -21.19
C ALA F 93 -32.38 -36.60 -21.31
N GLY F 94 -33.22 -35.60 -21.52
CA GLY F 94 -32.75 -34.25 -21.72
C GLY F 94 -32.84 -33.39 -20.47
N SER F 95 -32.22 -32.21 -20.54
CA SER F 95 -32.23 -31.27 -19.44
C SER F 95 -31.80 -29.91 -19.97
N ASN F 96 -32.27 -28.84 -19.32
CA ASN F 96 -31.77 -27.52 -19.65
C ASN F 96 -30.47 -27.19 -18.92
N ALA F 97 -29.91 -28.16 -18.19
CA ALA F 97 -28.60 -28.07 -17.56
C ALA F 97 -27.71 -29.14 -18.19
N THR F 98 -26.62 -28.73 -18.84
CA THR F 98 -25.82 -29.68 -19.59
C THR F 98 -25.24 -30.78 -18.70
N HIS F 99 -24.77 -30.42 -17.50
CA HIS F 99 -24.25 -31.42 -16.58
C HIS F 99 -25.30 -32.46 -16.23
N GLU F 100 -26.56 -32.04 -16.06
CA GLU F 100 -27.61 -33.01 -15.75
C GLU F 100 -27.97 -33.83 -16.98
N ALA F 101 -28.04 -33.20 -18.15
CA ALA F 101 -28.35 -33.94 -19.37
C ALA F 101 -27.30 -35.00 -19.65
N VAL F 102 -26.04 -34.70 -19.37
CA VAL F 102 -24.97 -35.68 -19.52
C VAL F 102 -25.17 -36.84 -18.55
N GLY F 103 -25.51 -36.53 -17.30
CA GLY F 103 -25.76 -37.59 -16.33
C GLY F 103 -26.93 -38.46 -16.71
N LEU F 104 -28.03 -37.84 -17.14
CA LEU F 104 -29.20 -38.60 -17.52
C LEU F 104 -28.92 -39.48 -18.74
N ALA F 105 -28.09 -38.99 -19.67
CA ALA F 105 -27.74 -39.78 -20.85
C ALA F 105 -26.94 -41.02 -20.44
N LYS F 106 -25.91 -40.83 -19.60
CA LYS F 106 -25.13 -41.96 -19.13
C LYS F 106 -25.98 -42.91 -18.31
N PHE F 107 -26.93 -42.33 -17.57
CA PHE F 107 -27.85 -43.09 -16.74
C PHE F 107 -28.79 -43.94 -17.58
N ALA F 108 -29.26 -43.39 -18.71
CA ALA F 108 -30.09 -44.17 -19.62
C ALA F 108 -29.30 -45.30 -20.28
N LYS F 109 -28.04 -45.03 -20.64
CA LYS F 109 -27.21 -46.07 -21.25
C LYS F 109 -26.98 -47.21 -20.27
N GLU F 110 -26.67 -46.90 -19.02
CA GLU F 110 -26.39 -47.93 -18.03
C GLU F 110 -27.59 -48.84 -17.80
N HIS F 111 -28.80 -48.33 -17.99
CA HIS F 111 -30.02 -49.11 -17.77
C HIS F 111 -30.51 -49.79 -19.03
N GLY F 112 -29.69 -49.85 -20.07
CA GLY F 112 -30.00 -50.64 -21.23
C GLY F 112 -30.75 -49.94 -22.33
N ALA F 113 -30.84 -48.61 -22.31
CA ALA F 113 -31.45 -47.90 -23.43
C ALA F 113 -30.64 -48.12 -24.70
N ASP F 114 -31.35 -48.19 -25.84
CA ASP F 114 -30.68 -48.31 -27.13
C ASP F 114 -30.20 -46.97 -27.67
N GLY F 115 -30.84 -45.87 -27.27
CA GLY F 115 -30.42 -44.54 -27.65
C GLY F 115 -31.13 -43.57 -26.74
N ILE F 116 -30.86 -42.29 -26.92
CA ILE F 116 -31.53 -41.29 -26.09
C ILE F 116 -32.14 -40.20 -26.98
N LEU F 117 -33.30 -39.71 -26.55
CA LEU F 117 -33.91 -38.50 -27.10
C LEU F 117 -33.64 -37.38 -26.11
N SER F 118 -33.08 -36.27 -26.60
CA SER F 118 -32.57 -35.21 -25.73
C SER F 118 -33.15 -33.85 -26.13
N VAL F 119 -34.11 -33.34 -25.35
CA VAL F 119 -34.83 -32.13 -25.70
C VAL F 119 -33.91 -30.91 -25.58
N ALA F 120 -34.13 -29.95 -26.48
CA ALA F 120 -33.39 -28.69 -26.40
C ALA F 120 -33.64 -28.02 -25.06
N PRO F 121 -32.63 -27.42 -24.46
CA PRO F 121 -32.81 -26.72 -23.19
C PRO F 121 -33.98 -25.76 -23.19
N TYR F 122 -34.89 -25.95 -22.24
CA TYR F 122 -36.06 -25.11 -22.03
C TYR F 122 -35.71 -24.01 -21.03
N TYR F 123 -36.46 -22.90 -21.13
CA TYR F 123 -36.46 -21.81 -20.15
C TYR F 123 -35.23 -20.90 -20.21
N ASN F 124 -34.00 -21.44 -20.25
CA ASN F 124 -32.84 -20.55 -20.14
C ASN F 124 -32.33 -20.04 -21.51
N LYS F 125 -32.96 -20.44 -22.61
CA LYS F 125 -32.70 -19.85 -23.92
C LYS F 125 -31.23 -19.77 -24.30
N PRO F 126 -30.53 -20.89 -24.40
CA PRO F 126 -29.14 -20.85 -24.85
C PRO F 126 -29.02 -20.33 -26.28
N THR F 127 -27.88 -19.75 -26.60
CA THR F 127 -27.58 -19.37 -27.98
C THR F 127 -27.28 -20.62 -28.81
N GLN F 128 -27.14 -20.42 -30.13
CA GLN F 128 -26.79 -21.55 -31.01
C GLN F 128 -25.45 -22.16 -30.60
N GLN F 129 -24.48 -21.32 -30.22
CA GLN F 129 -23.21 -21.80 -29.72
C GLN F 129 -23.40 -22.66 -28.48
N GLY F 130 -24.25 -22.21 -27.55
CA GLY F 130 -24.50 -23.00 -26.35
C GLY F 130 -25.22 -24.29 -26.64
N LEU F 131 -26.19 -24.27 -27.56
CA LEU F 131 -26.86 -25.49 -27.96
C LEU F 131 -25.87 -26.48 -28.56
N TYR F 132 -24.96 -25.98 -29.39
CA TYR F 132 -23.95 -26.85 -29.98
C TYR F 132 -23.10 -27.50 -28.89
N GLU F 133 -22.61 -26.70 -27.94
CA GLU F 133 -21.78 -27.25 -26.87
C GLU F 133 -22.57 -28.18 -25.95
N HIS F 134 -23.84 -27.84 -25.70
CA HIS F 134 -24.73 -28.69 -24.91
C HIS F 134 -24.83 -30.09 -25.49
N TYR F 135 -25.17 -30.18 -26.77
CA TYR F 135 -25.41 -31.48 -27.38
C TYR F 135 -24.11 -32.24 -27.64
N LYS F 136 -23.01 -31.52 -27.89
CA LYS F 136 -21.73 -32.19 -28.06
C LYS F 136 -21.25 -32.82 -26.74
N ALA F 137 -21.44 -32.12 -25.62
CA ALA F 137 -21.12 -32.72 -24.34
C ALA F 137 -21.97 -33.97 -24.11
N ILE F 138 -23.25 -33.93 -24.47
CA ILE F 138 -24.12 -35.10 -24.33
C ILE F 138 -23.61 -36.24 -25.21
N ALA F 139 -23.30 -35.94 -26.49
CA ALA F 139 -22.85 -36.99 -27.40
C ALA F 139 -21.55 -37.61 -26.92
N GLN F 140 -20.67 -36.80 -26.31
CA GLN F 140 -19.41 -37.29 -25.77
C GLN F 140 -19.58 -38.14 -24.53
N SER F 141 -20.77 -38.17 -23.93
CA SER F 141 -20.98 -38.88 -22.68
C SER F 141 -21.32 -40.35 -22.86
N VAL F 142 -21.78 -40.76 -24.05
CA VAL F 142 -22.25 -42.12 -24.29
C VAL F 142 -21.74 -42.60 -25.64
N ASP F 143 -22.00 -43.88 -25.94
CA ASP F 143 -21.69 -44.51 -27.22
C ASP F 143 -22.93 -45.10 -27.89
N ILE F 144 -24.09 -44.51 -27.64
CA ILE F 144 -25.34 -44.95 -28.25
C ILE F 144 -25.93 -43.79 -29.04
N PRO F 145 -26.85 -44.06 -29.97
CA PRO F 145 -27.40 -42.98 -30.80
C PRO F 145 -28.12 -41.90 -30.00
N VAL F 146 -27.97 -40.66 -30.45
CA VAL F 146 -28.55 -39.49 -29.80
C VAL F 146 -29.43 -38.78 -30.82
N LEU F 147 -30.72 -38.62 -30.50
CA LEU F 147 -31.66 -37.89 -31.34
C LEU F 147 -31.98 -36.54 -30.69
N LEU F 148 -31.68 -35.47 -31.39
CA LEU F 148 -32.07 -34.13 -30.94
C LEU F 148 -33.59 -34.00 -30.96
N TYR F 149 -34.09 -33.00 -30.23
CA TYR F 149 -35.53 -32.81 -30.09
C TYR F 149 -35.78 -31.31 -30.04
N ASN F 150 -36.41 -30.77 -31.09
CA ASN F 150 -36.67 -29.35 -31.25
C ASN F 150 -38.17 -29.10 -31.09
N VAL F 151 -38.54 -28.37 -30.05
CA VAL F 151 -39.95 -28.05 -29.79
C VAL F 151 -40.02 -26.63 -29.22
N PRO F 152 -39.88 -25.61 -30.07
CA PRO F 152 -39.71 -24.24 -29.56
C PRO F 152 -40.92 -23.70 -28.82
N GLY F 153 -42.14 -24.17 -29.14
CA GLY F 153 -43.30 -23.73 -28.38
C GLY F 153 -43.22 -24.06 -26.90
N ARG F 154 -42.46 -25.09 -26.55
CA ARG F 154 -42.31 -25.47 -25.14
C ARG F 154 -41.01 -24.98 -24.51
N THR F 155 -39.92 -24.92 -25.28
CA THR F 155 -38.60 -24.60 -24.72
C THR F 155 -38.24 -23.13 -24.77
N GLY F 156 -38.82 -22.35 -25.69
CA GLY F 156 -38.38 -20.99 -25.86
C GLY F 156 -37.13 -20.80 -26.70
N CYS F 157 -36.57 -21.87 -27.25
CA CYS F 157 -35.42 -21.73 -28.14
C CYS F 157 -35.65 -22.64 -29.35
N GLU F 158 -34.87 -22.38 -30.40
CA GLU F 158 -34.89 -23.18 -31.62
C GLU F 158 -33.48 -23.65 -31.96
N ILE F 159 -33.32 -24.93 -32.22
CA ILE F 159 -32.07 -25.43 -32.79
C ILE F 159 -32.09 -25.16 -34.30
N SER F 160 -31.25 -24.23 -34.75
CA SER F 160 -31.20 -23.90 -36.16
C SER F 160 -30.76 -25.10 -37.00
N THR F 161 -31.11 -25.05 -38.29
CA THR F 161 -30.66 -26.06 -39.24
C THR F 161 -29.15 -26.20 -39.26
N ASP F 162 -28.43 -25.09 -39.26
CA ASP F 162 -26.96 -25.13 -39.28
C ASP F 162 -26.40 -25.83 -38.05
N THR F 163 -26.97 -25.55 -36.87
CA THR F 163 -26.49 -26.18 -35.65
C THR F 163 -26.73 -27.68 -35.67
N ILE F 164 -27.92 -28.10 -36.13
CA ILE F 164 -28.22 -29.53 -36.27
C ILE F 164 -27.24 -30.20 -37.22
N ILE F 165 -27.02 -29.59 -38.38
CA ILE F 165 -26.15 -30.19 -39.38
C ILE F 165 -24.72 -30.27 -38.86
N LYS F 166 -24.25 -29.19 -38.22
CA LYS F 166 -22.93 -29.20 -37.60
C LYS F 166 -22.81 -30.32 -36.57
N LEU F 167 -23.84 -30.49 -35.73
CA LEU F 167 -23.81 -31.57 -34.74
C LEU F 167 -23.82 -32.94 -35.42
N PHE F 168 -24.62 -33.10 -36.47
CA PHE F 168 -24.65 -34.36 -37.22
C PHE F 168 -23.28 -34.69 -37.80
N ARG F 169 -22.56 -33.70 -38.33
CA ARG F 169 -21.27 -33.97 -38.94
C ARG F 169 -20.16 -34.12 -37.90
N ASP F 170 -20.29 -33.46 -36.75
CA ASP F 170 -19.20 -33.41 -35.77
C ASP F 170 -19.28 -34.51 -34.73
N CYS F 171 -20.46 -35.08 -34.47
CA CYS F 171 -20.66 -36.03 -33.41
C CYS F 171 -21.24 -37.32 -33.96
N GLU F 172 -20.52 -38.44 -33.77
CA GLU F 172 -20.93 -39.71 -34.34
C GLU F 172 -22.32 -40.11 -33.84
N ASN F 173 -22.57 -39.93 -32.55
CA ASN F 173 -23.82 -40.42 -31.98
C ASN F 173 -25.04 -39.64 -32.45
N ILE F 174 -24.87 -38.40 -32.87
CA ILE F 174 -26.01 -37.57 -33.23
C ILE F 174 -26.42 -37.89 -34.68
N TYR F 175 -27.62 -38.44 -34.84
CA TYR F 175 -28.03 -38.99 -36.14
C TYR F 175 -29.28 -38.33 -36.72
N GLY F 176 -29.92 -37.40 -36.02
CA GLY F 176 -31.09 -36.76 -36.56
C GLY F 176 -31.76 -35.88 -35.52
N VAL F 177 -33.00 -35.51 -35.83
CA VAL F 177 -33.77 -34.61 -34.97
C VAL F 177 -35.27 -34.98 -35.05
N KPI F 178 -35.96 -34.81 -33.93
CA KPI F 178 -37.39 -34.97 -33.82
CB KPI F 178 -37.81 -35.66 -32.54
CG KPI F 178 -39.22 -35.41 -32.03
CD KPI F 178 -39.52 -35.89 -30.63
CE KPI F 178 -41.00 -35.87 -30.29
NZ KPI F 178 -41.23 -36.11 -28.89
CX1 KPI F 178 -42.28 -36.27 -28.23
C1 KPI F 178 -43.62 -36.25 -28.88
CX2 KPI F 178 -42.21 -36.49 -26.78
O1 KPI F 178 -43.24 -36.45 -26.12
O2 KPI F 178 -41.14 -36.70 -26.26
C KPI F 178 -37.90 -33.55 -33.85
O KPI F 178 -37.64 -32.77 -32.96
N GLU F 179 -38.63 -33.22 -34.88
CA GLU F 179 -39.18 -31.88 -35.02
C GLU F 179 -40.62 -31.74 -34.63
N ALA F 180 -40.87 -30.85 -33.70
CA ALA F 180 -42.22 -30.47 -33.27
C ALA F 180 -42.29 -28.95 -33.35
N SER F 181 -42.26 -28.42 -34.57
CA SER F 181 -42.17 -26.98 -34.78
C SER F 181 -43.14 -26.45 -35.82
N GLY F 182 -43.97 -27.29 -36.42
CA GLY F 182 -44.92 -26.86 -37.44
C GLY F 182 -44.28 -26.13 -38.61
N ASN F 183 -43.09 -26.56 -39.03
CA ASN F 183 -42.28 -25.78 -39.96
C ASN F 183 -41.75 -26.73 -41.03
N ILE F 184 -42.58 -27.02 -42.04
CA ILE F 184 -42.15 -27.93 -43.11
C ILE F 184 -41.02 -27.29 -43.91
N ASP F 185 -40.95 -25.96 -43.95
CA ASP F 185 -39.81 -25.28 -44.58
C ASP F 185 -38.49 -25.72 -43.94
N LYS F 186 -38.45 -25.76 -42.61
CA LYS F 186 -37.24 -26.21 -41.93
C LYS F 186 -36.93 -27.66 -42.26
N CYS F 187 -37.97 -28.49 -42.40
CA CYS F 187 -37.75 -29.89 -42.77
C CYS F 187 -37.14 -30.00 -44.16
N VAL F 188 -37.56 -29.13 -45.09
CA VAL F 188 -36.92 -29.10 -46.40
C VAL F 188 -35.47 -28.64 -46.28
N ASP F 189 -35.26 -27.55 -45.53
CA ASP F 189 -33.92 -27.02 -45.28
C ASP F 189 -32.99 -28.12 -44.75
N LEU F 190 -33.44 -28.86 -43.73
CA LEU F 190 -32.61 -29.90 -43.11
C LEU F 190 -32.20 -30.97 -44.11
N LEU F 191 -33.18 -31.58 -44.78
CA LEU F 191 -32.89 -32.72 -45.63
C LEU F 191 -32.30 -32.32 -46.98
N ALA F 192 -32.49 -31.07 -47.42
CA ALA F 192 -31.86 -30.64 -48.67
C ALA F 192 -30.37 -30.41 -48.49
N HIS F 193 -29.94 -29.97 -47.31
CA HIS F 193 -28.52 -29.70 -47.07
C HIS F 193 -27.79 -30.86 -46.41
N GLU F 194 -28.50 -31.75 -45.71
CA GLU F 194 -27.88 -32.91 -45.08
C GLU F 194 -28.82 -34.09 -45.25
N PRO F 195 -28.88 -34.66 -46.46
CA PRO F 195 -29.86 -35.72 -46.74
C PRO F 195 -29.59 -37.03 -46.00
N ARG F 196 -28.46 -37.16 -45.33
CA ARG F 196 -28.15 -38.39 -44.60
C ARG F 196 -28.72 -38.42 -43.18
N MET F 197 -29.25 -37.31 -42.69
CA MET F 197 -29.78 -37.30 -41.33
C MET F 197 -31.16 -37.92 -41.29
N MET F 198 -31.55 -38.36 -40.09
CA MET F 198 -32.86 -38.97 -39.85
C MET F 198 -33.78 -37.92 -39.25
N LEU F 199 -34.64 -37.33 -40.10
CA LEU F 199 -35.66 -36.42 -39.63
C LEU F 199 -36.87 -37.22 -39.13
N ILE F 200 -37.28 -36.94 -37.90
CA ILE F 200 -38.34 -37.67 -37.22
C ILE F 200 -39.46 -36.70 -36.90
N SER F 201 -40.69 -37.07 -37.25
CA SER F 201 -41.83 -36.20 -36.97
C SER F 201 -42.19 -36.25 -35.50
N GLY F 202 -42.26 -35.07 -34.87
CA GLY F 202 -42.77 -34.99 -33.51
C GLY F 202 -44.14 -34.33 -33.48
N GLU F 203 -44.87 -34.40 -34.58
CA GLU F 203 -46.12 -33.67 -34.73
C GLU F 203 -47.05 -34.57 -35.54
N ASP F 204 -47.98 -35.24 -34.86
CA ASP F 204 -48.73 -36.32 -35.50
C ASP F 204 -49.49 -35.84 -36.72
N ALA F 205 -50.10 -34.65 -36.63
CA ALA F 205 -50.92 -34.18 -37.75
C ALA F 205 -50.13 -34.10 -39.05
N ILE F 206 -48.82 -33.85 -38.99
CA ILE F 206 -48.02 -33.71 -40.21
C ILE F 206 -47.03 -34.86 -40.37
N ASN F 207 -47.37 -36.04 -39.83
CA ASN F 207 -46.55 -37.23 -40.03
C ASN F 207 -46.29 -37.49 -41.51
N TYR F 208 -47.34 -37.55 -42.33
CA TYR F 208 -47.13 -37.90 -43.74
C TYR F 208 -46.32 -36.86 -44.50
N PRO F 209 -46.59 -35.55 -44.42
CA PRO F 209 -45.71 -34.60 -45.13
C PRO F 209 -44.24 -34.70 -44.73
N ILE F 210 -43.95 -34.95 -43.45
CA ILE F 210 -42.56 -35.08 -43.05
C ILE F 210 -41.96 -36.37 -43.63
N LEU F 211 -42.71 -37.47 -43.57
CA LEU F 211 -42.21 -38.74 -44.13
C LEU F 211 -42.04 -38.65 -45.64
N SER F 212 -43.01 -38.04 -46.34
CA SER F 212 -42.95 -37.95 -47.80
C SER F 212 -41.81 -37.07 -48.29
N ASN F 213 -41.24 -36.21 -47.43
CA ASN F 213 -40.07 -35.43 -47.82
C ASN F 213 -38.76 -36.14 -47.50
N GLY F 214 -38.81 -37.37 -47.02
CA GLY F 214 -37.60 -38.10 -46.68
C GLY F 214 -37.38 -38.32 -45.20
N GLY F 215 -38.29 -37.85 -44.35
CA GLY F 215 -38.24 -38.25 -42.96
C GLY F 215 -38.33 -39.76 -42.82
N LYS F 216 -37.70 -40.29 -41.78
CA LYS F 216 -37.59 -41.73 -41.64
C LYS F 216 -38.30 -42.28 -40.41
N GLY F 217 -39.19 -41.49 -39.79
CA GLY F 217 -39.90 -42.01 -38.65
C GLY F 217 -40.75 -40.93 -37.99
N VAL F 218 -41.47 -41.38 -36.98
CA VAL F 218 -42.30 -40.53 -36.14
C VAL F 218 -42.03 -40.89 -34.69
N ILE F 219 -42.11 -39.90 -33.82
CA ILE F 219 -42.21 -40.12 -32.38
C ILE F 219 -43.57 -39.53 -31.99
N SER F 220 -44.55 -40.41 -31.80
CA SER F 220 -45.95 -40.08 -31.91
C SER F 220 -46.62 -40.03 -30.55
N VAL F 221 -47.62 -39.16 -30.45
CA VAL F 221 -48.53 -39.14 -29.30
C VAL F 221 -49.74 -40.03 -29.57
N THR F 222 -50.34 -39.85 -30.76
CA THR F 222 -51.51 -40.62 -31.15
C THR F 222 -51.26 -42.13 -31.07
N SER F 223 -50.03 -42.56 -31.36
CA SER F 223 -49.71 -43.98 -31.29
C SER F 223 -50.01 -44.61 -29.93
N ASN F 224 -50.04 -43.82 -28.84
CA ASN F 224 -50.48 -44.39 -27.57
C ASN F 224 -51.88 -45.01 -27.70
N LEU F 225 -52.78 -44.33 -28.41
CA LEU F 225 -54.15 -44.79 -28.59
C LEU F 225 -54.31 -45.69 -29.81
N LEU F 226 -53.69 -45.35 -30.94
CA LEU F 226 -53.87 -46.04 -32.21
C LEU F 226 -52.51 -46.49 -32.75
N PRO F 227 -51.84 -47.41 -32.05
CA PRO F 227 -50.49 -47.79 -32.49
C PRO F 227 -50.47 -48.46 -33.85
N ASP F 228 -51.48 -49.30 -34.13
CA ASP F 228 -51.55 -49.99 -35.41
C ASP F 228 -51.67 -49.00 -36.57
N MET F 229 -52.49 -47.95 -36.41
CA MET F 229 -52.69 -47.01 -37.50
C MET F 229 -51.43 -46.19 -37.74
N ILE F 230 -50.78 -45.73 -36.67
CA ILE F 230 -49.56 -44.93 -36.84
C ILE F 230 -48.43 -45.77 -37.43
N SER F 231 -48.28 -47.02 -36.96
CA SER F 231 -47.23 -47.86 -37.52
C SER F 231 -47.49 -48.16 -38.98
N ALA F 232 -48.75 -48.46 -39.35
CA ALA F 232 -49.08 -48.69 -40.74
C ALA F 232 -48.79 -47.45 -41.58
N LEU F 233 -49.23 -46.28 -41.11
CA LEU F 233 -48.90 -45.02 -41.80
C LEU F 233 -47.39 -44.92 -42.05
N THR F 234 -46.60 -45.13 -41.00
CA THR F 234 -45.16 -44.94 -41.12
C THR F 234 -44.53 -45.94 -42.10
N HIS F 235 -44.94 -47.20 -42.03
CA HIS F 235 -44.30 -48.23 -42.86
C HIS F 235 -44.71 -48.11 -44.32
N PHE F 236 -45.98 -47.74 -44.58
CA PHE F 236 -46.38 -47.43 -45.94
C PHE F 236 -45.47 -46.35 -46.53
N ALA F 237 -45.25 -45.28 -45.77
CA ALA F 237 -44.44 -44.17 -46.26
C ALA F 237 -42.99 -44.60 -46.50
N LEU F 238 -42.43 -45.38 -45.57
CA LEU F 238 -41.06 -45.84 -45.75
C LEU F 238 -40.94 -46.79 -46.94
N ASP F 239 -42.04 -47.46 -47.28
CA ASP F 239 -42.13 -48.30 -48.47
C ASP F 239 -42.48 -47.51 -49.73
N GLU F 240 -42.50 -46.18 -49.65
CA GLU F 240 -42.84 -45.29 -50.76
C GLU F 240 -44.26 -45.52 -51.27
N ASN F 241 -45.13 -46.10 -50.44
CA ASN F 241 -46.56 -46.16 -50.70
C ASN F 241 -47.24 -44.91 -50.15
N TYR F 242 -46.99 -43.79 -50.79
CA TYR F 242 -47.49 -42.53 -50.29
C TYR F 242 -48.98 -42.39 -50.29
N LYS F 243 -49.63 -43.00 -51.25
CA LYS F 243 -51.05 -42.96 -51.33
C LYS F 243 -51.65 -43.55 -50.06
N GLU F 244 -51.19 -44.70 -49.62
CA GLU F 244 -51.71 -45.30 -48.41
C GLU F 244 -51.32 -44.51 -47.17
N ALA F 245 -50.05 -44.10 -47.06
CA ALA F 245 -49.65 -43.29 -45.92
C ALA F 245 -50.52 -42.05 -45.80
N LYS F 246 -50.72 -41.33 -46.90
CA LYS F 246 -51.54 -40.12 -46.83
C LYS F 246 -52.98 -40.43 -46.45
N LYS F 247 -53.50 -41.56 -46.92
CA LYS F 247 -54.89 -41.89 -46.58
C LYS F 247 -55.06 -42.15 -45.09
N ILE F 248 -54.08 -42.74 -44.47
CA ILE F 248 -54.13 -42.88 -43.00
C ILE F 248 -53.90 -41.53 -42.30
N ASN F 249 -52.97 -40.73 -42.82
CA ASN F 249 -52.71 -39.40 -42.23
C ASN F 249 -53.96 -38.53 -42.26
N ASP F 250 -54.66 -38.50 -43.41
CA ASP F 250 -55.87 -37.69 -43.52
C ASP F 250 -56.93 -38.18 -42.55
N GLU F 251 -57.09 -39.49 -42.48
CA GLU F 251 -58.08 -40.14 -41.64
C GLU F 251 -57.83 -39.86 -40.16
N LEU F 252 -56.57 -39.73 -39.76
CA LEU F 252 -56.20 -39.45 -38.37
C LEU F 252 -56.22 -37.98 -38.01
N TYR F 253 -56.47 -37.07 -38.97
CA TYR F 253 -56.31 -35.66 -38.66
C TYR F 253 -57.16 -35.24 -37.46
N ASN F 254 -58.42 -35.68 -37.43
CA ASN F 254 -59.32 -35.22 -36.36
C ASN F 254 -58.81 -35.64 -34.98
N ILE F 255 -58.39 -36.90 -34.82
CA ILE F 255 -57.88 -37.32 -33.51
C ILE F 255 -56.52 -36.68 -33.23
N ASN F 256 -55.68 -36.54 -34.26
CA ASN F 256 -54.37 -35.91 -34.07
C ASN F 256 -54.53 -34.50 -33.49
N LYS F 257 -55.56 -33.77 -33.93
CA LYS F 257 -55.74 -32.40 -33.45
C LYS F 257 -56.38 -32.35 -32.07
N ILE F 258 -57.44 -33.12 -31.85
CA ILE F 258 -58.13 -33.07 -30.57
C ILE F 258 -57.20 -33.48 -29.44
N LEU F 259 -56.19 -34.30 -29.75
CA LEU F 259 -55.22 -34.70 -28.73
C LEU F 259 -54.35 -33.54 -28.28
N PHE F 260 -54.56 -32.35 -28.83
CA PHE F 260 -53.89 -31.16 -28.34
C PHE F 260 -54.88 -30.03 -28.04
N CYS F 261 -56.17 -30.34 -27.95
CA CYS F 261 -57.15 -29.42 -27.37
C CYS F 261 -56.62 -28.81 -26.07
N GLU F 262 -55.98 -29.60 -25.21
CA GLU F 262 -55.21 -29.09 -24.08
C GLU F 262 -53.78 -29.60 -24.17
N SER F 263 -52.93 -29.12 -23.27
CA SER F 263 -51.51 -29.42 -23.37
C SER F 263 -51.26 -30.92 -23.27
N ASN F 264 -50.58 -31.47 -24.28
CA ASN F 264 -50.17 -32.86 -24.22
C ASN F 264 -49.29 -33.05 -22.97
N PRO F 265 -49.50 -34.13 -22.20
CA PRO F 265 -50.40 -35.28 -22.42
C PRO F 265 -51.78 -35.26 -21.75
N ILE F 266 -52.38 -34.11 -21.45
CA ILE F 266 -53.72 -34.13 -20.85
C ILE F 266 -54.73 -34.80 -21.78
N PRO F 267 -54.81 -34.49 -23.08
CA PRO F 267 -55.80 -35.19 -23.91
C PRO F 267 -55.50 -36.68 -24.14
N ILE F 268 -54.24 -37.05 -24.39
CA ILE F 268 -53.96 -38.46 -24.72
C ILE F 268 -54.22 -39.36 -23.50
N LYS F 269 -53.87 -38.89 -22.30
CA LYS F 269 -54.18 -39.67 -21.11
C LYS F 269 -55.68 -39.77 -20.89
N THR F 270 -56.41 -38.69 -21.17
CA THR F 270 -57.86 -38.72 -21.10
C THR F 270 -58.44 -39.76 -22.06
N ALA F 271 -57.94 -39.79 -23.29
CA ALA F 271 -58.44 -40.76 -24.27
C ALA F 271 -58.12 -42.18 -23.86
N MET F 272 -56.89 -42.43 -23.37
CA MET F 272 -56.53 -43.75 -22.88
C MET F 272 -57.45 -44.17 -21.72
N TYR F 273 -57.77 -43.24 -20.83
CA TYR F 273 -58.68 -43.57 -19.74
C TYR F 273 -60.08 -43.87 -20.26
N LEU F 274 -60.56 -43.04 -21.19
CA LEU F 274 -61.87 -43.25 -21.80
C LEU F 274 -61.93 -44.59 -22.54
N ALA F 275 -60.82 -45.03 -23.11
CA ALA F 275 -60.76 -46.30 -23.81
C ALA F 275 -60.61 -47.50 -22.88
N GLY F 276 -60.46 -47.28 -21.58
CA GLY F 276 -60.22 -48.37 -20.66
C GLY F 276 -58.82 -48.94 -20.72
N LEU F 277 -57.87 -48.22 -21.32
CA LEU F 277 -56.50 -48.70 -21.44
C LEU F 277 -55.67 -48.36 -20.24
N ILE F 278 -56.09 -47.37 -19.47
CA ILE F 278 -55.46 -47.09 -18.21
C ILE F 278 -56.55 -47.00 -17.17
N GLU F 279 -56.08 -47.16 -15.95
CA GLU F 279 -56.92 -47.45 -14.82
C GLU F 279 -57.55 -46.21 -14.19
N SER F 280 -56.81 -45.11 -14.02
CA SER F 280 -57.45 -43.91 -13.48
C SER F 280 -56.83 -42.70 -14.16
N LEU F 281 -57.62 -41.64 -14.34
CA LEU F 281 -57.15 -40.43 -15.00
C LEU F 281 -56.39 -39.54 -14.01
N GLU F 282 -55.12 -39.88 -13.80
CA GLU F 282 -54.25 -39.20 -12.84
C GLU F 282 -53.08 -38.53 -13.54
N PHE F 283 -52.83 -37.27 -13.20
CA PHE F 283 -51.63 -36.54 -13.62
C PHE F 283 -50.84 -36.12 -12.37
N ARG F 284 -49.64 -35.61 -12.59
CA ARG F 284 -48.90 -34.93 -11.54
C ARG F 284 -48.96 -33.43 -11.78
N LEU F 285 -49.28 -32.68 -10.73
CA LEU F 285 -49.35 -31.24 -10.83
C LEU F 285 -48.01 -30.68 -11.30
N PRO F 286 -48.00 -29.63 -12.12
CA PRO F 286 -49.11 -28.75 -12.49
C PRO F 286 -50.03 -29.25 -13.58
N LEU F 287 -49.87 -30.47 -14.08
CA LEU F 287 -50.82 -31.02 -15.03
C LEU F 287 -52.04 -31.55 -14.28
N CYS F 288 -53.20 -31.52 -14.94
CA CYS F 288 -54.45 -31.89 -14.29
C CYS F 288 -55.43 -32.37 -15.36
N SER F 289 -56.56 -32.87 -14.89
CA SER F 289 -57.61 -33.32 -15.80
C SER F 289 -58.11 -32.19 -16.69
N PRO F 290 -58.55 -32.51 -17.91
CA PRO F 290 -59.07 -31.47 -18.80
C PRO F 290 -60.42 -30.97 -18.29
N SER F 291 -60.87 -29.85 -18.85
CA SER F 291 -62.23 -29.42 -18.60
C SER F 291 -63.22 -30.49 -19.10
N LYS F 292 -64.43 -30.50 -18.53
CA LYS F 292 -65.47 -31.45 -18.95
C LYS F 292 -65.79 -31.24 -20.42
N GLU F 293 -65.67 -29.99 -20.80
CA GLU F 293 -65.91 -29.53 -22.12
C GLU F 293 -64.97 -30.23 -23.09
N ASN F 294 -63.69 -30.24 -22.78
CA ASN F 294 -62.72 -30.87 -23.63
C ASN F 294 -62.79 -32.37 -23.46
N PHE F 295 -63.08 -32.80 -22.24
CA PHE F 295 -63.33 -34.21 -21.96
C PHE F 295 -64.40 -34.76 -22.90
N ALA F 296 -65.49 -34.02 -23.06
CA ALA F 296 -66.55 -34.46 -23.96
C ALA F 296 -66.09 -34.43 -25.41
N LYS F 297 -65.28 -33.43 -25.77
CA LYS F 297 -64.82 -33.32 -27.16
C LYS F 297 -63.92 -34.50 -27.52
N ILE F 298 -63.05 -34.90 -26.61
CA ILE F 298 -62.16 -36.03 -26.87
C ILE F 298 -62.97 -37.30 -27.06
N GLU F 299 -63.92 -37.55 -26.15
CA GLU F 299 -64.77 -38.73 -26.26
C GLU F 299 -65.56 -38.71 -27.56
N GLU F 300 -65.97 -37.52 -28.01
CA GLU F 300 -66.74 -37.41 -29.25
C GLU F 300 -65.92 -37.87 -30.43
N VAL F 301 -64.68 -37.38 -30.50
CA VAL F 301 -63.80 -37.67 -31.64
C VAL F 301 -63.36 -39.12 -31.62
N MET F 302 -63.20 -39.70 -30.43
CA MET F 302 -62.74 -41.08 -30.33
C MET F 302 -63.72 -42.05 -30.99
N LYS F 303 -65.01 -41.70 -31.05
CA LYS F 303 -66.02 -42.61 -31.59
C LYS F 303 -65.75 -42.98 -33.04
N LYS F 304 -65.04 -42.14 -33.78
CA LYS F 304 -64.82 -42.38 -35.20
C LYS F 304 -63.62 -43.29 -35.47
N TYR F 305 -62.93 -43.78 -34.43
CA TYR F 305 -61.74 -44.60 -34.63
C TYR F 305 -61.90 -45.92 -33.88
N LYS F 306 -61.28 -46.96 -34.43
CA LYS F 306 -61.27 -48.28 -33.82
C LYS F 306 -60.01 -48.41 -32.97
N ILE F 307 -60.20 -48.51 -31.65
CA ILE F 307 -59.11 -48.48 -30.69
C ILE F 307 -58.82 -49.91 -30.25
N LYS F 308 -57.65 -50.42 -30.62
CA LYS F 308 -57.25 -51.77 -30.24
C LYS F 308 -57.06 -51.88 -28.73
N GLY F 309 -57.45 -53.02 -28.18
CA GLY F 309 -57.29 -53.32 -26.77
C GLY F 309 -55.99 -54.01 -26.48
N PHE F 310 -56.01 -54.86 -25.45
CA PHE F 310 -54.85 -55.64 -25.05
C PHE F 310 -54.86 -57.02 -25.69
MG MG G . 55.45 31.95 15.83
MG MG H . 54.77 18.77 32.72
C1 EDO I . 37.38 9.67 26.76
O1 EDO I . 36.82 10.23 27.97
C2 EDO I . 36.89 8.24 26.58
O2 EDO I . 37.00 7.79 25.21
C1 EDO J . 43.56 31.35 15.57
O1 EDO J . 43.14 30.65 16.74
C2 EDO J . 43.59 32.84 15.89
O2 EDO J . 44.46 33.03 17.00
C1 EDO K . 43.26 16.42 -0.90
O1 EDO K . 44.25 15.82 -0.04
C2 EDO K . 43.95 17.28 -1.95
O2 EDO K . 44.89 16.48 -2.66
C1 EDO L . 36.22 4.97 40.42
O1 EDO L . 34.99 4.88 41.07
C2 EDO L . 36.26 4.05 39.24
O2 EDO L . 37.55 3.54 39.18
C1 PGE M . 22.09 23.70 33.52
O1 PGE M . 21.28 24.49 34.38
C2 PGE M . 21.27 23.08 32.41
O2 PGE M . 20.90 24.07 31.46
C3 PGE M . 21.36 23.85 30.15
C4 PGE M . 20.50 24.62 29.14
O4 PGE M . 19.02 28.51 30.71
C6 PGE M . 18.84 27.12 30.44
C5 PGE M . 19.47 26.76 29.10
O3 PGE M . 20.66 26.02 29.30
C ACT N . 36.24 9.88 16.50
O ACT N . 36.67 8.69 16.57
OXT ACT N . 35.07 10.29 16.26
CH3 ACT N . 37.33 10.99 16.72
C1 PEG O . 31.42 36.07 27.65
O1 PEG O . 32.67 36.70 27.58
C2 PEG O . 30.32 36.98 27.10
O2 PEG O . 30.72 37.53 25.86
C3 PEG O . 29.65 37.75 24.98
C4 PEG O . 30.06 38.75 23.90
O4 PEG O . 30.95 38.15 23.00
C1 PEG P . 26.26 8.42 39.65
O1 PEG P . 26.92 7.38 38.99
C2 PEG P . 26.33 8.21 41.16
O2 PEG P . 25.37 9.03 41.78
C3 PEG P . 24.11 8.43 41.86
C4 PEG P . 23.06 9.48 42.21
O4 PEG P . 23.25 10.59 41.37
MG MG Q . 35.15 13.49 -2.97
MG MG R . 35.18 41.39 -5.38
C1 EDO S . 26.83 37.23 19.45
O1 EDO S . 26.31 38.29 20.26
C2 EDO S . 25.74 36.68 18.52
O2 EDO S . 25.06 37.76 17.87
C1 EDO T . 20.40 14.83 0.17
O1 EDO T . 20.44 13.41 0.33
C2 EDO T . 18.99 15.34 0.42
O2 EDO T . 18.66 15.30 1.82
C1 EDO U . 40.22 35.17 1.59
O1 EDO U . 41.06 35.48 0.47
C2 EDO U . 38.82 34.84 1.09
O2 EDO U . 38.94 33.96 -0.04
C1 PGE V . 32.07 12.66 -16.92
O1 PGE V . 32.94 11.59 -16.58
C2 PGE V . 30.64 12.15 -16.95
O2 PGE V . 30.22 11.86 -15.63
C3 PGE V . 29.08 12.59 -15.22
C4 PGE V . 28.63 12.09 -13.86
O4 PGE V . 30.44 11.60 -9.49
C6 PGE V . 30.61 12.21 -10.77
C5 PGE V . 29.36 11.99 -11.59
O3 PGE V . 29.55 12.56 -12.88
C1 PEG W . 41.54 32.71 -6.74
O1 PEG W . 42.09 32.73 -5.45
C2 PEG W . 40.37 33.68 -6.84
O2 PEG W . 40.50 34.52 -7.95
C3 PEG W . 39.67 35.65 -7.92
C4 PEG W . 40.03 36.50 -6.71
O4 PEG W . 38.96 37.34 -6.39
MG MG X . -0.19 13.35 18.45
C1 EDO Y . -11.78 3.57 -5.47
O1 EDO Y . -10.75 2.71 -5.97
C2 EDO Y . -12.31 3.08 -4.13
O2 EDO Y . -13.18 4.07 -3.56
C1 EDO Z . 12.18 -11.41 -0.31
O1 EDO Z . 11.63 -10.83 -1.50
C2 EDO Z . 11.43 -12.68 0.06
O2 EDO Z . 12.19 -13.83 -0.32
C1 EDO AA . -15.85 14.04 -19.32
O1 EDO AA . -15.70 14.41 -17.97
C2 EDO AA . -16.02 12.54 -19.44
O2 EDO AA . -16.22 12.26 -20.82
C1 PGE BA . -2.34 21.73 15.43
O1 PGE BA . -2.25 21.96 16.83
C2 PGE BA . -1.14 22.30 14.70
O2 PGE BA . -1.44 22.44 13.33
C3 PGE BA . -1.68 23.78 12.95
C4 PGE BA . -2.39 23.84 11.63
O4 PGE BA . -5.99 25.94 12.77
C6 PGE BA . -4.88 26.39 12.00
C5 PGE BA . -4.29 25.20 11.27
O3 PGE BA . -2.90 25.15 11.47
C ACT CA . 8.41 8.26 -4.12
O ACT CA . 8.75 8.20 -5.33
OXT ACT CA . 9.07 8.72 -3.15
CH3 ACT CA . 7.01 7.71 -3.80
C ACT DA . -15.98 13.13 8.96
O ACT DA . -15.31 12.16 8.53
OXT ACT DA . -15.58 14.11 9.65
CH3 ACT DA . -17.50 13.11 8.57
C ACT EA . -7.96 -2.79 6.70
O ACT EA . -6.96 -3.21 6.08
OXT ACT EA . -8.13 -1.65 7.21
CH3 ACT EA . -9.17 -3.78 6.86
C1 PEG FA . 24.19 5.46 -10.07
O1 PEG FA . 24.79 4.50 -9.23
C2 PEG FA . 22.97 6.08 -9.40
O2 PEG FA . 23.27 6.76 -8.22
C3 PEG FA . 22.31 7.71 -7.87
C4 PEG FA . 22.99 9.04 -7.50
O4 PEG FA . 24.11 9.24 -8.34
C1 PEG GA . 0.45 16.16 -6.68
C2 PEG GA . 0.58 14.68 -6.97
O2 PEG GA . 1.84 14.48 -7.54
C3 PEG GA . 2.29 15.53 -8.37
C4 PEG GA . 3.79 15.66 -8.17
O4 PEG GA . 4.38 14.39 -8.32
C1 EDO HA . 23.58 5.00 13.76
O1 EDO HA . 22.44 5.86 13.86
C2 EDO HA . 23.56 4.27 12.43
O2 EDO HA . 24.71 4.65 11.68
C1 PGE IA . -3.25 -14.83 27.24
O1 PGE IA . -1.83 -14.89 27.32
C2 PGE IA . -3.84 -13.44 27.38
O2 PGE IA . -5.10 -13.31 26.73
C3 PGE IA . -5.20 -12.17 25.89
C4 PGE IA . -6.58 -11.57 25.83
O4 PGE IA . -9.85 -10.76 29.09
C6 PGE IA . -8.75 -10.21 28.38
C5 PGE IA . -7.92 -11.31 27.74
O3 PGE IA . -6.90 -10.77 26.94
C1 PGE JA . 26.96 -9.98 3.76
O1 PGE JA . 26.71 -11.28 3.21
C2 PGE JA . 26.75 -10.04 5.25
O2 PGE JA . 27.10 -8.83 5.86
C3 PGE JA . 28.27 -8.91 6.66
C4 PGE JA . 28.08 -9.91 7.77
O4 PGE JA . 30.65 -13.39 8.19
C6 PGE JA . 30.81 -12.01 8.52
C5 PGE JA . 29.47 -11.44 8.93
O3 PGE JA . 29.32 -10.12 8.44
C ACT KA . 1.17 -13.21 10.09
O ACT KA . 1.53 -14.18 9.35
OXT ACT KA . 1.75 -12.74 11.12
CH3 ACT KA . -0.18 -12.50 9.70
C ACT LA . 14.78 7.38 24.63
O ACT LA . 14.68 6.16 24.90
OXT ACT LA . 14.21 8.35 25.19
CH3 ACT LA . 15.73 7.73 23.42
C1 PEG MA . 7.44 -20.13 17.07
O1 PEG MA . 8.01 -21.27 17.67
C2 PEG MA . 6.63 -19.39 18.11
O2 PEG MA . 5.43 -18.95 17.55
C3 PEG MA . 4.34 -18.94 18.44
C4 PEG MA . 3.55 -17.65 18.26
O4 PEG MA . 2.32 -17.72 18.90
C1 EDO NA . -41.60 -19.50 -25.99
O1 EDO NA . -41.52 -18.41 -26.90
C2 EDO NA . -43.04 -19.96 -25.87
O2 EDO NA . -43.52 -20.36 -27.15
C1 EDO OA . -49.45 5.81 -9.78
O1 EDO OA . -50.07 5.14 -8.68
C2 EDO OA . -50.42 6.76 -10.47
O2 EDO OA . -51.00 7.66 -9.52
C1 EDO PA . -29.85 7.48 -24.33
O1 EDO PA . -30.30 8.79 -24.02
C2 EDO PA . -30.93 6.50 -23.90
O2 EDO PA . -30.34 5.43 -23.17
C1 PGE QA . -61.94 -21.66 -9.02
O1 PGE QA . -62.74 -20.50 -8.94
C2 PGE QA . -60.50 -21.28 -9.34
O2 PGE QA . -60.07 -21.92 -10.52
C3 PGE QA . -58.85 -21.40 -11.03
C4 PGE QA . -58.89 -21.37 -12.54
O4 PGE QA . -60.43 -17.74 -14.51
C6 PGE QA . -59.09 -18.21 -14.39
C5 PGE QA . -59.09 -19.72 -14.25
O3 PGE QA . -58.57 -20.06 -12.97
C ACT RA . -35.53 -12.38 -18.16
O ACT RA . -34.42 -12.98 -18.27
OXT ACT RA . -35.90 -11.58 -17.25
CH3 ACT RA . -36.56 -12.65 -19.30
C ACT SA . -11.49 -6.18 -17.11
O ACT SA . -11.27 -7.40 -17.38
OXT ACT SA . -11.48 -5.61 -15.98
CH3 ACT SA . -11.83 -5.27 -18.36
C ACT TA . -12.33 -1.20 -2.15
O ACT TA . -11.49 -2.10 -2.41
OXT ACT TA . -13.03 -1.04 -1.11
CH3 ACT TA . -12.55 -0.18 -3.29
C ACT UA . -18.80 8.54 -17.36
O ACT UA . -19.02 7.33 -17.08
OXT ACT UA . -19.62 9.41 -17.78
CH3 ACT UA . -17.32 9.00 -17.13
MG MG VA . -37.89 -49.57 -40.41
C1 EDO WA . -18.67 -38.51 -36.93
O1 EDO WA . -18.07 -37.30 -37.40
C2 EDO WA . -19.63 -39.09 -37.97
O2 EDO WA . -20.35 -38.01 -38.56
C1 EDO XA . -46.64 -51.95 -44.30
O1 EDO XA . -46.30 -51.69 -45.66
C2 EDO XA . -47.94 -51.22 -43.96
O2 EDO XA . -48.76 -52.08 -43.18
C1 PEG YA . -20.05 -23.54 -34.45
O1 PEG YA . -19.10 -24.58 -34.47
C2 PEG YA . -21.30 -24.00 -33.71
O2 PEG YA . -22.29 -23.01 -33.83
C3 PEG YA . -23.34 -23.35 -34.69
C4 PEG YA . -23.86 -22.09 -35.36
O4 PEG YA . -24.98 -22.38 -36.15
C1 PEG ZA . -40.71 -19.86 -30.11
O1 PEG ZA . -39.87 -19.78 -28.99
C2 PEG ZA . -39.80 -19.81 -31.34
O2 PEG ZA . -38.49 -19.64 -30.88
C3 PEG ZA . -37.68 -18.96 -31.79
C4 PEG ZA . -36.26 -18.90 -31.22
O4 PEG ZA . -36.18 -17.87 -30.28
C1 PEG AB . -45.49 -49.42 -6.44
O1 PEG AB . -45.69 -48.42 -5.48
C2 PEG AB . -46.43 -49.20 -7.61
O2 PEG AB . -46.20 -50.17 -8.59
C3 PEG AB . -47.28 -50.39 -9.45
C4 PEG AB . -47.15 -51.76 -10.11
O4 PEG AB . -48.36 -52.13 -10.69
#